data_1YEL
#
_entry.id   1YEL
#
_cell.length_a   1.000
_cell.length_b   1.000
_cell.length_c   1.000
_cell.angle_alpha   90.00
_cell.angle_beta   90.00
_cell.angle_gamma   90.00
#
_symmetry.space_group_name_H-M   'P 1'
#
_entity_poly.entity_id   1
_entity_poly.type   'polypeptide(L)'
_entity_poly.pdbx_seq_one_letter_code
;GSMADTGEVQFMKPFISEKSSKSLEIPLGFNEYFPAPFPITVDLLDYSGRSWTVRMKKRGEKVFLTVGWENFVKDNNLED
GKYLQFIYDRDRTFYVIIYGHNMC
;
_entity_poly.pdbx_strand_id   A
#
# COMPACT_ATOMS: atom_id res chain seq x y z
N MET A 3 -9.78 2.78 -27.55
CA MET A 3 -8.84 2.30 -26.54
C MET A 3 -9.38 2.57 -25.15
N ALA A 4 -9.94 1.57 -24.54
CA ALA A 4 -10.48 1.71 -23.21
C ALA A 4 -9.65 0.93 -22.21
N ASP A 5 -8.85 1.65 -21.48
CA ASP A 5 -8.02 1.08 -20.44
C ASP A 5 -7.71 2.15 -19.44
N THR A 6 -8.35 2.08 -18.30
CA THR A 6 -8.19 3.09 -17.29
C THR A 6 -6.83 2.97 -16.64
N GLY A 7 -6.46 1.78 -16.33
CA GLY A 7 -5.23 1.55 -15.71
C GLY A 7 -5.34 0.50 -14.67
N GLU A 8 -4.42 -0.39 -14.68
CA GLU A 8 -4.35 -1.41 -13.70
C GLU A 8 -2.94 -1.87 -13.60
N VAL A 9 -2.23 -1.36 -12.66
CA VAL A 9 -0.93 -1.83 -12.41
C VAL A 9 -0.95 -2.61 -11.14
N GLN A 10 -0.26 -3.69 -11.10
CA GLN A 10 -0.26 -4.50 -9.96
C GLN A 10 1.16 -4.68 -9.51
N PHE A 11 1.37 -4.73 -8.24
CA PHE A 11 2.71 -4.87 -7.70
C PHE A 11 2.67 -5.65 -6.40
N MET A 12 3.74 -6.34 -6.09
CA MET A 12 3.83 -7.11 -4.84
C MET A 12 5.01 -6.60 -4.03
N LYS A 13 4.85 -6.55 -2.75
CA LYS A 13 5.89 -6.03 -1.89
C LYS A 13 6.06 -6.93 -0.65
N PRO A 14 7.31 -7.35 -0.34
CA PRO A 14 7.61 -8.02 0.91
C PRO A 14 7.73 -6.98 2.03
N PHE A 15 7.13 -7.22 3.15
CA PHE A 15 7.14 -6.25 4.21
C PHE A 15 8.08 -6.51 5.32
N ILE A 16 8.72 -5.45 5.78
CA ILE A 16 9.60 -5.48 6.88
C ILE A 16 8.82 -4.84 8.01
N SER A 17 8.44 -5.64 9.00
CA SER A 17 7.57 -5.21 10.09
C SER A 17 8.18 -4.01 10.84
N GLU A 18 9.49 -3.97 10.85
CA GLU A 18 10.27 -2.94 11.51
C GLU A 18 9.95 -1.56 10.94
N LYS A 19 9.68 -1.49 9.65
CA LYS A 19 9.33 -0.22 9.05
C LYS A 19 7.84 -0.11 8.80
N SER A 20 7.21 -1.26 8.56
CA SER A 20 5.79 -1.32 8.29
C SER A 20 4.99 -1.00 9.56
N SER A 21 5.66 -0.96 10.68
CA SER A 21 5.07 -0.62 11.94
C SER A 21 4.49 0.81 11.92
N LYS A 22 5.09 1.70 11.12
CA LYS A 22 4.65 3.09 11.02
C LYS A 22 4.59 3.63 9.60
N SER A 23 5.10 2.90 8.62
CA SER A 23 5.07 3.41 7.26
C SER A 23 5.18 2.30 6.20
N LEU A 24 4.50 2.52 5.11
CA LEU A 24 4.56 1.62 3.97
C LEU A 24 5.52 2.26 2.98
N GLU A 25 6.59 1.56 2.68
CA GLU A 25 7.57 2.05 1.75
C GLU A 25 7.24 1.64 0.32
N ILE A 26 7.11 2.62 -0.55
CA ILE A 26 6.87 2.35 -1.95
C ILE A 26 8.22 2.38 -2.68
N PRO A 27 8.56 1.29 -3.39
CA PRO A 27 9.83 1.18 -4.18
C PRO A 27 10.04 2.39 -5.09
N LEU A 28 11.25 2.92 -5.08
CA LEU A 28 11.59 4.15 -5.79
C LEU A 28 11.33 4.01 -7.30
N GLY A 29 11.69 2.88 -7.88
CA GLY A 29 11.50 2.66 -9.30
C GLY A 29 10.03 2.64 -9.72
N PHE A 30 9.18 2.17 -8.82
CA PHE A 30 7.75 2.12 -9.08
C PHE A 30 7.15 3.49 -8.76
N ASN A 31 7.69 4.13 -7.75
CA ASN A 31 7.34 5.50 -7.35
C ASN A 31 7.62 6.49 -8.50
N GLU A 32 8.77 6.32 -9.13
CA GLU A 32 9.19 7.14 -10.27
C GLU A 32 8.23 6.99 -11.45
N TYR A 33 7.53 5.90 -11.45
CA TYR A 33 6.60 5.55 -12.49
C TYR A 33 5.31 6.36 -12.40
N PHE A 34 4.94 6.81 -11.21
CA PHE A 34 3.71 7.58 -11.08
C PHE A 34 3.87 8.84 -10.22
N PRO A 35 4.14 10.00 -10.86
CA PRO A 35 4.13 11.25 -10.17
C PRO A 35 2.70 11.76 -10.04
N ALA A 36 2.38 12.25 -8.89
CA ALA A 36 1.05 12.71 -8.58
C ALA A 36 1.11 13.79 -7.54
N PRO A 37 0.12 14.71 -7.50
CA PRO A 37 0.03 15.70 -6.43
C PRO A 37 -0.16 15.00 -5.08
N PHE A 38 0.24 15.62 -4.01
CA PHE A 38 0.19 15.00 -2.73
C PHE A 38 -1.27 14.80 -2.28
N PRO A 39 -1.62 13.57 -1.92
CA PRO A 39 -2.92 13.28 -1.41
C PRO A 39 -2.97 13.46 0.11
N ILE A 40 -4.14 13.60 0.63
CA ILE A 40 -4.32 13.73 2.03
C ILE A 40 -4.37 12.33 2.63
N THR A 41 -5.34 11.57 2.18
CA THR A 41 -5.54 10.23 2.62
C THR A 41 -5.80 9.31 1.42
N VAL A 42 -5.44 8.06 1.57
CA VAL A 42 -5.59 7.03 0.56
C VAL A 42 -6.30 5.84 1.20
N ASP A 43 -7.08 5.12 0.45
CA ASP A 43 -7.80 4.00 1.01
C ASP A 43 -7.27 2.70 0.51
N LEU A 44 -7.13 1.78 1.43
CA LEU A 44 -6.66 0.46 1.13
C LEU A 44 -7.84 -0.46 1.25
N LEU A 45 -8.13 -1.16 0.20
CA LEU A 45 -9.26 -2.05 0.18
C LEU A 45 -8.79 -3.47 0.39
N ASP A 46 -9.51 -4.20 1.20
CA ASP A 46 -9.23 -5.59 1.47
C ASP A 46 -10.31 -6.47 0.92
N TYR A 47 -9.89 -7.56 0.36
CA TYR A 47 -10.75 -8.51 -0.32
C TYR A 47 -11.86 -9.11 0.56
N SER A 48 -11.70 -9.07 1.87
CA SER A 48 -12.69 -9.63 2.75
C SER A 48 -13.80 -8.60 3.05
N GLY A 49 -13.55 -7.32 2.71
CA GLY A 49 -14.58 -6.31 2.89
C GLY A 49 -14.15 -5.10 3.71
N ARG A 50 -12.98 -5.17 4.32
CA ARG A 50 -12.51 -4.06 5.15
C ARG A 50 -11.75 -3.04 4.33
N SER A 51 -11.67 -1.82 4.82
CA SER A 51 -10.92 -0.79 4.17
C SER A 51 -10.23 0.10 5.21
N TRP A 52 -8.99 0.42 4.97
CA TRP A 52 -8.23 1.28 5.87
C TRP A 52 -7.89 2.57 5.18
N THR A 53 -8.22 3.66 5.81
CA THR A 53 -7.85 4.96 5.31
C THR A 53 -6.48 5.31 5.89
N VAL A 54 -5.51 5.42 5.03
CA VAL A 54 -4.15 5.69 5.42
C VAL A 54 -3.73 7.07 4.95
N ARG A 55 -2.77 7.65 5.59
CA ARG A 55 -2.32 8.95 5.22
C ARG A 55 -1.02 8.79 4.43
N MET A 56 -1.03 9.27 3.20
CA MET A 56 0.06 9.06 2.25
C MET A 56 0.58 10.39 1.75
N LYS A 57 1.89 10.53 1.68
CA LYS A 57 2.52 11.76 1.23
C LYS A 57 3.61 11.50 0.23
N LYS A 58 3.68 12.36 -0.77
CA LYS A 58 4.75 12.34 -1.70
C LYS A 58 5.63 13.48 -1.37
N ARG A 59 6.70 13.16 -0.85
CA ARG A 59 7.63 14.09 -0.30
C ARG A 59 8.84 14.16 -1.19
N GLY A 60 8.88 15.17 -2.01
CA GLY A 60 9.96 15.33 -2.92
C GLY A 60 9.92 14.29 -4.00
N GLU A 61 10.91 13.45 -4.05
CA GLU A 61 10.99 12.44 -5.07
C GLU A 61 10.31 11.16 -4.59
N LYS A 62 10.17 11.02 -3.29
CA LYS A 62 9.77 9.75 -2.70
C LYS A 62 8.39 9.82 -2.07
N VAL A 63 7.82 8.66 -1.76
CA VAL A 63 6.49 8.59 -1.18
C VAL A 63 6.48 7.61 -0.02
N PHE A 64 5.68 7.90 0.98
CA PHE A 64 5.48 7.02 2.09
C PHE A 64 4.03 7.05 2.52
N LEU A 65 3.48 5.90 2.80
CA LEU A 65 2.16 5.85 3.43
C LEU A 65 2.45 5.68 4.90
N THR A 66 2.29 6.72 5.64
CA THR A 66 2.76 6.72 7.01
C THR A 66 1.69 6.34 8.05
N VAL A 67 1.11 7.34 8.67
CA VAL A 67 0.18 7.12 9.74
C VAL A 67 -1.15 6.63 9.19
N GLY A 68 -1.68 5.63 9.82
CA GLY A 68 -2.88 5.02 9.33
C GLY A 68 -2.59 3.67 8.80
N TRP A 69 -1.43 3.55 8.15
CA TRP A 69 -0.95 2.27 7.67
C TRP A 69 -0.71 1.35 8.83
N GLU A 70 -0.47 1.95 9.97
CA GLU A 70 -0.21 1.18 11.16
C GLU A 70 -1.48 0.45 11.60
N ASN A 71 -2.63 1.00 11.26
CA ASN A 71 -3.91 0.38 11.57
C ASN A 71 -4.07 -0.87 10.76
N PHE A 72 -3.51 -0.87 9.59
CA PHE A 72 -3.57 -1.99 8.69
C PHE A 72 -2.64 -3.07 9.20
N VAL A 73 -1.39 -2.69 9.47
CA VAL A 73 -0.38 -3.65 9.91
C VAL A 73 -0.81 -4.31 11.21
N LYS A 74 -1.25 -3.50 12.14
CA LYS A 74 -1.70 -3.98 13.43
C LYS A 74 -3.03 -4.72 13.39
N ASP A 75 -4.01 -4.20 12.64
CA ASP A 75 -5.34 -4.84 12.66
C ASP A 75 -5.38 -6.09 11.82
N ASN A 76 -4.74 -6.05 10.69
CA ASN A 76 -4.75 -7.20 9.79
C ASN A 76 -3.64 -8.17 10.21
N ASN A 77 -2.70 -7.64 10.98
CA ASN A 77 -1.52 -8.35 11.51
C ASN A 77 -0.63 -8.90 10.40
N LEU A 78 0.32 -8.12 10.00
CA LEU A 78 1.29 -8.58 9.05
C LEU A 78 2.66 -8.33 9.62
N GLU A 79 3.59 -9.14 9.24
CA GLU A 79 4.93 -9.08 9.76
C GLU A 79 5.88 -9.41 8.66
N ASP A 80 7.16 -9.26 8.94
CA ASP A 80 8.21 -9.66 7.97
C ASP A 80 7.95 -11.12 7.58
N GLY A 81 7.75 -11.34 6.31
CA GLY A 81 7.42 -12.66 5.84
C GLY A 81 6.10 -12.64 5.10
N LYS A 82 5.26 -11.66 5.42
CA LYS A 82 4.00 -11.45 4.71
C LYS A 82 4.26 -10.70 3.41
N TYR A 83 3.46 -10.98 2.41
CA TYR A 83 3.62 -10.34 1.12
C TYR A 83 2.30 -9.76 0.74
N LEU A 84 2.31 -8.59 0.16
CA LEU A 84 1.08 -7.97 -0.23
C LEU A 84 1.03 -7.73 -1.71
N GLN A 85 -0.15 -7.82 -2.26
CA GLN A 85 -0.39 -7.51 -3.65
C GLN A 85 -1.18 -6.25 -3.70
N PHE A 86 -0.68 -5.29 -4.41
CA PHE A 86 -1.34 -4.04 -4.56
C PHE A 86 -1.81 -3.87 -5.99
N ILE A 87 -3.09 -3.78 -6.15
CA ILE A 87 -3.66 -3.51 -7.43
C ILE A 87 -4.07 -2.06 -7.45
N TYR A 88 -3.57 -1.31 -8.38
CA TYR A 88 -3.87 0.10 -8.49
C TYR A 88 -4.75 0.35 -9.71
N ASP A 89 -5.68 1.29 -9.61
CA ASP A 89 -6.44 1.67 -10.79
C ASP A 89 -5.72 2.78 -11.53
N ARG A 90 -6.13 4.00 -11.28
CA ARG A 90 -5.53 5.16 -11.89
C ARG A 90 -5.77 6.33 -10.94
N ASP A 91 -6.03 6.00 -9.69
CA ASP A 91 -6.38 6.98 -8.69
C ASP A 91 -5.76 6.54 -7.36
N ARG A 92 -6.33 6.96 -6.27
CA ARG A 92 -5.83 6.72 -4.94
C ARG A 92 -6.52 5.48 -4.36
N THR A 93 -6.91 4.58 -5.22
CA THR A 93 -7.52 3.35 -4.80
C THR A 93 -6.50 2.20 -4.86
N PHE A 94 -6.20 1.63 -3.70
CA PHE A 94 -5.24 0.54 -3.58
C PHE A 94 -5.95 -0.69 -3.08
N TYR A 95 -5.89 -1.76 -3.83
CA TYR A 95 -6.53 -3.01 -3.44
C TYR A 95 -5.45 -3.96 -2.98
N VAL A 96 -5.53 -4.39 -1.75
CA VAL A 96 -4.49 -5.20 -1.17
C VAL A 96 -4.93 -6.65 -0.93
N ILE A 97 -4.08 -7.58 -1.30
CA ILE A 97 -4.26 -8.99 -0.98
C ILE A 97 -3.09 -9.41 -0.08
N ILE A 98 -3.40 -10.08 1.02
CA ILE A 98 -2.41 -10.43 2.03
C ILE A 98 -2.07 -11.91 1.97
N TYR A 99 -0.80 -12.21 1.89
CA TYR A 99 -0.32 -13.57 2.02
C TYR A 99 0.25 -13.72 3.40
N GLY A 100 -0.31 -14.62 4.18
CA GLY A 100 0.19 -14.84 5.52
C GLY A 100 1.54 -15.52 5.49
N HIS A 101 1.52 -16.85 5.39
CA HIS A 101 2.72 -17.70 5.29
C HIS A 101 2.28 -19.13 5.43
N ASN A 102 1.38 -19.32 6.37
CA ASN A 102 0.83 -20.62 6.74
C ASN A 102 -0.20 -20.33 7.79
N MET A 103 0.10 -19.31 8.55
CA MET A 103 -0.77 -18.77 9.54
C MET A 103 -0.73 -17.26 9.38
N CYS A 104 -1.76 -16.59 9.80
CA CYS A 104 -1.78 -15.16 9.77
C CYS A 104 -1.08 -14.62 11.01
N MET A 3 -13.62 -0.44 -26.80
CA MET A 3 -13.64 -1.27 -25.60
C MET A 3 -13.08 -0.45 -24.46
N ALA A 4 -13.64 -0.61 -23.27
CA ALA A 4 -13.19 0.13 -22.10
C ALA A 4 -11.75 -0.25 -21.76
N ASP A 5 -10.93 0.74 -21.53
CA ASP A 5 -9.54 0.52 -21.22
C ASP A 5 -9.24 1.04 -19.83
N THR A 6 -8.99 0.13 -18.92
CA THR A 6 -8.70 0.46 -17.58
C THR A 6 -7.28 1.02 -17.45
N GLY A 7 -6.31 0.15 -17.56
CA GLY A 7 -4.94 0.55 -17.47
C GLY A 7 -4.45 0.52 -16.05
N GLU A 8 -4.68 -0.57 -15.44
CA GLU A 8 -4.29 -0.81 -14.08
C GLU A 8 -2.91 -1.42 -14.04
N VAL A 9 -2.20 -1.20 -12.95
CA VAL A 9 -0.87 -1.76 -12.79
C VAL A 9 -0.77 -2.46 -11.45
N GLN A 10 0.14 -3.37 -11.33
CA GLN A 10 0.34 -4.08 -10.11
C GLN A 10 1.81 -4.08 -9.73
N PHE A 11 2.07 -4.06 -8.45
CA PHE A 11 3.43 -4.03 -7.95
C PHE A 11 3.52 -4.90 -6.70
N MET A 12 4.68 -5.50 -6.48
CA MET A 12 4.92 -6.32 -5.31
C MET A 12 5.97 -5.67 -4.45
N LYS A 13 5.76 -5.66 -3.16
CA LYS A 13 6.72 -5.06 -2.28
C LYS A 13 6.86 -5.87 -1.00
N PRO A 14 8.09 -6.19 -0.59
CA PRO A 14 8.35 -6.88 0.66
C PRO A 14 7.96 -6.01 1.86
N PHE A 15 7.53 -6.64 2.91
CA PHE A 15 7.18 -5.94 4.11
C PHE A 15 8.38 -5.98 5.07
N ILE A 16 8.93 -4.81 5.41
CA ILE A 16 9.99 -4.77 6.37
C ILE A 16 9.33 -4.43 7.67
N SER A 17 9.23 -5.41 8.56
CA SER A 17 8.47 -5.26 9.79
C SER A 17 8.93 -4.06 10.58
N GLU A 18 10.24 -3.84 10.58
CA GLU A 18 10.85 -2.77 11.31
C GLU A 18 10.34 -1.43 10.82
N LYS A 19 10.24 -1.26 9.51
CA LYS A 19 9.89 0.04 8.98
C LYS A 19 8.40 0.16 8.93
N SER A 20 7.78 -0.91 8.54
CA SER A 20 6.38 -0.94 8.34
C SER A 20 5.61 -1.19 9.64
N SER A 21 6.31 -1.10 10.79
CA SER A 21 5.62 -1.08 12.08
C SER A 21 4.75 0.18 12.13
N LYS A 22 5.25 1.24 11.49
CA LYS A 22 4.57 2.52 11.50
C LYS A 22 4.23 3.02 10.09
N SER A 23 5.14 2.86 9.15
CA SER A 23 4.91 3.39 7.82
C SER A 23 5.51 2.50 6.73
N LEU A 24 4.94 2.53 5.54
CA LEU A 24 5.49 1.78 4.43
C LEU A 24 6.52 2.57 3.70
N GLU A 25 7.61 1.93 3.46
CA GLU A 25 8.63 2.45 2.64
C GLU A 25 8.47 1.90 1.24
N ILE A 26 8.23 2.79 0.30
CA ILE A 26 8.04 2.41 -1.08
C ILE A 26 9.37 2.62 -1.85
N PRO A 27 9.79 1.61 -2.67
CA PRO A 27 11.01 1.71 -3.50
C PRO A 27 10.95 2.92 -4.45
N LEU A 28 12.11 3.57 -4.64
CA LEU A 28 12.24 4.81 -5.41
C LEU A 28 11.66 4.68 -6.82
N GLY A 29 11.87 3.53 -7.44
CA GLY A 29 11.36 3.29 -8.79
C GLY A 29 9.84 3.42 -8.88
N PHE A 30 9.14 3.01 -7.85
CA PHE A 30 7.70 3.08 -7.85
C PHE A 30 7.25 4.44 -7.32
N ASN A 31 8.11 5.07 -6.51
CA ASN A 31 7.84 6.43 -5.98
C ASN A 31 7.74 7.42 -7.11
N GLU A 32 8.71 7.32 -7.99
CA GLU A 32 8.83 8.20 -9.14
C GLU A 32 7.76 7.87 -10.20
N TYR A 33 7.10 6.74 -10.02
CA TYR A 33 6.14 6.24 -10.99
C TYR A 33 4.80 6.99 -10.95
N PHE A 34 4.41 7.53 -9.80
CA PHE A 34 3.09 8.15 -9.77
C PHE A 34 3.03 9.57 -9.15
N PRO A 35 3.62 10.59 -9.82
CA PRO A 35 3.42 11.99 -9.44
C PRO A 35 1.95 12.34 -9.45
N ALA A 36 1.58 13.02 -8.43
CA ALA A 36 0.20 13.36 -8.20
C ALA A 36 0.16 14.63 -7.39
N PRO A 37 -0.97 15.36 -7.37
CA PRO A 37 -1.16 16.44 -6.40
C PRO A 37 -0.98 15.82 -5.01
N PHE A 38 -0.48 16.57 -4.04
CA PHE A 38 -0.13 15.99 -2.80
C PHE A 38 -1.38 15.50 -2.03
N PRO A 39 -1.42 14.21 -1.73
CA PRO A 39 -2.51 13.59 -1.03
C PRO A 39 -2.26 13.46 0.46
N ILE A 40 -3.31 13.28 1.20
CA ILE A 40 -3.20 13.03 2.60
C ILE A 40 -3.54 11.57 2.88
N THR A 41 -4.54 11.05 2.17
CA THR A 41 -4.97 9.68 2.37
C THR A 41 -4.93 8.88 1.08
N VAL A 42 -4.91 7.58 1.24
CA VAL A 42 -4.99 6.62 0.17
C VAL A 42 -5.76 5.43 0.73
N ASP A 43 -6.60 4.81 -0.06
CA ASP A 43 -7.45 3.78 0.49
C ASP A 43 -7.05 2.40 -0.03
N LEU A 44 -6.93 1.47 0.89
CA LEU A 44 -6.51 0.11 0.58
C LEU A 44 -7.68 -0.85 0.75
N LEU A 45 -7.96 -1.61 -0.28
CA LEU A 45 -9.07 -2.55 -0.26
C LEU A 45 -8.58 -3.98 -0.12
N ASP A 46 -9.37 -4.77 0.59
CA ASP A 46 -9.17 -6.19 0.74
C ASP A 46 -10.34 -6.85 0.05
N TYR A 47 -10.19 -8.05 -0.39
CA TYR A 47 -11.25 -8.70 -1.15
C TYR A 47 -12.20 -9.51 -0.28
N SER A 48 -11.92 -9.63 0.99
CA SER A 48 -12.79 -10.40 1.85
C SER A 48 -13.83 -9.50 2.50
N GLY A 49 -13.54 -8.20 2.60
CA GLY A 49 -14.51 -7.32 3.19
C GLY A 49 -13.91 -6.10 3.85
N ARG A 50 -12.77 -6.25 4.50
CA ARG A 50 -12.20 -5.12 5.23
C ARG A 50 -11.48 -4.15 4.34
N SER A 51 -11.33 -2.96 4.83
CA SER A 51 -10.66 -1.91 4.08
C SER A 51 -9.91 -1.01 5.05
N TRP A 52 -8.83 -0.41 4.58
CA TRP A 52 -8.01 0.41 5.44
C TRP A 52 -7.70 1.72 4.75
N THR A 53 -8.08 2.81 5.35
CA THR A 53 -7.73 4.08 4.82
C THR A 53 -6.43 4.51 5.49
N VAL A 54 -5.41 4.60 4.71
CA VAL A 54 -4.08 4.88 5.21
C VAL A 54 -3.62 6.23 4.69
N ARG A 55 -2.67 6.82 5.34
CA ARG A 55 -2.21 8.12 4.93
C ARG A 55 -0.94 8.00 4.14
N MET A 56 -0.94 8.59 2.96
CA MET A 56 0.19 8.51 2.06
C MET A 56 0.80 9.88 1.89
N LYS A 57 2.07 9.93 1.77
CA LYS A 57 2.76 11.16 1.62
C LYS A 57 3.67 11.07 0.41
N LYS A 58 3.57 12.02 -0.47
CA LYS A 58 4.47 12.12 -1.57
C LYS A 58 5.46 13.15 -1.18
N ARG A 59 6.69 12.82 -1.22
CA ARG A 59 7.69 13.76 -0.82
C ARG A 59 8.91 13.58 -1.72
N GLY A 60 9.04 14.48 -2.67
CA GLY A 60 10.16 14.49 -3.58
C GLY A 60 10.39 13.18 -4.32
N GLU A 61 11.40 12.46 -3.90
CA GLU A 61 11.83 11.23 -4.54
C GLU A 61 11.23 9.99 -3.88
N LYS A 62 10.43 10.17 -2.84
CA LYS A 62 9.99 9.02 -2.12
C LYS A 62 8.54 9.14 -1.64
N VAL A 63 7.88 8.01 -1.60
CA VAL A 63 6.52 7.91 -1.14
C VAL A 63 6.53 7.19 0.19
N PHE A 64 5.84 7.74 1.14
CA PHE A 64 5.75 7.14 2.43
C PHE A 64 4.30 6.89 2.73
N LEU A 65 3.97 5.71 3.18
CA LEU A 65 2.63 5.54 3.70
C LEU A 65 2.73 5.58 5.19
N THR A 66 2.35 6.70 5.74
CA THR A 66 2.54 7.04 7.13
C THR A 66 1.37 6.48 8.00
N VAL A 67 1.08 7.18 9.10
CA VAL A 67 0.09 6.75 10.07
C VAL A 67 -1.23 6.53 9.38
N GLY A 68 -1.74 5.38 9.57
CA GLY A 68 -2.84 4.92 8.83
C GLY A 68 -2.55 3.53 8.44
N TRP A 69 -1.28 3.31 8.05
CA TRP A 69 -0.80 1.99 7.73
C TRP A 69 -0.82 1.12 8.97
N GLU A 70 -0.75 1.78 10.12
CA GLU A 70 -0.72 1.09 11.39
C GLU A 70 -2.02 0.28 11.55
N ASN A 71 -3.09 0.79 10.96
CA ASN A 71 -4.40 0.11 10.94
C ASN A 71 -4.25 -1.24 10.31
N PHE A 72 -3.54 -1.29 9.20
CA PHE A 72 -3.38 -2.49 8.42
C PHE A 72 -2.46 -3.44 9.13
N VAL A 73 -1.33 -2.93 9.62
CA VAL A 73 -0.32 -3.78 10.23
C VAL A 73 -0.89 -4.45 11.45
N LYS A 74 -1.60 -3.69 12.21
CA LYS A 74 -2.23 -4.15 13.41
C LYS A 74 -3.44 -5.06 13.06
N ASP A 75 -4.23 -4.65 12.08
CA ASP A 75 -5.47 -5.40 11.75
C ASP A 75 -5.24 -6.69 10.98
N ASN A 76 -4.34 -6.69 10.05
CA ASN A 76 -4.10 -7.89 9.27
C ASN A 76 -3.10 -8.77 10.01
N ASN A 77 -2.34 -8.12 10.92
CA ASN A 77 -1.28 -8.78 11.72
C ASN A 77 -0.21 -9.44 10.82
N LEU A 78 0.86 -8.73 10.55
CA LEU A 78 1.89 -9.27 9.69
C LEU A 78 3.28 -8.89 10.14
N GLU A 79 4.20 -9.79 9.94
CA GLU A 79 5.58 -9.59 10.26
C GLU A 79 6.45 -9.61 9.02
N ASP A 80 7.71 -9.26 9.20
CA ASP A 80 8.71 -9.18 8.14
C ASP A 80 8.80 -10.47 7.35
N GLY A 81 8.90 -10.35 6.05
CA GLY A 81 9.05 -11.52 5.21
C GLY A 81 7.86 -11.78 4.31
N LYS A 82 6.78 -11.09 4.55
CA LYS A 82 5.62 -11.25 3.70
C LYS A 82 5.66 -10.29 2.52
N TYR A 83 4.88 -10.60 1.51
CA TYR A 83 4.86 -9.83 0.31
C TYR A 83 3.47 -9.41 0.02
N LEU A 84 3.33 -8.19 -0.39
CA LEU A 84 2.05 -7.65 -0.68
C LEU A 84 2.02 -7.18 -2.11
N GLN A 85 0.90 -7.34 -2.73
CA GLN A 85 0.69 -6.90 -4.08
C GLN A 85 -0.23 -5.74 -4.04
N PHE A 86 0.17 -4.68 -4.62
CA PHE A 86 -0.61 -3.49 -4.66
C PHE A 86 -1.09 -3.28 -6.08
N ILE A 87 -2.37 -3.32 -6.25
CA ILE A 87 -2.95 -3.06 -7.54
C ILE A 87 -3.39 -1.62 -7.58
N TYR A 88 -2.88 -0.90 -8.52
CA TYR A 88 -3.16 0.50 -8.69
C TYR A 88 -4.08 0.63 -9.87
N ASP A 89 -5.22 1.22 -9.68
CA ASP A 89 -6.17 1.35 -10.76
C ASP A 89 -6.59 2.77 -11.00
N ARG A 90 -5.73 3.51 -11.71
CA ARG A 90 -6.03 4.86 -12.21
C ARG A 90 -6.54 5.82 -11.13
N ASP A 91 -6.13 5.63 -9.91
CA ASP A 91 -6.61 6.43 -8.83
C ASP A 91 -5.63 6.27 -7.70
N ARG A 92 -5.94 6.89 -6.64
CA ARG A 92 -5.18 6.87 -5.42
C ARG A 92 -5.81 5.79 -4.54
N THR A 93 -6.13 4.70 -5.18
CA THR A 93 -6.73 3.57 -4.55
C THR A 93 -5.91 2.32 -4.88
N PHE A 94 -5.60 1.52 -3.88
CA PHE A 94 -4.84 0.30 -4.08
C PHE A 94 -5.57 -0.90 -3.53
N TYR A 95 -5.51 -1.98 -4.25
CA TYR A 95 -6.06 -3.23 -3.78
C TYR A 95 -4.90 -4.06 -3.30
N VAL A 96 -4.99 -4.54 -2.08
CA VAL A 96 -3.86 -5.22 -1.46
C VAL A 96 -4.09 -6.72 -1.35
N ILE A 97 -3.23 -7.47 -1.99
CA ILE A 97 -3.23 -8.92 -1.88
C ILE A 97 -1.97 -9.32 -1.14
N ILE A 98 -2.10 -10.03 -0.06
CA ILE A 98 -0.96 -10.42 0.74
C ILE A 98 -0.79 -11.94 0.71
N TYR A 99 0.46 -12.36 0.62
CA TYR A 99 0.78 -13.76 0.70
C TYR A 99 0.97 -14.13 2.14
N GLY A 100 0.08 -14.95 2.63
CA GLY A 100 0.14 -15.33 4.00
C GLY A 100 -0.76 -14.45 4.82
N HIS A 101 -2.04 -14.58 4.61
CA HIS A 101 -3.00 -13.79 5.35
C HIS A 101 -3.48 -14.56 6.57
N ASN A 102 -3.15 -14.06 7.73
CA ASN A 102 -3.51 -14.70 8.98
C ASN A 102 -5.00 -14.54 9.25
N MET A 103 -5.66 -15.65 9.46
CA MET A 103 -7.08 -15.67 9.72
C MET A 103 -7.35 -16.14 11.17
N CYS A 104 -6.31 -16.59 11.82
CA CYS A 104 -6.42 -17.05 13.17
C CYS A 104 -6.14 -15.91 14.14
N MET A 3 -10.07 3.28 -24.73
CA MET A 3 -9.68 2.05 -25.46
C MET A 3 -9.75 0.83 -24.55
N ALA A 4 -10.30 1.02 -23.34
CA ALA A 4 -10.43 -0.03 -22.33
C ALA A 4 -9.07 -0.52 -21.87
N ASP A 5 -8.55 0.11 -20.85
CA ASP A 5 -7.28 -0.28 -20.29
C ASP A 5 -7.54 -1.32 -19.22
N THR A 6 -6.56 -2.16 -18.95
CA THR A 6 -6.68 -3.19 -17.93
C THR A 6 -7.06 -2.57 -16.57
N GLY A 7 -6.50 -1.41 -16.28
CA GLY A 7 -6.77 -0.70 -15.04
C GLY A 7 -6.02 -1.27 -13.87
N GLU A 8 -6.18 -2.54 -13.73
CA GLU A 8 -5.60 -3.34 -12.69
C GLU A 8 -4.06 -3.33 -12.74
N VAL A 9 -3.48 -2.43 -11.98
CA VAL A 9 -2.05 -2.36 -11.83
C VAL A 9 -1.69 -2.56 -10.38
N GLN A 10 -0.64 -3.29 -10.14
CA GLN A 10 -0.31 -3.67 -8.83
C GLN A 10 1.14 -3.45 -8.49
N PHE A 11 1.37 -3.29 -7.22
CA PHE A 11 2.69 -3.17 -6.65
C PHE A 11 2.81 -4.23 -5.56
N MET A 12 4.00 -4.74 -5.36
CA MET A 12 4.21 -5.79 -4.39
C MET A 12 5.51 -5.56 -3.64
N LYS A 13 5.49 -5.69 -2.33
CA LYS A 13 6.72 -5.60 -1.56
C LYS A 13 6.62 -6.37 -0.26
N PRO A 14 7.77 -6.88 0.25
CA PRO A 14 7.86 -7.43 1.59
C PRO A 14 7.93 -6.28 2.58
N PHE A 15 7.21 -6.39 3.67
CA PHE A 15 7.22 -5.32 4.63
C PHE A 15 8.07 -5.70 5.81
N ILE A 16 8.85 -4.76 6.27
CA ILE A 16 9.75 -4.98 7.39
C ILE A 16 9.11 -4.37 8.62
N SER A 17 8.92 -5.19 9.67
CA SER A 17 8.19 -4.82 10.89
C SER A 17 8.72 -3.52 11.53
N GLU A 18 9.98 -3.25 11.26
CA GLU A 18 10.68 -2.10 11.76
C GLU A 18 10.01 -0.80 11.29
N LYS A 19 9.57 -0.77 10.05
CA LYS A 19 8.86 0.39 9.55
C LYS A 19 7.40 0.13 9.50
N SER A 20 7.03 -1.09 9.14
CA SER A 20 5.64 -1.44 8.89
C SER A 20 4.77 -1.37 10.12
N SER A 21 5.37 -1.17 11.27
CA SER A 21 4.57 -0.95 12.45
C SER A 21 3.95 0.46 12.44
N LYS A 22 4.48 1.36 11.60
CA LYS A 22 3.99 2.74 11.54
C LYS A 22 3.80 3.25 10.10
N SER A 23 4.65 2.80 9.18
CA SER A 23 4.68 3.34 7.82
C SER A 23 5.06 2.27 6.78
N LEU A 24 4.92 2.61 5.50
CA LEU A 24 5.24 1.72 4.43
C LEU A 24 6.06 2.50 3.39
N GLU A 25 7.33 2.13 3.25
CA GLU A 25 8.24 2.79 2.35
C GLU A 25 7.99 2.29 0.93
N ILE A 26 7.87 3.18 0.00
CA ILE A 26 7.69 2.77 -1.37
C ILE A 26 8.93 3.18 -2.19
N PRO A 27 9.48 2.25 -3.01
CA PRO A 27 10.67 2.53 -3.85
C PRO A 27 10.49 3.73 -4.80
N LEU A 28 11.59 4.41 -5.07
CA LEU A 28 11.64 5.59 -5.93
C LEU A 28 11.21 5.17 -7.35
N GLY A 29 11.57 3.95 -7.73
CA GLY A 29 11.20 3.42 -9.02
C GLY A 29 9.69 3.37 -9.22
N PHE A 30 8.95 3.08 -8.15
CA PHE A 30 7.49 3.03 -8.24
C PHE A 30 6.92 4.44 -8.19
N ASN A 31 7.70 5.38 -7.67
CA ASN A 31 7.31 6.78 -7.72
C ASN A 31 7.30 7.24 -9.16
N GLU A 32 8.33 6.84 -9.90
CA GLU A 32 8.46 7.15 -11.31
C GLU A 32 7.42 6.42 -12.15
N TYR A 33 6.75 5.46 -11.53
CA TYR A 33 5.70 4.72 -12.20
C TYR A 33 4.47 5.62 -12.38
N PHE A 34 4.34 6.64 -11.51
CA PHE A 34 3.25 7.60 -11.61
C PHE A 34 3.48 8.85 -10.70
N PRO A 35 4.02 9.94 -11.25
CA PRO A 35 4.17 11.17 -10.50
C PRO A 35 2.83 11.90 -10.43
N ALA A 36 2.53 12.36 -9.28
CA ALA A 36 1.26 12.99 -9.01
C ALA A 36 1.46 13.97 -7.88
N PRO A 37 0.55 14.95 -7.69
CA PRO A 37 0.60 15.84 -6.54
C PRO A 37 0.39 15.00 -5.28
N PHE A 38 0.91 15.44 -4.16
CA PHE A 38 0.81 14.66 -2.98
C PHE A 38 -0.62 14.58 -2.48
N PRO A 39 -1.09 13.37 -2.17
CA PRO A 39 -2.40 13.17 -1.61
C PRO A 39 -2.39 13.51 -0.13
N ILE A 40 -3.52 13.83 0.39
CA ILE A 40 -3.65 14.14 1.78
C ILE A 40 -3.80 12.84 2.55
N THR A 41 -4.55 11.93 2.00
CA THR A 41 -4.77 10.63 2.59
C THR A 41 -5.13 9.65 1.46
N VAL A 42 -4.99 8.38 1.71
CA VAL A 42 -5.35 7.35 0.74
C VAL A 42 -6.12 6.24 1.44
N ASP A 43 -6.86 5.49 0.69
CA ASP A 43 -7.63 4.41 1.27
C ASP A 43 -7.13 3.09 0.81
N LEU A 44 -6.99 2.19 1.73
CA LEU A 44 -6.58 0.85 1.44
C LEU A 44 -7.77 -0.02 1.63
N LEU A 45 -8.15 -0.69 0.62
CA LEU A 45 -9.26 -1.55 0.67
C LEU A 45 -8.79 -2.97 0.72
N ASP A 46 -9.61 -3.81 1.20
CA ASP A 46 -9.31 -5.21 1.35
C ASP A 46 -10.14 -6.03 0.41
N TYR A 47 -9.54 -7.10 -0.05
CA TYR A 47 -10.10 -8.01 -1.02
C TYR A 47 -11.33 -8.75 -0.46
N SER A 48 -11.40 -8.90 0.84
CA SER A 48 -12.52 -9.56 1.46
C SER A 48 -13.64 -8.54 1.82
N GLY A 49 -13.28 -7.43 2.44
CA GLY A 49 -14.30 -6.43 2.75
C GLY A 49 -13.84 -5.33 3.69
N ARG A 50 -12.64 -5.47 4.24
CA ARG A 50 -12.10 -4.47 5.17
C ARG A 50 -11.65 -3.20 4.44
N SER A 51 -11.54 -2.11 5.16
CA SER A 51 -11.12 -0.86 4.59
C SER A 51 -10.32 -0.06 5.63
N TRP A 52 -9.22 0.54 5.21
CA TRP A 52 -8.38 1.33 6.12
C TRP A 52 -8.04 2.67 5.49
N THR A 53 -8.01 3.68 6.30
CA THR A 53 -7.65 4.99 5.84
C THR A 53 -6.23 5.34 6.36
N VAL A 54 -5.30 5.46 5.43
CA VAL A 54 -3.88 5.67 5.76
C VAL A 54 -3.34 6.92 5.08
N ARG A 55 -2.27 7.51 5.59
CA ARG A 55 -1.76 8.71 4.98
C ARG A 55 -0.55 8.39 4.12
N MET A 56 -0.59 8.85 2.89
CA MET A 56 0.46 8.61 1.92
C MET A 56 0.88 9.94 1.35
N LYS A 57 2.16 10.10 1.07
CA LYS A 57 2.68 11.34 0.58
C LYS A 57 3.64 11.13 -0.58
N LYS A 58 3.60 12.04 -1.53
CA LYS A 58 4.58 12.10 -2.58
C LYS A 58 5.60 13.07 -2.02
N ARG A 59 6.80 12.66 -1.88
CA ARG A 59 7.76 13.46 -1.16
C ARG A 59 9.08 13.54 -1.90
N GLY A 60 9.26 14.61 -2.62
CA GLY A 60 10.48 14.82 -3.35
C GLY A 60 10.64 13.84 -4.47
N GLU A 61 11.57 12.95 -4.33
CA GLU A 61 11.86 11.95 -5.34
C GLU A 61 11.34 10.59 -4.91
N LYS A 62 10.88 10.51 -3.69
CA LYS A 62 10.41 9.27 -3.13
C LYS A 62 8.93 9.41 -2.75
N VAL A 63 8.29 8.33 -2.46
CA VAL A 63 6.96 8.34 -1.95
C VAL A 63 6.92 7.50 -0.70
N PHE A 64 6.18 7.94 0.26
CA PHE A 64 6.18 7.27 1.52
C PHE A 64 4.78 7.24 2.07
N LEU A 65 4.40 6.09 2.52
CA LEU A 65 3.13 5.93 3.13
C LEU A 65 3.42 6.01 4.62
N THR A 66 2.89 7.00 5.24
CA THR A 66 3.21 7.34 6.59
C THR A 66 2.10 6.84 7.58
N VAL A 67 1.83 7.63 8.60
CA VAL A 67 0.95 7.28 9.69
C VAL A 67 -0.43 6.88 9.22
N GLY A 68 -0.99 5.93 9.90
CA GLY A 68 -2.26 5.41 9.51
C GLY A 68 -2.13 4.01 9.08
N TRP A 69 -0.97 3.71 8.49
CA TRP A 69 -0.63 2.36 8.04
C TRP A 69 -0.77 1.38 9.18
N GLU A 70 -0.61 1.87 10.37
CA GLU A 70 -0.61 1.05 11.54
C GLU A 70 -1.96 0.37 11.76
N ASN A 71 -3.04 0.98 11.27
CA ASN A 71 -4.39 0.39 11.39
C ASN A 71 -4.44 -0.93 10.68
N PHE A 72 -3.77 -1.00 9.57
CA PHE A 72 -3.73 -2.16 8.72
C PHE A 72 -2.87 -3.25 9.33
N VAL A 73 -1.67 -2.87 9.77
CA VAL A 73 -0.72 -3.82 10.32
C VAL A 73 -1.27 -4.42 11.63
N LYS A 74 -1.85 -3.56 12.45
CA LYS A 74 -2.44 -3.98 13.70
C LYS A 74 -3.73 -4.77 13.48
N ASP A 75 -4.54 -4.35 12.52
CA ASP A 75 -5.85 -5.02 12.31
C ASP A 75 -5.71 -6.41 11.69
N ASN A 76 -4.79 -6.56 10.78
CA ASN A 76 -4.60 -7.86 10.11
C ASN A 76 -3.52 -8.70 10.76
N ASN A 77 -2.90 -8.16 11.81
CA ASN A 77 -1.80 -8.84 12.53
C ASN A 77 -0.68 -9.20 11.55
N LEU A 78 0.15 -8.24 11.29
CA LEU A 78 1.15 -8.40 10.28
C LEU A 78 2.56 -8.24 10.80
N GLU A 79 3.42 -9.13 10.38
CA GLU A 79 4.83 -9.11 10.69
C GLU A 79 5.59 -9.47 9.47
N ASP A 80 6.85 -9.09 9.42
CA ASP A 80 7.72 -9.37 8.29
C ASP A 80 7.74 -10.86 7.98
N GLY A 81 7.50 -11.17 6.73
CA GLY A 81 7.42 -12.54 6.30
C GLY A 81 6.30 -12.70 5.33
N LYS A 82 5.25 -11.96 5.58
CA LYS A 82 4.11 -11.91 4.70
C LYS A 82 4.31 -10.75 3.74
N TYR A 83 3.57 -10.71 2.65
CA TYR A 83 3.81 -9.68 1.64
C TYR A 83 2.48 -9.04 1.26
N LEU A 84 2.51 -7.81 0.79
CA LEU A 84 1.26 -7.18 0.37
C LEU A 84 1.26 -6.95 -1.11
N GLN A 85 0.10 -7.03 -1.69
CA GLN A 85 -0.09 -6.68 -3.05
C GLN A 85 -1.01 -5.47 -3.05
N PHE A 86 -0.59 -4.40 -3.66
CA PHE A 86 -1.39 -3.21 -3.73
C PHE A 86 -1.84 -3.05 -5.15
N ILE A 87 -3.11 -3.11 -5.37
CA ILE A 87 -3.64 -2.95 -6.70
C ILE A 87 -4.39 -1.64 -6.76
N TYR A 88 -4.05 -0.80 -7.68
CA TYR A 88 -4.86 0.39 -7.82
C TYR A 88 -5.43 0.42 -9.20
N ASP A 89 -6.53 1.11 -9.36
CA ASP A 89 -7.18 1.16 -10.66
C ASP A 89 -6.75 2.42 -11.39
N ARG A 90 -7.37 3.53 -11.05
CA ARG A 90 -7.05 4.82 -11.64
C ARG A 90 -7.15 5.91 -10.61
N ASP A 91 -7.15 5.52 -9.34
CA ASP A 91 -7.35 6.44 -8.28
C ASP A 91 -6.31 6.18 -7.20
N ARG A 92 -6.43 6.88 -6.13
CA ARG A 92 -5.54 6.85 -4.98
C ARG A 92 -6.04 5.89 -3.91
N THR A 93 -6.89 4.98 -4.30
CA THR A 93 -7.34 3.96 -3.40
C THR A 93 -6.74 2.64 -3.87
N PHE A 94 -6.18 1.89 -2.96
CA PHE A 94 -5.51 0.65 -3.31
C PHE A 94 -6.27 -0.52 -2.76
N TYR A 95 -6.34 -1.58 -3.52
CA TYR A 95 -6.94 -2.81 -3.10
C TYR A 95 -5.80 -3.71 -2.67
N VAL A 96 -5.78 -4.09 -1.42
CA VAL A 96 -4.67 -4.83 -0.88
C VAL A 96 -5.00 -6.32 -0.69
N ILE A 97 -4.08 -7.16 -1.11
CA ILE A 97 -4.16 -8.60 -0.92
C ILE A 97 -2.94 -9.03 -0.11
N ILE A 98 -3.14 -9.86 0.91
CA ILE A 98 -2.05 -10.27 1.78
C ILE A 98 -1.55 -11.66 1.40
N TYR A 99 -0.26 -11.74 1.08
CA TYR A 99 0.38 -12.99 0.72
C TYR A 99 0.83 -13.71 1.96
N GLY A 100 1.06 -14.96 1.82
CA GLY A 100 1.55 -15.78 2.88
C GLY A 100 1.70 -17.18 2.40
N HIS A 101 1.25 -18.13 3.17
CA HIS A 101 1.33 -19.51 2.75
C HIS A 101 0.12 -20.30 3.20
N ASN A 102 -0.23 -20.17 4.46
CA ASN A 102 -1.33 -20.96 5.04
C ASN A 102 -2.68 -20.40 4.62
N MET A 103 -2.63 -19.16 4.19
CA MET A 103 -3.75 -18.36 3.70
C MET A 103 -3.17 -16.98 3.59
N CYS A 104 -2.46 -16.68 4.64
CA CYS A 104 -1.61 -15.54 4.80
C CYS A 104 -0.56 -15.98 5.80
N MET A 3 -9.37 0.00 -27.59
CA MET A 3 -9.96 0.11 -26.26
C MET A 3 -9.27 1.23 -25.50
N ALA A 4 -9.81 1.57 -24.34
CA ALA A 4 -9.24 2.57 -23.49
C ALA A 4 -9.01 1.98 -22.12
N ASP A 5 -7.78 1.71 -21.80
CA ASP A 5 -7.43 1.14 -20.51
C ASP A 5 -7.49 2.19 -19.43
N THR A 6 -8.19 1.89 -18.36
CA THR A 6 -8.21 2.78 -17.23
C THR A 6 -6.83 2.72 -16.56
N GLY A 7 -6.25 1.55 -16.57
CA GLY A 7 -4.92 1.40 -16.05
C GLY A 7 -4.83 0.43 -14.93
N GLU A 8 -5.10 -0.79 -15.25
CA GLU A 8 -4.98 -1.87 -14.29
C GLU A 8 -3.52 -2.24 -14.17
N VAL A 9 -2.94 -1.77 -13.12
CA VAL A 9 -1.58 -2.04 -12.81
C VAL A 9 -1.54 -2.56 -11.40
N GLN A 10 -0.63 -3.43 -11.14
CA GLN A 10 -0.46 -3.97 -9.84
C GLN A 10 1.01 -4.05 -9.49
N PHE A 11 1.29 -3.98 -8.22
CA PHE A 11 2.65 -3.95 -7.73
C PHE A 11 2.72 -4.75 -6.45
N MET A 12 3.85 -5.35 -6.20
CA MET A 12 4.06 -6.07 -4.96
C MET A 12 5.45 -5.75 -4.47
N LYS A 13 5.67 -5.87 -3.19
CA LYS A 13 6.95 -5.51 -2.63
C LYS A 13 7.19 -6.31 -1.37
N PRO A 14 8.46 -6.69 -1.08
CA PRO A 14 8.84 -7.31 0.19
C PRO A 14 8.29 -6.53 1.38
N PHE A 15 7.89 -7.24 2.39
CA PHE A 15 7.32 -6.67 3.58
C PHE A 15 8.31 -6.85 4.72
N ILE A 16 8.71 -5.77 5.37
CA ILE A 16 9.64 -5.87 6.46
C ILE A 16 9.07 -5.19 7.69
N SER A 17 8.78 -6.00 8.69
CA SER A 17 8.15 -5.58 9.95
C SER A 17 8.92 -4.50 10.72
N GLU A 18 10.12 -4.21 10.31
CA GLU A 18 10.89 -3.17 10.96
C GLU A 18 10.48 -1.79 10.44
N LYS A 19 10.01 -1.73 9.20
CA LYS A 19 9.66 -0.47 8.61
C LYS A 19 8.17 -0.33 8.43
N SER A 20 7.52 -1.43 8.08
CA SER A 20 6.10 -1.45 7.85
C SER A 20 5.34 -1.43 9.18
N SER A 21 6.06 -1.40 10.26
CA SER A 21 5.48 -1.30 11.55
C SER A 21 5.01 0.14 11.82
N LYS A 22 5.62 1.08 11.12
CA LYS A 22 5.31 2.48 11.36
C LYS A 22 4.68 3.15 10.15
N SER A 23 5.15 2.80 8.98
CA SER A 23 4.79 3.47 7.75
C SER A 23 4.92 2.50 6.59
N LEU A 24 4.45 2.86 5.41
CA LEU A 24 4.63 1.99 4.28
C LEU A 24 5.66 2.64 3.38
N GLU A 25 6.77 1.98 3.25
CA GLU A 25 7.87 2.43 2.44
C GLU A 25 7.56 2.23 0.95
N ILE A 26 7.45 3.32 0.21
CA ILE A 26 7.19 3.24 -1.19
C ILE A 26 8.45 3.58 -1.98
N PRO A 27 8.91 2.65 -2.86
CA PRO A 27 10.14 2.81 -3.64
C PRO A 27 10.18 4.05 -4.53
N LEU A 28 11.39 4.60 -4.67
CA LEU A 28 11.65 5.77 -5.52
C LEU A 28 11.24 5.42 -6.95
N GLY A 29 11.53 4.19 -7.36
CA GLY A 29 11.21 3.72 -8.69
C GLY A 29 9.72 3.80 -8.99
N PHE A 30 8.90 3.62 -7.95
CA PHE A 30 7.46 3.65 -8.11
C PHE A 30 6.97 5.11 -8.09
N ASN A 31 7.75 5.98 -7.48
CA ASN A 31 7.42 7.41 -7.45
C ASN A 31 7.74 8.01 -8.79
N GLU A 32 8.91 7.67 -9.29
CA GLU A 32 9.45 8.12 -10.57
C GLU A 32 8.59 7.58 -11.73
N TYR A 33 7.86 6.52 -11.42
CA TYR A 33 6.99 5.84 -12.36
C TYR A 33 5.81 6.76 -12.74
N PHE A 34 5.45 7.66 -11.82
CA PHE A 34 4.39 8.63 -12.05
C PHE A 34 4.40 9.71 -10.95
N PRO A 35 4.92 10.89 -11.24
CA PRO A 35 4.85 11.98 -10.31
C PRO A 35 3.46 12.57 -10.30
N ALA A 36 2.97 12.81 -9.16
CA ALA A 36 1.63 13.33 -8.98
C ALA A 36 1.57 14.09 -7.70
N PRO A 37 0.73 15.15 -7.60
CA PRO A 37 0.51 15.85 -6.34
C PRO A 37 -0.13 14.87 -5.35
N PHE A 38 0.37 14.83 -4.15
CA PHE A 38 -0.06 13.87 -3.21
C PHE A 38 -1.48 14.06 -2.70
N PRO A 39 -2.19 12.93 -2.56
CA PRO A 39 -3.50 12.91 -1.95
C PRO A 39 -3.37 13.04 -0.43
N ILE A 40 -4.41 13.46 0.24
CA ILE A 40 -4.38 13.60 1.67
C ILE A 40 -4.49 12.21 2.31
N THR A 41 -5.52 11.51 1.95
CA THR A 41 -5.72 10.17 2.42
C THR A 41 -6.09 9.26 1.25
N VAL A 42 -5.75 8.02 1.37
CA VAL A 42 -6.11 7.01 0.41
C VAL A 42 -6.65 5.83 1.17
N ASP A 43 -7.42 5.01 0.54
CA ASP A 43 -8.01 3.89 1.24
C ASP A 43 -7.41 2.60 0.78
N LEU A 44 -7.18 1.73 1.71
CA LEU A 44 -6.64 0.43 1.44
C LEU A 44 -7.74 -0.57 1.65
N LEU A 45 -8.04 -1.30 0.63
CA LEU A 45 -9.05 -2.29 0.70
C LEU A 45 -8.41 -3.65 0.86
N ASP A 46 -9.00 -4.44 1.70
CA ASP A 46 -8.51 -5.75 2.01
C ASP A 46 -9.48 -6.78 1.49
N TYR A 47 -8.96 -7.94 1.15
CA TYR A 47 -9.73 -9.02 0.54
C TYR A 47 -10.86 -9.52 1.45
N SER A 48 -10.75 -9.30 2.75
CA SER A 48 -11.78 -9.71 3.68
C SER A 48 -12.90 -8.66 3.73
N GLY A 49 -12.78 -7.63 2.90
CA GLY A 49 -13.78 -6.60 2.81
C GLY A 49 -13.53 -5.48 3.79
N ARG A 50 -12.38 -5.50 4.42
CA ARG A 50 -12.04 -4.49 5.40
C ARG A 50 -11.35 -3.33 4.68
N SER A 51 -11.41 -2.15 5.23
CA SER A 51 -10.80 -0.99 4.62
C SER A 51 -10.15 -0.09 5.66
N TRP A 52 -8.97 0.40 5.34
CA TRP A 52 -8.25 1.34 6.19
C TRP A 52 -7.91 2.60 5.42
N THR A 53 -7.98 3.72 6.08
CA THR A 53 -7.66 4.98 5.48
C THR A 53 -6.24 5.40 5.90
N VAL A 54 -5.37 5.56 4.93
CA VAL A 54 -3.98 5.83 5.18
C VAL A 54 -3.53 7.13 4.52
N ARG A 55 -2.46 7.72 5.03
CA ARG A 55 -1.94 8.96 4.49
C ARG A 55 -0.74 8.69 3.61
N MET A 56 -0.66 9.39 2.51
CA MET A 56 0.34 9.15 1.48
C MET A 56 0.98 10.47 1.02
N LYS A 57 2.30 10.54 1.05
CA LYS A 57 2.99 11.76 0.64
C LYS A 57 3.92 11.50 -0.53
N LYS A 58 3.74 12.25 -1.58
CA LYS A 58 4.60 12.22 -2.75
C LYS A 58 5.49 13.41 -2.59
N ARG A 59 6.68 13.17 -2.26
CA ARG A 59 7.61 14.26 -2.04
C ARG A 59 9.03 13.88 -2.34
N GLY A 60 9.58 14.51 -3.33
CA GLY A 60 10.95 14.31 -3.64
C GLY A 60 11.19 13.13 -4.50
N GLU A 61 11.96 12.23 -3.98
CA GLU A 61 12.37 11.06 -4.68
C GLU A 61 11.46 9.91 -4.33
N LYS A 62 10.91 9.98 -3.15
CA LYS A 62 10.15 8.87 -2.63
C LYS A 62 8.72 9.25 -2.29
N VAL A 63 7.95 8.23 -2.00
CA VAL A 63 6.61 8.38 -1.54
C VAL A 63 6.57 7.71 -0.20
N PHE A 64 6.11 8.39 0.78
CA PHE A 64 6.09 7.82 2.08
C PHE A 64 4.66 7.79 2.52
N LEU A 65 4.23 6.66 2.96
CA LEU A 65 2.90 6.47 3.43
C LEU A 65 2.95 6.43 4.94
N THR A 66 2.31 7.37 5.55
CA THR A 66 2.40 7.58 6.96
C THR A 66 1.21 6.96 7.76
N VAL A 67 0.80 7.66 8.82
CA VAL A 67 -0.21 7.23 9.76
C VAL A 67 -1.54 6.87 9.10
N GLY A 68 -2.17 5.89 9.67
CA GLY A 68 -3.31 5.30 9.09
C GLY A 68 -2.97 3.90 8.75
N TRP A 69 -1.75 3.76 8.22
CA TRP A 69 -1.16 2.46 7.93
C TRP A 69 -1.00 1.69 9.21
N GLU A 70 -0.87 2.43 10.28
CA GLU A 70 -0.65 1.84 11.56
C GLU A 70 -1.92 1.11 12.00
N ASN A 71 -3.06 1.57 11.52
CA ASN A 71 -4.35 0.95 11.84
C ASN A 71 -4.42 -0.41 11.17
N PHE A 72 -3.78 -0.50 10.05
CA PHE A 72 -3.72 -1.69 9.23
C PHE A 72 -2.83 -2.71 9.90
N VAL A 73 -1.61 -2.27 10.24
CA VAL A 73 -0.63 -3.15 10.83
C VAL A 73 -1.10 -3.63 12.20
N LYS A 74 -1.69 -2.72 12.94
CA LYS A 74 -2.20 -2.98 14.26
C LYS A 74 -3.45 -3.88 14.21
N ASP A 75 -4.41 -3.52 13.35
CA ASP A 75 -5.70 -4.25 13.35
C ASP A 75 -5.58 -5.65 12.79
N ASN A 76 -4.81 -5.80 11.75
CA ASN A 76 -4.71 -7.09 11.12
C ASN A 76 -3.59 -7.88 11.79
N ASN A 77 -2.72 -7.15 12.48
CA ASN A 77 -1.53 -7.71 13.16
C ASN A 77 -0.65 -8.49 12.20
N LEU A 78 0.31 -7.83 11.63
CA LEU A 78 1.15 -8.45 10.64
C LEU A 78 2.61 -8.03 10.70
N GLU A 79 3.44 -9.04 10.67
CA GLU A 79 4.87 -8.95 10.76
C GLU A 79 5.49 -9.68 9.58
N ASP A 80 6.80 -9.59 9.45
CA ASP A 80 7.54 -10.25 8.35
C ASP A 80 7.19 -11.73 8.30
N GLY A 81 6.97 -12.22 7.11
CA GLY A 81 6.55 -13.59 6.92
C GLY A 81 5.42 -13.63 5.96
N LYS A 82 4.67 -12.56 5.95
CA LYS A 82 3.60 -12.37 5.01
C LYS A 82 4.00 -11.34 3.98
N TYR A 83 3.47 -11.47 2.80
CA TYR A 83 3.86 -10.65 1.69
C TYR A 83 2.63 -9.94 1.16
N LEU A 84 2.81 -8.73 0.67
CA LEU A 84 1.67 -7.93 0.23
C LEU A 84 1.65 -7.75 -1.27
N GLN A 85 0.48 -7.91 -1.84
CA GLN A 85 0.24 -7.68 -3.24
C GLN A 85 -0.76 -6.55 -3.39
N PHE A 86 -0.39 -5.52 -4.12
CA PHE A 86 -1.26 -4.37 -4.28
C PHE A 86 -1.79 -4.29 -5.70
N ILE A 87 -3.06 -4.37 -5.83
CA ILE A 87 -3.72 -4.22 -7.09
C ILE A 87 -4.39 -2.86 -7.14
N TYR A 88 -4.17 -2.11 -8.20
CA TYR A 88 -4.65 -0.76 -8.25
C TYR A 88 -5.83 -0.64 -9.20
N ASP A 89 -6.77 0.22 -8.83
CA ASP A 89 -7.93 0.52 -9.67
C ASP A 89 -7.59 1.76 -10.52
N ARG A 90 -6.35 2.26 -10.29
CA ARG A 90 -5.78 3.47 -10.93
C ARG A 90 -6.43 4.73 -10.30
N ASP A 91 -7.18 4.50 -9.24
CA ASP A 91 -7.87 5.52 -8.54
C ASP A 91 -7.13 5.74 -7.22
N ARG A 92 -7.79 6.31 -6.25
CA ARG A 92 -7.20 6.64 -4.97
C ARG A 92 -7.53 5.49 -4.00
N THR A 93 -8.00 4.43 -4.58
CA THR A 93 -8.35 3.22 -3.89
C THR A 93 -7.34 2.11 -4.19
N PHE A 94 -6.67 1.65 -3.17
CA PHE A 94 -5.62 0.64 -3.27
C PHE A 94 -6.14 -0.66 -2.70
N TYR A 95 -6.05 -1.73 -3.46
CA TYR A 95 -6.49 -3.02 -3.00
C TYR A 95 -5.28 -3.88 -2.65
N VAL A 96 -5.26 -4.43 -1.46
CA VAL A 96 -4.14 -5.24 -1.02
C VAL A 96 -4.58 -6.68 -0.69
N ILE A 97 -3.81 -7.64 -1.14
CA ILE A 97 -4.03 -9.04 -0.84
C ILE A 97 -2.86 -9.54 0.00
N ILE A 98 -3.18 -10.06 1.17
CA ILE A 98 -2.16 -10.51 2.11
C ILE A 98 -2.04 -12.03 2.11
N TYR A 99 -0.92 -12.53 1.64
CA TYR A 99 -0.66 -13.95 1.64
C TYR A 99 0.68 -14.26 2.32
N GLY A 100 0.94 -15.51 2.62
CA GLY A 100 2.20 -15.87 3.21
C GLY A 100 2.07 -16.91 4.29
N HIS A 101 2.70 -18.08 4.07
CA HIS A 101 2.69 -19.23 4.99
C HIS A 101 1.31 -19.84 5.15
N ASN A 102 0.47 -19.16 5.88
CA ASN A 102 -0.89 -19.56 6.12
C ASN A 102 -1.62 -18.42 6.79
N MET A 103 -2.12 -17.52 6.00
CA MET A 103 -2.86 -16.38 6.51
C MET A 103 -4.33 -16.72 6.37
N CYS A 104 -4.65 -17.33 5.26
CA CYS A 104 -5.98 -17.84 4.96
C CYS A 104 -5.80 -19.06 4.09
N MET A 3 -5.44 4.08 -24.47
CA MET A 3 -6.13 3.51 -23.31
C MET A 3 -5.41 2.28 -22.80
N ALA A 4 -4.38 1.83 -23.52
CA ALA A 4 -3.57 0.69 -23.10
C ALA A 4 -2.95 0.99 -21.76
N ASP A 5 -3.20 0.09 -20.81
CA ASP A 5 -2.83 0.26 -19.41
C ASP A 5 -3.66 1.37 -18.79
N THR A 6 -4.89 1.03 -18.46
CA THR A 6 -5.81 1.96 -17.87
C THR A 6 -5.58 2.02 -16.36
N GLY A 7 -5.34 0.88 -15.80
CA GLY A 7 -5.09 0.78 -14.41
C GLY A 7 -5.04 -0.65 -14.01
N GLU A 8 -5.34 -0.92 -12.75
CA GLU A 8 -5.35 -2.26 -12.19
C GLU A 8 -3.94 -2.91 -12.31
N VAL A 9 -2.94 -2.06 -12.29
CA VAL A 9 -1.59 -2.51 -12.39
C VAL A 9 -1.11 -2.82 -11.00
N GLN A 10 -0.37 -3.85 -10.86
CA GLN A 10 -0.01 -4.31 -9.57
C GLN A 10 1.49 -4.44 -9.41
N PHE A 11 1.91 -4.45 -8.17
CA PHE A 11 3.30 -4.67 -7.83
C PHE A 11 3.33 -5.37 -6.48
N MET A 12 4.32 -6.19 -6.26
CA MET A 12 4.42 -6.93 -5.01
C MET A 12 5.85 -6.96 -4.51
N LYS A 13 6.02 -6.84 -3.21
CA LYS A 13 7.29 -7.09 -2.57
C LYS A 13 7.00 -7.45 -1.11
N PRO A 14 7.91 -8.16 -0.43
CA PRO A 14 7.74 -8.39 0.98
C PRO A 14 8.07 -7.11 1.75
N PHE A 15 7.22 -6.77 2.67
CA PHE A 15 7.34 -5.57 3.47
C PHE A 15 8.24 -5.82 4.66
N ILE A 16 9.07 -4.87 5.00
CA ILE A 16 10.03 -5.06 6.06
C ILE A 16 9.39 -4.64 7.35
N SER A 17 9.31 -5.55 8.31
CA SER A 17 8.59 -5.33 9.55
C SER A 17 9.07 -4.05 10.26
N GLU A 18 10.36 -3.77 10.20
CA GLU A 18 10.93 -2.60 10.84
C GLU A 18 10.36 -1.30 10.28
N LYS A 19 10.19 -1.23 8.97
CA LYS A 19 9.69 -0.02 8.38
C LYS A 19 8.18 -0.05 8.39
N SER A 20 7.66 -1.21 8.12
CA SER A 20 6.26 -1.45 8.02
C SER A 20 5.57 -1.51 9.39
N SER A 21 6.31 -1.26 10.46
CA SER A 21 5.67 -1.11 11.78
C SER A 21 4.90 0.20 11.84
N LYS A 22 5.24 1.14 10.96
CA LYS A 22 4.61 2.44 10.98
C LYS A 22 4.25 2.92 9.57
N SER A 23 5.06 2.62 8.59
CA SER A 23 4.83 3.12 7.25
C SER A 23 5.10 2.06 6.17
N LEU A 24 4.69 2.34 4.96
CA LEU A 24 4.87 1.45 3.85
C LEU A 24 5.50 2.24 2.71
N GLU A 25 6.54 1.69 2.13
CA GLU A 25 7.26 2.38 1.08
C GLU A 25 6.66 2.06 -0.30
N ILE A 26 6.44 3.09 -1.06
CA ILE A 26 5.96 2.99 -2.40
C ILE A 26 7.16 3.01 -3.36
N PRO A 27 7.21 2.08 -4.35
CA PRO A 27 8.36 1.95 -5.26
C PRO A 27 8.69 3.25 -5.99
N LEU A 28 9.97 3.48 -6.21
CA LEU A 28 10.43 4.67 -6.90
C LEU A 28 9.95 4.67 -8.35
N GLY A 29 9.87 3.48 -8.93
CA GLY A 29 9.34 3.35 -10.27
C GLY A 29 7.90 3.77 -10.34
N PHE A 30 7.15 3.48 -9.27
CA PHE A 30 5.75 3.87 -9.18
C PHE A 30 5.57 5.33 -8.83
N ASN A 31 6.56 5.90 -8.16
CA ASN A 31 6.55 7.34 -7.87
C ASN A 31 6.51 8.10 -9.19
N GLU A 32 7.35 7.67 -10.10
CA GLU A 32 7.46 8.23 -11.43
C GLU A 32 6.26 7.79 -12.28
N TYR A 33 5.77 6.60 -12.01
CA TYR A 33 4.71 5.98 -12.79
C TYR A 33 3.39 6.72 -12.61
N PHE A 34 3.19 7.34 -11.45
CA PHE A 34 1.99 8.11 -11.26
C PHE A 34 2.17 9.29 -10.28
N PRO A 35 2.47 10.47 -10.80
CA PRO A 35 2.41 11.67 -10.04
C PRO A 35 0.99 12.19 -10.04
N ALA A 36 0.55 12.59 -8.92
CA ALA A 36 -0.79 13.02 -8.71
C ALA A 36 -0.79 14.02 -7.60
N PRO A 37 -1.84 14.87 -7.46
CA PRO A 37 -1.96 15.74 -6.31
C PRO A 37 -1.95 14.86 -5.08
N PHE A 38 -1.16 15.23 -4.11
CA PHE A 38 -0.94 14.41 -2.98
C PHE A 38 -2.18 14.27 -2.12
N PRO A 39 -2.70 13.05 -2.02
CA PRO A 39 -3.87 12.78 -1.23
C PRO A 39 -3.49 12.66 0.23
N ILE A 40 -4.25 13.27 1.08
CA ILE A 40 -3.94 13.21 2.49
C ILE A 40 -4.47 11.90 3.05
N THR A 41 -5.52 11.39 2.46
CA THR A 41 -6.00 10.11 2.84
C THR A 41 -6.14 9.22 1.60
N VAL A 42 -5.95 7.95 1.81
CA VAL A 42 -6.00 6.91 0.82
C VAL A 42 -6.62 5.72 1.48
N ASP A 43 -7.36 4.94 0.75
CA ASP A 43 -7.99 3.80 1.32
C ASP A 43 -7.46 2.55 0.74
N LEU A 44 -7.16 1.61 1.59
CA LEU A 44 -6.68 0.33 1.19
C LEU A 44 -7.79 -0.65 1.42
N LEU A 45 -8.19 -1.31 0.39
CA LEU A 45 -9.29 -2.22 0.48
C LEU A 45 -8.79 -3.64 0.57
N ASP A 46 -9.39 -4.38 1.43
CA ASP A 46 -9.03 -5.77 1.68
C ASP A 46 -10.10 -6.74 1.24
N TYR A 47 -9.64 -7.85 0.70
CA TYR A 47 -10.45 -8.93 0.17
C TYR A 47 -11.42 -9.54 1.19
N SER A 48 -11.07 -9.52 2.46
CA SER A 48 -11.88 -10.14 3.48
C SER A 48 -12.95 -9.17 3.97
N GLY A 49 -12.91 -7.94 3.48
CA GLY A 49 -13.92 -6.97 3.83
C GLY A 49 -13.36 -5.82 4.62
N ARG A 50 -12.10 -5.91 4.96
CA ARG A 50 -11.45 -4.89 5.76
C ARG A 50 -11.04 -3.70 4.89
N SER A 51 -10.86 -2.56 5.50
CA SER A 51 -10.43 -1.38 4.79
C SER A 51 -9.74 -0.42 5.75
N TRP A 52 -8.64 0.13 5.34
CA TRP A 52 -7.90 1.06 6.18
C TRP A 52 -7.66 2.36 5.47
N THR A 53 -7.86 3.44 6.16
CA THR A 53 -7.57 4.73 5.65
C THR A 53 -6.16 5.12 6.06
N VAL A 54 -5.31 5.24 5.09
CA VAL A 54 -3.92 5.52 5.27
C VAL A 54 -3.57 6.86 4.68
N ARG A 55 -2.50 7.44 5.14
CA ARG A 55 -2.04 8.70 4.64
C ARG A 55 -0.89 8.47 3.68
N MET A 56 -1.02 9.03 2.51
CA MET A 56 -0.05 8.89 1.46
C MET A 56 0.64 10.21 1.26
N LYS A 57 1.88 10.17 0.96
CA LYS A 57 2.62 11.37 0.80
C LYS A 57 3.56 11.28 -0.39
N LYS A 58 3.44 12.23 -1.28
CA LYS A 58 4.38 12.38 -2.36
C LYS A 58 5.39 13.35 -1.81
N ARG A 59 6.56 12.89 -1.61
CA ARG A 59 7.56 13.69 -0.95
C ARG A 59 8.89 13.62 -1.65
N GLY A 60 9.14 14.63 -2.46
CA GLY A 60 10.41 14.83 -3.13
C GLY A 60 10.93 13.68 -3.94
N GLU A 61 11.66 12.82 -3.30
CA GLU A 61 12.37 11.77 -3.97
C GLU A 61 11.52 10.52 -4.10
N LYS A 62 10.56 10.36 -3.23
CA LYS A 62 9.85 9.08 -3.17
C LYS A 62 8.43 9.27 -2.61
N VAL A 63 7.62 8.23 -2.67
CA VAL A 63 6.29 8.26 -2.13
C VAL A 63 6.24 7.41 -0.88
N PHE A 64 5.69 7.95 0.17
CA PHE A 64 5.63 7.27 1.42
C PHE A 64 4.19 7.13 1.83
N LEU A 65 3.83 5.96 2.24
CA LEU A 65 2.53 5.72 2.80
C LEU A 65 2.80 5.63 4.29
N THR A 66 2.46 6.66 5.02
CA THR A 66 2.86 6.74 6.41
C THR A 66 1.82 6.24 7.40
N VAL A 67 1.17 7.17 8.06
CA VAL A 67 0.23 6.86 9.12
C VAL A 67 -1.02 6.22 8.60
N GLY A 68 -1.55 5.31 9.38
CA GLY A 68 -2.70 4.57 8.97
C GLY A 68 -2.33 3.16 8.68
N TRP A 69 -1.15 2.99 8.08
CA TRP A 69 -0.60 1.68 7.82
C TRP A 69 -0.41 0.94 9.12
N GLU A 70 -0.26 1.70 10.15
CA GLU A 70 -0.05 1.16 11.48
C GLU A 70 -1.31 0.39 11.95
N ASN A 71 -2.48 0.81 11.48
CA ASN A 71 -3.72 0.14 11.81
C ASN A 71 -3.81 -1.15 11.05
N PHE A 72 -3.20 -1.14 9.90
CA PHE A 72 -3.16 -2.25 8.97
C PHE A 72 -2.24 -3.34 9.54
N VAL A 73 -1.02 -2.91 9.89
CA VAL A 73 -0.01 -3.80 10.40
C VAL A 73 -0.47 -4.46 11.69
N LYS A 74 -1.03 -3.66 12.57
CA LYS A 74 -1.53 -4.13 13.84
C LYS A 74 -2.81 -4.96 13.71
N ASP A 75 -3.68 -4.63 12.74
CA ASP A 75 -4.98 -5.33 12.65
C ASP A 75 -4.84 -6.74 12.10
N ASN A 76 -3.98 -6.90 11.12
CA ASN A 76 -3.75 -8.22 10.55
C ASN A 76 -2.62 -8.92 11.26
N ASN A 77 -1.82 -8.13 11.96
CA ASN A 77 -0.58 -8.59 12.62
C ASN A 77 0.32 -9.25 11.59
N LEU A 78 1.07 -8.44 10.88
CA LEU A 78 1.88 -8.93 9.82
C LEU A 78 3.30 -8.38 9.83
N GLU A 79 4.22 -9.19 9.35
CA GLU A 79 5.65 -8.91 9.38
C GLU A 79 6.33 -9.44 8.13
N ASP A 80 7.61 -9.10 7.97
CA ASP A 80 8.40 -9.50 6.79
C ASP A 80 8.41 -11.01 6.64
N GLY A 81 8.34 -11.43 5.41
CA GLY A 81 8.22 -12.83 5.09
C GLY A 81 6.92 -13.07 4.40
N LYS A 82 6.06 -12.09 4.52
CA LYS A 82 4.78 -12.09 3.87
C LYS A 82 4.88 -11.13 2.68
N TYR A 83 4.01 -11.26 1.72
CA TYR A 83 4.13 -10.49 0.50
C TYR A 83 2.89 -9.67 0.32
N LEU A 84 3.04 -8.45 -0.05
CA LEU A 84 1.91 -7.63 -0.31
C LEU A 84 1.85 -7.24 -1.76
N GLN A 85 0.68 -7.25 -2.31
CA GLN A 85 0.48 -6.85 -3.65
C GLN A 85 -0.56 -5.76 -3.66
N PHE A 86 -0.21 -4.65 -4.22
CA PHE A 86 -1.15 -3.57 -4.33
C PHE A 86 -1.56 -3.40 -5.74
N ILE A 87 -2.82 -3.31 -5.96
CA ILE A 87 -3.34 -3.06 -7.25
C ILE A 87 -3.62 -1.57 -7.34
N TYR A 88 -2.91 -0.89 -8.21
CA TYR A 88 -3.02 0.54 -8.36
C TYR A 88 -3.77 0.85 -9.67
N ASP A 89 -4.83 1.65 -9.63
CA ASP A 89 -5.48 2.02 -10.90
C ASP A 89 -5.24 3.49 -11.18
N ARG A 90 -4.24 4.01 -10.47
CA ARG A 90 -3.87 5.43 -10.47
C ARG A 90 -5.03 6.23 -9.89
N ASP A 91 -5.11 6.24 -8.59
CA ASP A 91 -6.16 6.87 -7.85
C ASP A 91 -5.72 6.77 -6.40
N ARG A 92 -6.57 7.05 -5.47
CA ARG A 92 -6.22 6.99 -4.06
C ARG A 92 -6.89 5.79 -3.42
N THR A 93 -7.20 4.79 -4.21
CA THR A 93 -7.82 3.61 -3.70
C THR A 93 -7.05 2.40 -4.19
N PHE A 94 -6.49 1.66 -3.28
CA PHE A 94 -5.68 0.55 -3.67
C PHE A 94 -6.22 -0.73 -3.10
N TYR A 95 -6.23 -1.74 -3.89
CA TYR A 95 -6.69 -3.04 -3.46
C TYR A 95 -5.50 -3.91 -3.13
N VAL A 96 -5.48 -4.46 -1.95
CA VAL A 96 -4.34 -5.21 -1.49
C VAL A 96 -4.63 -6.73 -1.41
N ILE A 97 -3.67 -7.50 -1.86
CA ILE A 97 -3.70 -8.94 -1.74
C ILE A 97 -2.49 -9.32 -0.89
N ILE A 98 -2.73 -10.07 0.17
CA ILE A 98 -1.68 -10.38 1.11
C ILE A 98 -1.35 -11.87 1.07
N TYR A 99 -0.11 -12.16 0.86
CA TYR A 99 0.39 -13.49 0.89
C TYR A 99 1.01 -13.67 2.25
N GLY A 100 0.51 -14.60 3.00
CA GLY A 100 0.91 -14.70 4.38
C GLY A 100 -0.20 -14.14 5.22
N HIS A 101 -1.19 -14.96 5.47
CA HIS A 101 -2.38 -14.49 6.16
C HIS A 101 -2.69 -15.34 7.39
N ASN A 102 -3.25 -14.70 8.38
CA ASN A 102 -3.68 -15.36 9.59
C ASN A 102 -4.80 -16.34 9.24
N MET A 103 -4.58 -17.59 9.54
CA MET A 103 -5.56 -18.60 9.23
C MET A 103 -6.64 -18.64 10.30
N CYS A 104 -7.58 -17.74 10.18
CA CYS A 104 -8.69 -17.61 11.06
C CYS A 104 -9.87 -17.07 10.27
N MET A 3 -1.60 4.07 -25.19
CA MET A 3 -2.73 3.48 -24.48
C MET A 3 -2.94 4.21 -23.18
N ALA A 4 -4.15 4.63 -22.91
CA ALA A 4 -4.42 5.31 -21.68
C ALA A 4 -4.79 4.32 -20.60
N ASP A 5 -3.78 3.87 -19.86
CA ASP A 5 -3.93 2.93 -18.73
C ASP A 5 -4.30 1.49 -19.18
N THR A 6 -3.85 0.52 -18.41
CA THR A 6 -4.12 -0.89 -18.69
C THR A 6 -5.39 -1.35 -17.96
N GLY A 7 -5.73 -0.63 -16.91
CA GLY A 7 -6.88 -0.96 -16.10
C GLY A 7 -6.58 -0.71 -14.68
N GLU A 8 -5.42 -1.11 -14.31
CA GLU A 8 -4.89 -0.98 -12.98
C GLU A 8 -3.39 -1.26 -13.00
N VAL A 9 -2.72 -0.92 -11.92
CA VAL A 9 -1.31 -1.20 -11.77
C VAL A 9 -1.07 -1.88 -10.44
N GLN A 10 -0.20 -2.83 -10.45
CA GLN A 10 0.09 -3.60 -9.30
C GLN A 10 1.56 -3.48 -8.98
N PHE A 11 1.90 -3.53 -7.73
CA PHE A 11 3.28 -3.54 -7.32
C PHE A 11 3.41 -4.37 -6.08
N MET A 12 4.53 -5.01 -5.89
CA MET A 12 4.69 -5.90 -4.75
C MET A 12 6.03 -5.66 -4.10
N LYS A 13 6.04 -5.66 -2.78
CA LYS A 13 7.25 -5.48 -2.01
C LYS A 13 7.18 -6.23 -0.70
N PRO A 14 8.32 -6.76 -0.24
CA PRO A 14 8.42 -7.29 1.10
C PRO A 14 8.75 -6.14 2.04
N PHE A 15 8.06 -6.06 3.14
CA PHE A 15 8.23 -4.95 4.07
C PHE A 15 9.12 -5.36 5.23
N ILE A 16 9.95 -4.45 5.69
CA ILE A 16 10.79 -4.71 6.82
C ILE A 16 9.96 -4.31 8.01
N SER A 17 9.61 -5.27 8.84
CA SER A 17 8.72 -5.06 9.97
C SER A 17 9.21 -3.91 10.85
N GLU A 18 10.51 -3.79 10.95
CA GLU A 18 11.15 -2.79 11.79
C GLU A 18 10.77 -1.37 11.37
N LYS A 19 10.67 -1.12 10.08
CA LYS A 19 10.37 0.22 9.64
C LYS A 19 8.94 0.33 9.16
N SER A 20 8.42 -0.77 8.71
CA SER A 20 7.08 -0.80 8.22
C SER A 20 6.06 -1.18 9.28
N SER A 21 6.44 -1.15 10.54
CA SER A 21 5.44 -1.21 11.59
C SER A 21 4.71 0.14 11.69
N LYS A 22 5.30 1.18 11.10
CA LYS A 22 4.72 2.53 11.15
C LYS A 22 4.26 3.04 9.76
N SER A 23 5.11 2.92 8.75
CA SER A 23 4.89 3.50 7.44
C SER A 23 5.42 2.55 6.32
N LEU A 24 5.08 2.83 5.07
CA LEU A 24 5.48 1.97 3.93
C LEU A 24 6.19 2.80 2.85
N GLU A 25 7.23 2.22 2.23
CA GLU A 25 7.94 2.89 1.14
C GLU A 25 7.44 2.39 -0.21
N ILE A 26 7.01 3.31 -1.05
CA ILE A 26 6.54 3.01 -2.39
C ILE A 26 7.70 3.26 -3.40
N PRO A 27 7.94 2.30 -4.34
CA PRO A 27 9.04 2.38 -5.34
C PRO A 27 9.15 3.73 -6.07
N LEU A 28 10.38 4.18 -6.26
CA LEU A 28 10.69 5.42 -6.95
C LEU A 28 10.22 5.31 -8.40
N GLY A 29 10.43 4.15 -9.00
CA GLY A 29 10.01 3.91 -10.36
C GLY A 29 8.51 4.01 -10.51
N PHE A 30 7.80 3.57 -9.50
CA PHE A 30 6.35 3.62 -9.49
C PHE A 30 5.89 5.06 -9.27
N ASN A 31 6.65 5.81 -8.48
CA ASN A 31 6.38 7.24 -8.24
C ASN A 31 6.50 8.01 -9.54
N GLU A 32 7.57 7.74 -10.25
CA GLU A 32 7.87 8.39 -11.51
C GLU A 32 6.94 7.88 -12.63
N TYR A 33 6.21 6.82 -12.34
CA TYR A 33 5.29 6.23 -13.28
C TYR A 33 4.01 7.09 -13.43
N PHE A 34 3.66 7.83 -12.40
CA PHE A 34 2.46 8.66 -12.48
C PHE A 34 2.61 9.95 -11.67
N PRO A 35 2.48 11.12 -12.31
CA PRO A 35 2.45 12.38 -11.61
C PRO A 35 1.09 12.55 -10.99
N ALA A 36 1.09 12.95 -9.78
CA ALA A 36 -0.13 13.04 -9.04
C ALA A 36 -0.02 14.08 -7.98
N PRO A 37 -1.06 14.89 -7.77
CA PRO A 37 -1.14 15.75 -6.61
C PRO A 37 -1.17 14.82 -5.40
N PHE A 38 -0.55 15.21 -4.31
CA PHE A 38 -0.45 14.35 -3.20
C PHE A 38 -1.81 14.14 -2.53
N PRO A 39 -2.25 12.88 -2.44
CA PRO A 39 -3.51 12.56 -1.81
C PRO A 39 -3.40 12.76 -0.32
N ILE A 40 -4.48 13.05 0.32
CA ILE A 40 -4.46 13.20 1.74
C ILE A 40 -4.66 11.84 2.35
N THR A 41 -5.77 11.23 2.05
CA THR A 41 -6.06 9.91 2.50
C THR A 41 -6.36 8.98 1.34
N VAL A 42 -6.06 7.74 1.53
CA VAL A 42 -6.39 6.68 0.61
C VAL A 42 -6.84 5.52 1.46
N ASP A 43 -7.52 4.57 0.91
CA ASP A 43 -8.05 3.51 1.70
C ASP A 43 -7.58 2.16 1.18
N LEU A 44 -7.25 1.28 2.07
CA LEU A 44 -6.74 -0.02 1.72
C LEU A 44 -7.81 -1.01 2.01
N LEU A 45 -8.13 -1.82 1.04
CA LEU A 45 -9.19 -2.77 1.19
C LEU A 45 -8.67 -4.14 1.47
N ASP A 46 -9.44 -4.84 2.22
CA ASP A 46 -9.23 -6.22 2.52
C ASP A 46 -10.31 -7.05 1.87
N TYR A 47 -9.90 -8.15 1.30
CA TYR A 47 -10.75 -9.06 0.57
C TYR A 47 -11.74 -9.83 1.43
N SER A 48 -11.60 -9.75 2.74
CA SER A 48 -12.55 -10.38 3.60
C SER A 48 -13.64 -9.36 3.95
N GLY A 49 -13.24 -8.12 4.21
CA GLY A 49 -14.21 -7.08 4.47
C GLY A 49 -13.68 -5.90 5.28
N ARG A 50 -12.41 -5.95 5.65
CA ARG A 50 -11.81 -4.88 6.44
C ARG A 50 -11.24 -3.78 5.54
N SER A 51 -11.07 -2.61 6.07
CA SER A 51 -10.51 -1.53 5.30
C SER A 51 -9.74 -0.60 6.21
N TRP A 52 -8.69 -0.02 5.70
CA TRP A 52 -7.85 0.88 6.48
C TRP A 52 -7.62 2.17 5.72
N THR A 53 -7.96 3.27 6.31
CA THR A 53 -7.74 4.54 5.70
C THR A 53 -6.35 5.04 6.12
N VAL A 54 -5.50 5.19 5.14
CA VAL A 54 -4.11 5.51 5.35
C VAL A 54 -3.70 6.77 4.56
N ARG A 55 -2.67 7.43 4.98
CA ARG A 55 -2.20 8.61 4.28
C ARG A 55 -0.97 8.30 3.44
N MET A 56 -1.09 8.57 2.16
CA MET A 56 -0.01 8.32 1.21
C MET A 56 0.29 9.61 0.48
N LYS A 57 1.55 9.98 0.39
CA LYS A 57 1.93 11.19 -0.27
C LYS A 57 3.25 11.06 -0.99
N LYS A 58 3.52 11.96 -1.92
CA LYS A 58 4.78 11.93 -2.62
C LYS A 58 5.77 12.79 -1.88
N ARG A 59 6.91 12.25 -1.63
CA ARG A 59 7.98 12.96 -0.97
C ARG A 59 9.30 12.79 -1.72
N GLY A 60 9.66 13.80 -2.44
CA GLY A 60 10.92 13.83 -3.11
C GLY A 60 11.04 12.86 -4.25
N GLU A 61 11.71 11.78 -4.00
CA GLU A 61 12.00 10.78 -4.99
C GLU A 61 10.97 9.68 -4.97
N LYS A 62 10.28 9.55 -3.87
CA LYS A 62 9.44 8.40 -3.66
C LYS A 62 8.06 8.78 -3.18
N VAL A 63 7.17 7.81 -3.25
CA VAL A 63 5.88 7.93 -2.64
C VAL A 63 5.99 7.24 -1.31
N PHE A 64 5.46 7.81 -0.30
CA PHE A 64 5.60 7.25 0.99
C PHE A 64 4.27 7.27 1.70
N LEU A 65 3.93 6.16 2.28
CA LEU A 65 2.72 6.03 3.01
C LEU A 65 3.11 6.19 4.46
N THR A 66 2.59 7.21 5.09
CA THR A 66 2.99 7.52 6.44
C THR A 66 2.12 6.82 7.51
N VAL A 67 1.10 7.51 7.91
CA VAL A 67 0.17 7.10 8.95
C VAL A 67 -0.95 6.22 8.44
N GLY A 68 -1.36 5.27 9.26
CA GLY A 68 -2.46 4.42 8.90
C GLY A 68 -2.04 3.04 8.61
N TRP A 69 -0.88 2.93 7.99
CA TRP A 69 -0.30 1.64 7.65
C TRP A 69 -0.11 0.81 8.89
N GLU A 70 0.03 1.50 9.99
CA GLU A 70 0.28 0.86 11.25
C GLU A 70 -0.99 0.14 11.76
N ASN A 71 -2.14 0.63 11.32
CA ASN A 71 -3.42 0.03 11.66
C ASN A 71 -3.55 -1.26 10.91
N PHE A 72 -3.08 -1.23 9.70
CA PHE A 72 -3.13 -2.33 8.78
C PHE A 72 -2.17 -3.42 9.18
N VAL A 73 -0.91 -3.03 9.39
CA VAL A 73 0.14 -3.95 9.68
C VAL A 73 -0.16 -4.69 10.96
N LYS A 74 -0.58 -3.94 11.96
CA LYS A 74 -0.92 -4.51 13.23
C LYS A 74 -2.24 -5.26 13.23
N ASP A 75 -3.29 -4.71 12.59
CA ASP A 75 -4.63 -5.38 12.67
C ASP A 75 -4.67 -6.71 11.92
N ASN A 76 -4.05 -6.76 10.76
CA ASN A 76 -4.00 -8.02 10.01
C ASN A 76 -2.83 -8.86 10.52
N ASN A 77 -1.95 -8.19 11.27
CA ASN A 77 -0.79 -8.77 11.93
C ASN A 77 0.19 -9.39 10.95
N LEU A 78 1.03 -8.56 10.37
CA LEU A 78 2.02 -9.02 9.45
C LEU A 78 3.40 -8.77 10.01
N GLU A 79 4.36 -9.50 9.51
CA GLU A 79 5.73 -9.39 9.96
C GLU A 79 6.66 -9.58 8.77
N ASP A 80 7.89 -9.20 8.97
CA ASP A 80 8.96 -9.38 7.95
C ASP A 80 8.99 -10.83 7.50
N GLY A 81 8.79 -11.05 6.24
CA GLY A 81 8.73 -12.38 5.71
C GLY A 81 7.51 -12.55 4.86
N LYS A 82 6.47 -11.81 5.19
CA LYS A 82 5.25 -11.80 4.40
C LYS A 82 5.42 -10.89 3.18
N TYR A 83 4.66 -11.16 2.15
CA TYR A 83 4.79 -10.44 0.92
C TYR A 83 3.47 -9.81 0.58
N LEU A 84 3.50 -8.58 0.19
CA LEU A 84 2.29 -7.88 -0.11
C LEU A 84 2.30 -7.34 -1.51
N GLN A 85 1.25 -7.60 -2.20
CA GLN A 85 1.06 -7.15 -3.55
C GLN A 85 -0.09 -6.14 -3.50
N PHE A 86 0.17 -4.96 -3.99
CA PHE A 86 -0.76 -3.86 -3.88
C PHE A 86 -1.36 -3.53 -5.23
N ILE A 87 -2.65 -3.68 -5.35
CA ILE A 87 -3.34 -3.38 -6.57
C ILE A 87 -3.96 -1.99 -6.50
N TYR A 88 -3.52 -1.13 -7.38
CA TYR A 88 -4.08 0.19 -7.51
C TYR A 88 -4.91 0.20 -8.76
N ASP A 89 -6.16 0.54 -8.66
CA ASP A 89 -7.01 0.59 -9.84
C ASP A 89 -6.78 1.91 -10.54
N ARG A 90 -7.39 2.95 -10.03
CA ARG A 90 -7.18 4.32 -10.49
C ARG A 90 -8.01 5.25 -9.59
N ASP A 91 -8.26 4.76 -8.40
CA ASP A 91 -9.05 5.42 -7.42
C ASP A 91 -8.13 5.62 -6.22
N ARG A 92 -8.63 6.07 -5.15
CA ARG A 92 -7.82 6.30 -3.94
C ARG A 92 -7.92 5.08 -3.04
N THR A 93 -8.13 3.95 -3.65
CA THR A 93 -8.24 2.72 -2.96
C THR A 93 -7.25 1.69 -3.50
N PHE A 94 -6.62 0.99 -2.60
CA PHE A 94 -5.68 -0.05 -2.94
C PHE A 94 -6.18 -1.37 -2.42
N TYR A 95 -6.10 -2.37 -3.23
CA TYR A 95 -6.49 -3.68 -2.83
C TYR A 95 -5.22 -4.43 -2.51
N VAL A 96 -5.05 -4.76 -1.27
CA VAL A 96 -3.81 -5.37 -0.85
C VAL A 96 -3.96 -6.88 -0.76
N ILE A 97 -3.10 -7.57 -1.45
CA ILE A 97 -3.06 -9.00 -1.41
C ILE A 97 -1.85 -9.41 -0.58
N ILE A 98 -2.11 -10.05 0.53
CA ILE A 98 -1.04 -10.46 1.41
C ILE A 98 -0.81 -11.94 1.21
N TYR A 99 0.43 -12.32 1.02
CA TYR A 99 0.76 -13.71 0.92
C TYR A 99 0.96 -14.26 2.30
N GLY A 100 0.06 -15.13 2.67
CA GLY A 100 0.02 -15.68 3.98
C GLY A 100 -1.42 -15.90 4.35
N HIS A 101 -2.05 -14.84 4.86
CA HIS A 101 -3.48 -14.80 5.19
C HIS A 101 -3.87 -15.69 6.35
N ASN A 102 -4.52 -15.12 7.32
CA ASN A 102 -5.03 -15.88 8.44
C ASN A 102 -6.44 -16.35 8.09
N MET A 103 -6.70 -17.61 8.27
CA MET A 103 -7.99 -18.18 7.90
C MET A 103 -9.00 -17.87 9.01
N CYS A 104 -9.97 -17.03 8.68
CA CYS A 104 -11.00 -16.65 9.61
C CYS A 104 -12.26 -16.33 8.82
N MET A 3 -1.44 -5.14 -23.61
CA MET A 3 -2.42 -5.05 -24.70
C MET A 3 -3.50 -4.05 -24.35
N ALA A 4 -4.40 -4.44 -23.45
CA ALA A 4 -5.49 -3.57 -23.06
C ALA A 4 -5.27 -3.07 -21.64
N ASP A 5 -5.06 -1.79 -21.51
CA ASP A 5 -4.89 -1.16 -20.22
C ASP A 5 -6.04 -0.20 -19.99
N THR A 6 -7.01 -0.66 -19.26
CA THR A 6 -8.11 0.16 -18.90
C THR A 6 -7.88 0.63 -17.47
N GLY A 7 -7.27 -0.24 -16.71
CA GLY A 7 -6.97 0.00 -15.33
C GLY A 7 -6.54 -1.28 -14.70
N GLU A 8 -6.89 -1.45 -13.44
CA GLU A 8 -6.59 -2.64 -12.63
C GLU A 8 -5.16 -3.15 -12.82
N VAL A 9 -4.25 -2.52 -12.16
CA VAL A 9 -2.88 -2.94 -12.18
C VAL A 9 -2.42 -3.18 -10.77
N GLN A 10 -1.65 -4.20 -10.59
CA GLN A 10 -1.23 -4.60 -9.31
C GLN A 10 0.28 -4.61 -9.19
N PHE A 11 0.75 -4.29 -8.02
CA PHE A 11 2.17 -4.22 -7.74
C PHE A 11 2.44 -5.04 -6.50
N MET A 12 3.61 -5.62 -6.40
CA MET A 12 3.94 -6.45 -5.26
C MET A 12 5.21 -5.98 -4.62
N LYS A 13 5.28 -6.11 -3.32
CA LYS A 13 6.47 -5.80 -2.60
C LYS A 13 6.45 -6.63 -1.31
N PRO A 14 7.59 -7.18 -0.89
CA PRO A 14 7.69 -7.89 0.37
C PRO A 14 7.48 -6.93 1.54
N PHE A 15 6.87 -7.43 2.58
CA PHE A 15 6.68 -6.66 3.78
C PHE A 15 8.00 -6.64 4.53
N ILE A 16 8.55 -5.48 4.74
CA ILE A 16 9.78 -5.36 5.42
C ILE A 16 9.48 -4.79 6.78
N SER A 17 9.84 -5.53 7.80
CA SER A 17 9.49 -5.20 9.17
C SER A 17 10.20 -3.94 9.64
N GLU A 18 11.15 -3.48 8.86
CA GLU A 18 11.86 -2.28 9.19
C GLU A 18 11.00 -1.06 8.94
N LYS A 19 10.35 -1.01 7.77
CA LYS A 19 9.56 0.19 7.46
C LYS A 19 8.10 -0.07 7.40
N SER A 20 7.72 -1.18 6.78
CA SER A 20 6.34 -1.50 6.53
C SER A 20 5.60 -1.82 7.84
N SER A 21 6.32 -1.84 8.93
CA SER A 21 5.78 -2.12 10.22
C SER A 21 4.97 -0.96 10.77
N LYS A 22 5.27 0.26 10.33
CA LYS A 22 4.56 1.41 10.88
C LYS A 22 4.06 2.36 9.79
N SER A 23 4.71 2.32 8.66
CA SER A 23 4.42 3.22 7.58
C SER A 23 4.75 2.51 6.25
N LEU A 24 4.36 3.06 5.13
CA LEU A 24 4.70 2.43 3.87
C LEU A 24 5.81 3.09 3.14
N GLU A 25 6.71 2.27 2.76
CA GLU A 25 7.89 2.57 2.02
C GLU A 25 7.59 2.44 0.52
N ILE A 26 7.59 3.57 -0.18
CA ILE A 26 7.29 3.59 -1.59
C ILE A 26 8.51 3.99 -2.43
N PRO A 27 8.94 3.12 -3.36
CA PRO A 27 10.12 3.37 -4.22
C PRO A 27 9.90 4.54 -5.21
N LEU A 28 11.00 5.16 -5.59
CA LEU A 28 10.98 6.35 -6.44
C LEU A 28 10.54 6.04 -7.88
N GLY A 29 10.91 4.89 -8.38
CA GLY A 29 10.52 4.53 -9.74
C GLY A 29 9.01 4.36 -9.86
N PHE A 30 8.40 3.95 -8.76
CA PHE A 30 6.97 3.73 -8.68
C PHE A 30 6.23 5.08 -8.61
N ASN A 31 6.86 6.10 -8.02
CA ASN A 31 6.19 7.39 -7.92
C ASN A 31 6.23 8.11 -9.25
N GLU A 32 7.23 7.79 -10.06
CA GLU A 32 7.36 8.35 -11.39
C GLU A 32 6.34 7.70 -12.33
N TYR A 33 5.82 6.57 -11.91
CA TYR A 33 4.82 5.86 -12.67
C TYR A 33 3.47 6.56 -12.59
N PHE A 34 3.22 7.27 -11.49
CA PHE A 34 2.00 8.07 -11.35
C PHE A 34 2.14 9.14 -10.25
N PRO A 35 2.78 10.26 -10.56
CA PRO A 35 2.93 11.35 -9.64
C PRO A 35 1.67 12.17 -9.57
N ALA A 36 1.36 12.58 -8.40
CA ALA A 36 0.23 13.39 -8.12
C ALA A 36 0.58 14.22 -6.92
N PRO A 37 -0.11 15.37 -6.70
CA PRO A 37 0.08 16.16 -5.48
C PRO A 37 -0.21 15.28 -4.27
N PHE A 38 0.50 15.51 -3.17
CA PHE A 38 0.35 14.68 -2.04
C PHE A 38 -1.01 14.84 -1.36
N PRO A 39 -1.80 13.76 -1.34
CA PRO A 39 -3.12 13.78 -0.75
C PRO A 39 -3.05 13.70 0.77
N ILE A 40 -4.10 14.10 1.40
CA ILE A 40 -4.16 14.06 2.84
C ILE A 40 -4.45 12.65 3.27
N THR A 41 -5.37 12.01 2.56
CA THR A 41 -5.74 10.67 2.86
C THR A 41 -5.88 9.81 1.60
N VAL A 42 -5.63 8.54 1.79
CA VAL A 42 -5.71 7.48 0.82
C VAL A 42 -6.49 6.38 1.51
N ASP A 43 -7.06 5.45 0.80
CA ASP A 43 -7.85 4.44 1.47
C ASP A 43 -7.54 3.07 0.90
N LEU A 44 -7.28 2.13 1.78
CA LEU A 44 -6.89 0.79 1.41
C LEU A 44 -8.01 -0.19 1.71
N LEU A 45 -8.29 -1.04 0.77
CA LEU A 45 -9.35 -2.03 0.92
C LEU A 45 -8.75 -3.40 1.20
N ASP A 46 -9.43 -4.13 2.03
CA ASP A 46 -9.10 -5.50 2.33
C ASP A 46 -10.20 -6.39 1.79
N TYR A 47 -9.81 -7.58 1.38
CA TYR A 47 -10.70 -8.54 0.72
C TYR A 47 -11.88 -8.97 1.62
N SER A 48 -11.74 -8.84 2.93
CA SER A 48 -12.80 -9.23 3.84
C SER A 48 -13.86 -8.12 3.92
N GLY A 49 -13.54 -6.95 3.40
CA GLY A 49 -14.48 -5.84 3.43
C GLY A 49 -14.03 -4.72 4.31
N ARG A 50 -12.87 -4.88 4.91
CA ARG A 50 -12.31 -3.87 5.78
C ARG A 50 -11.65 -2.78 4.94
N SER A 51 -11.51 -1.61 5.50
CA SER A 51 -10.90 -0.51 4.81
C SER A 51 -10.22 0.42 5.79
N TRP A 52 -9.04 0.86 5.44
CA TRP A 52 -8.26 1.77 6.29
C TRP A 52 -7.90 3.00 5.54
N THR A 53 -8.15 4.12 6.12
CA THR A 53 -7.78 5.35 5.52
C THR A 53 -6.37 5.70 5.99
N VAL A 54 -5.46 5.71 5.07
CA VAL A 54 -4.05 5.89 5.33
C VAL A 54 -3.57 7.22 4.77
N ARG A 55 -2.51 7.72 5.31
CA ARG A 55 -1.95 8.98 4.86
C ARG A 55 -0.73 8.73 3.97
N MET A 56 -0.77 9.18 2.73
CA MET A 56 0.33 8.97 1.79
C MET A 56 0.78 10.31 1.26
N LYS A 57 2.03 10.62 1.41
CA LYS A 57 2.53 11.92 1.05
C LYS A 57 3.86 11.86 0.33
N LYS A 58 4.20 12.94 -0.33
CA LYS A 58 5.48 13.07 -0.98
C LYS A 58 6.39 13.64 0.07
N ARG A 59 7.48 13.02 0.25
CA ARG A 59 8.40 13.40 1.28
C ARG A 59 9.77 13.50 0.65
N GLY A 60 10.17 14.70 0.36
CA GLY A 60 11.41 14.89 -0.32
C GLY A 60 11.27 14.52 -1.77
N GLU A 61 11.93 13.47 -2.16
CA GLU A 61 11.88 13.00 -3.53
C GLU A 61 11.15 11.64 -3.59
N LYS A 62 10.82 11.11 -2.44
CA LYS A 62 10.21 9.82 -2.34
C LYS A 62 8.79 9.96 -1.82
N VAL A 63 8.07 8.88 -1.86
CA VAL A 63 6.74 8.87 -1.33
C VAL A 63 6.77 8.04 -0.07
N PHE A 64 6.28 8.60 0.98
CA PHE A 64 6.25 7.91 2.21
C PHE A 64 4.85 7.94 2.71
N LEU A 65 4.37 6.82 3.08
CA LEU A 65 3.05 6.71 3.59
C LEU A 65 3.15 6.57 5.08
N THR A 66 2.56 7.48 5.77
CA THR A 66 2.68 7.59 7.21
C THR A 66 1.49 6.87 7.95
N VAL A 67 1.07 7.45 9.07
CA VAL A 67 0.07 6.90 9.98
C VAL A 67 -1.25 6.58 9.24
N GLY A 68 -1.87 5.51 9.67
CA GLY A 68 -3.02 5.00 9.03
C GLY A 68 -2.79 3.57 8.70
N TRP A 69 -1.63 3.33 8.10
CA TRP A 69 -1.17 2.00 7.76
C TRP A 69 -0.94 1.19 9.01
N GLU A 70 -0.67 1.88 10.09
CA GLU A 70 -0.39 1.23 11.35
C GLU A 70 -1.63 0.48 11.83
N ASN A 71 -2.80 0.99 11.48
CA ASN A 71 -4.05 0.32 11.81
C ASN A 71 -4.20 -0.95 11.01
N PHE A 72 -3.73 -0.93 9.79
CA PHE A 72 -3.80 -2.07 8.88
C PHE A 72 -2.88 -3.16 9.39
N VAL A 73 -1.64 -2.79 9.69
CA VAL A 73 -0.64 -3.73 10.16
C VAL A 73 -1.08 -4.30 11.50
N LYS A 74 -1.74 -3.48 12.25
CA LYS A 74 -2.30 -3.85 13.52
C LYS A 74 -3.51 -4.79 13.33
N ASP A 75 -4.43 -4.41 12.45
CA ASP A 75 -5.68 -5.19 12.24
C ASP A 75 -5.50 -6.51 11.52
N ASN A 76 -4.65 -6.54 10.52
CA ASN A 76 -4.42 -7.79 9.79
C ASN A 76 -3.20 -8.52 10.30
N ASN A 77 -2.45 -7.82 11.14
CA ASN A 77 -1.20 -8.28 11.77
C ASN A 77 -0.17 -8.79 10.76
N LEU A 78 0.73 -7.92 10.36
CA LEU A 78 1.71 -8.30 9.37
C LEU A 78 3.13 -8.14 9.89
N GLU A 79 3.92 -9.13 9.66
CA GLU A 79 5.32 -9.14 9.95
C GLU A 79 6.10 -9.43 8.68
N ASP A 80 7.41 -9.27 8.72
CA ASP A 80 8.26 -9.51 7.54
C ASP A 80 8.15 -10.94 7.06
N GLY A 81 8.14 -11.11 5.76
CA GLY A 81 8.02 -12.42 5.19
C GLY A 81 6.81 -12.51 4.32
N LYS A 82 5.80 -11.73 4.65
CA LYS A 82 4.58 -11.69 3.87
C LYS A 82 4.76 -10.78 2.66
N TYR A 83 3.99 -11.03 1.65
CA TYR A 83 4.08 -10.27 0.42
C TYR A 83 2.74 -9.68 0.16
N LEU A 84 2.70 -8.47 -0.31
CA LEU A 84 1.45 -7.80 -0.55
C LEU A 84 1.36 -7.33 -1.96
N GLN A 85 0.17 -7.39 -2.51
CA GLN A 85 -0.09 -6.80 -3.80
C GLN A 85 -1.10 -5.71 -3.63
N PHE A 86 -0.86 -4.62 -4.29
CA PHE A 86 -1.73 -3.50 -4.26
C PHE A 86 -2.35 -3.36 -5.62
N ILE A 87 -3.66 -3.48 -5.69
CA ILE A 87 -4.35 -3.34 -6.95
C ILE A 87 -4.90 -1.93 -7.04
N TYR A 88 -4.38 -1.17 -7.96
CA TYR A 88 -4.76 0.21 -8.15
C TYR A 88 -5.09 0.51 -9.62
N ASP A 89 -5.86 1.55 -9.85
CA ASP A 89 -6.12 2.03 -11.22
C ASP A 89 -5.36 3.33 -11.45
N ARG A 90 -4.27 3.48 -10.68
CA ARG A 90 -3.39 4.70 -10.66
C ARG A 90 -4.04 5.84 -9.92
N ASP A 91 -5.08 5.54 -9.21
CA ASP A 91 -5.78 6.50 -8.42
C ASP A 91 -5.27 6.41 -7.00
N ARG A 92 -6.04 6.90 -6.08
CA ARG A 92 -5.64 6.96 -4.68
C ARG A 92 -6.31 5.91 -3.81
N THR A 93 -6.91 4.90 -4.38
CA THR A 93 -7.39 3.83 -3.54
C THR A 93 -6.73 2.51 -3.96
N PHE A 94 -6.35 1.69 -3.01
CA PHE A 94 -5.65 0.46 -3.32
C PHE A 94 -6.32 -0.72 -2.66
N TYR A 95 -6.46 -1.81 -3.39
CA TYR A 95 -6.96 -3.03 -2.82
C TYR A 95 -5.76 -3.84 -2.42
N VAL A 96 -5.65 -4.18 -1.16
CA VAL A 96 -4.47 -4.86 -0.67
C VAL A 96 -4.74 -6.34 -0.45
N ILE A 97 -4.03 -7.16 -1.18
CA ILE A 97 -4.12 -8.60 -1.01
C ILE A 97 -2.79 -9.13 -0.50
N ILE A 98 -2.83 -9.81 0.60
CA ILE A 98 -1.64 -10.37 1.22
C ILE A 98 -1.48 -11.81 0.74
N TYR A 99 -0.26 -12.20 0.49
CA TYR A 99 0.02 -13.54 0.06
C TYR A 99 0.15 -14.47 1.24
N GLY A 100 -0.36 -15.65 1.05
CA GLY A 100 -0.38 -16.67 2.05
C GLY A 100 -1.56 -17.55 1.78
N HIS A 101 -1.69 -18.62 2.49
CA HIS A 101 -2.83 -19.49 2.29
C HIS A 101 -3.86 -19.17 3.34
N ASN A 102 -3.40 -19.08 4.57
CA ASN A 102 -4.24 -18.75 5.70
C ASN A 102 -3.33 -18.26 6.82
N MET A 103 -3.27 -16.94 6.97
CA MET A 103 -2.39 -16.30 7.94
C MET A 103 -2.71 -16.69 9.36
N CYS A 104 -1.79 -17.41 9.97
CA CYS A 104 -1.91 -17.82 11.33
C CYS A 104 -0.49 -18.11 11.84
N MET A 3 1.48 -1.79 -24.32
CA MET A 3 0.80 -1.72 -23.02
C MET A 3 0.27 -0.34 -22.79
N ALA A 4 -0.94 -0.27 -22.32
CA ALA A 4 -1.58 0.97 -21.97
C ALA A 4 -2.64 0.68 -20.94
N ASP A 5 -2.29 0.83 -19.70
CA ASP A 5 -3.17 0.54 -18.59
C ASP A 5 -3.54 1.82 -17.89
N THR A 6 -4.63 2.42 -18.30
CA THR A 6 -5.10 3.66 -17.72
C THR A 6 -6.02 3.36 -16.51
N GLY A 7 -6.44 2.12 -16.43
CA GLY A 7 -7.27 1.71 -15.35
C GLY A 7 -6.47 1.27 -14.16
N GLU A 8 -6.58 0.03 -13.84
CA GLU A 8 -5.93 -0.54 -12.70
C GLU A 8 -4.53 -1.06 -13.03
N VAL A 9 -3.57 -0.65 -12.25
CA VAL A 9 -2.21 -1.14 -12.39
C VAL A 9 -1.81 -1.84 -11.10
N GLN A 10 -1.08 -2.90 -11.22
CA GLN A 10 -0.72 -3.69 -10.08
C GLN A 10 0.78 -3.69 -9.86
N PHE A 11 1.16 -3.73 -8.61
CA PHE A 11 2.56 -3.83 -8.24
C PHE A 11 2.69 -4.77 -7.04
N MET A 12 3.82 -5.44 -6.95
CA MET A 12 4.08 -6.37 -5.85
C MET A 12 5.39 -6.00 -5.17
N LYS A 13 5.46 -6.17 -3.87
CA LYS A 13 6.67 -5.88 -3.15
C LYS A 13 6.80 -6.73 -1.89
N PRO A 14 8.03 -7.11 -1.53
CA PRO A 14 8.31 -7.75 -0.25
C PRO A 14 8.28 -6.71 0.86
N PHE A 15 7.87 -7.10 2.02
CA PHE A 15 7.78 -6.19 3.15
C PHE A 15 8.83 -6.45 4.19
N ILE A 16 9.42 -5.39 4.67
CA ILE A 16 10.39 -5.48 5.72
C ILE A 16 9.73 -4.86 6.93
N SER A 17 9.48 -5.68 7.93
CA SER A 17 8.68 -5.32 9.11
C SER A 17 9.30 -4.15 9.91
N GLU A 18 10.54 -3.80 9.61
CA GLU A 18 11.22 -2.70 10.27
C GLU A 18 10.72 -1.39 9.72
N LYS A 19 10.29 -1.39 8.48
CA LYS A 19 9.82 -0.18 7.84
C LYS A 19 8.34 -0.18 7.70
N SER A 20 7.79 -1.35 7.43
CA SER A 20 6.39 -1.51 7.24
C SER A 20 5.65 -1.46 8.58
N SER A 21 6.40 -1.22 9.64
CA SER A 21 5.83 -1.03 10.94
C SER A 21 5.16 0.34 11.06
N LYS A 22 5.67 1.33 10.34
CA LYS A 22 5.07 2.66 10.40
C LYS A 22 4.58 3.11 9.05
N SER A 23 5.37 2.87 8.02
CA SER A 23 5.06 3.38 6.73
C SER A 23 5.23 2.35 5.63
N LEU A 24 4.40 2.43 4.65
CA LEU A 24 4.51 1.54 3.50
C LEU A 24 5.38 2.26 2.49
N GLU A 25 6.54 1.71 2.22
CA GLU A 25 7.48 2.30 1.29
C GLU A 25 7.13 1.96 -0.16
N ILE A 26 6.99 2.97 -0.99
CA ILE A 26 6.73 2.76 -2.40
C ILE A 26 8.04 2.94 -3.16
N PRO A 27 8.51 1.89 -3.87
CA PRO A 27 9.72 1.94 -4.68
C PRO A 27 9.62 3.01 -5.76
N LEU A 28 10.75 3.66 -6.03
CA LEU A 28 10.85 4.76 -6.99
C LEU A 28 10.22 4.41 -8.35
N GLY A 29 10.48 3.20 -8.82
CA GLY A 29 9.97 2.77 -10.12
C GLY A 29 8.45 2.81 -10.23
N PHE A 30 7.77 2.54 -9.14
CA PHE A 30 6.32 2.56 -9.15
C PHE A 30 5.84 3.99 -8.82
N ASN A 31 6.70 4.74 -8.16
CA ASN A 31 6.40 6.12 -7.81
C ASN A 31 6.45 7.02 -9.06
N GLU A 32 7.48 6.80 -9.89
CA GLU A 32 7.66 7.54 -11.16
C GLU A 32 6.49 7.28 -12.11
N TYR A 33 5.75 6.24 -11.81
CA TYR A 33 4.70 5.79 -12.66
C TYR A 33 3.44 6.66 -12.51
N PHE A 34 3.24 7.28 -11.33
CA PHE A 34 2.02 8.08 -11.17
C PHE A 34 2.12 9.35 -10.26
N PRO A 35 2.78 10.43 -10.72
CA PRO A 35 2.66 11.73 -10.09
C PRO A 35 1.20 12.13 -9.99
N ALA A 36 0.85 12.65 -8.86
CA ALA A 36 -0.53 12.95 -8.56
C ALA A 36 -0.58 14.11 -7.60
N PRO A 37 -1.73 14.80 -7.48
CA PRO A 37 -1.91 15.82 -6.47
C PRO A 37 -1.68 15.19 -5.10
N PHE A 38 -0.98 15.86 -4.22
CA PHE A 38 -0.65 15.32 -2.96
C PHE A 38 -1.89 15.17 -2.07
N PRO A 39 -2.23 13.94 -1.70
CA PRO A 39 -3.35 13.68 -0.85
C PRO A 39 -2.96 13.66 0.61
N ILE A 40 -3.92 13.84 1.45
CA ILE A 40 -3.69 13.77 2.87
C ILE A 40 -4.13 12.39 3.34
N THR A 41 -5.14 11.84 2.67
CA THR A 41 -5.69 10.57 3.04
C THR A 41 -5.96 9.72 1.77
N VAL A 42 -5.89 8.42 1.96
CA VAL A 42 -6.05 7.38 0.94
C VAL A 42 -6.70 6.15 1.63
N ASP A 43 -7.34 5.27 0.90
CA ASP A 43 -7.94 4.08 1.50
C ASP A 43 -7.35 2.81 0.94
N LEU A 44 -7.14 1.85 1.81
CA LEU A 44 -6.62 0.55 1.44
C LEU A 44 -7.71 -0.48 1.63
N LEU A 45 -7.97 -1.23 0.61
CA LEU A 45 -8.99 -2.26 0.67
C LEU A 45 -8.34 -3.61 0.81
N ASP A 46 -9.00 -4.50 1.49
CA ASP A 46 -8.54 -5.86 1.68
C ASP A 46 -9.44 -6.80 0.95
N TYR A 47 -8.82 -7.76 0.30
CA TYR A 47 -9.47 -8.70 -0.59
C TYR A 47 -10.40 -9.67 0.16
N SER A 48 -10.27 -9.74 1.46
CA SER A 48 -11.12 -10.60 2.24
C SER A 48 -12.30 -9.79 2.84
N GLY A 49 -12.21 -8.46 2.80
CA GLY A 49 -13.31 -7.65 3.28
C GLY A 49 -12.89 -6.45 4.10
N ARG A 50 -11.71 -6.50 4.70
CA ARG A 50 -11.20 -5.42 5.56
C ARG A 50 -10.89 -4.14 4.78
N SER A 51 -10.85 -3.03 5.47
CA SER A 51 -10.49 -1.77 4.86
C SER A 51 -9.82 -0.86 5.89
N TRP A 52 -8.77 -0.21 5.48
CA TRP A 52 -8.04 0.70 6.34
C TRP A 52 -7.81 2.03 5.67
N THR A 53 -8.00 3.07 6.39
CA THR A 53 -7.78 4.39 5.90
C THR A 53 -6.34 4.81 6.25
N VAL A 54 -5.59 5.20 5.25
CA VAL A 54 -4.17 5.49 5.41
C VAL A 54 -3.83 6.90 4.90
N ARG A 55 -2.78 7.45 5.40
CA ARG A 55 -2.31 8.73 4.92
C ARG A 55 -1.08 8.50 4.04
N MET A 56 -1.15 8.92 2.81
CA MET A 56 -0.05 8.73 1.88
C MET A 56 0.30 10.05 1.26
N LYS A 57 1.56 10.42 1.34
CA LYS A 57 2.01 11.70 0.82
C LYS A 57 3.09 11.50 -0.23
N LYS A 58 2.96 12.21 -1.32
CA LYS A 58 3.95 12.21 -2.34
C LYS A 58 4.88 13.35 -2.02
N ARG A 59 6.06 13.03 -1.65
CA ARG A 59 7.01 14.04 -1.22
C ARG A 59 8.40 13.60 -1.61
N GLY A 60 9.05 14.41 -2.39
CA GLY A 60 10.38 14.10 -2.81
C GLY A 60 10.39 13.09 -3.91
N GLU A 61 11.26 12.13 -3.82
CA GLU A 61 11.35 11.11 -4.82
C GLU A 61 10.91 9.76 -4.29
N LYS A 62 10.59 9.71 -3.01
CA LYS A 62 10.10 8.51 -2.41
C LYS A 62 8.83 8.79 -1.67
N VAL A 63 7.83 8.03 -1.93
CA VAL A 63 6.58 8.23 -1.32
C VAL A 63 6.27 7.11 -0.36
N PHE A 64 5.60 7.44 0.69
CA PHE A 64 5.33 6.50 1.71
C PHE A 64 3.92 6.62 2.18
N LEU A 65 3.31 5.52 2.48
CA LEU A 65 2.05 5.54 3.12
C LEU A 65 2.35 5.58 4.60
N THR A 66 2.21 6.74 5.15
CA THR A 66 2.57 7.03 6.51
C THR A 66 1.51 6.51 7.52
N VAL A 67 1.26 7.30 8.56
CA VAL A 67 0.34 6.93 9.62
C VAL A 67 -1.04 6.58 9.03
N GLY A 68 -1.63 5.58 9.58
CA GLY A 68 -2.84 5.04 9.02
C GLY A 68 -2.56 3.62 8.61
N TRP A 69 -1.38 3.43 8.04
CA TRP A 69 -0.87 2.12 7.67
C TRP A 69 -0.63 1.31 8.94
N GLU A 70 -0.47 2.01 10.04
CA GLU A 70 -0.20 1.36 11.29
C GLU A 70 -1.43 0.56 11.73
N ASN A 71 -2.62 1.06 11.40
CA ASN A 71 -3.86 0.34 11.71
C ASN A 71 -3.92 -0.94 10.94
N PHE A 72 -3.36 -0.90 9.77
CA PHE A 72 -3.33 -2.01 8.86
C PHE A 72 -2.39 -3.06 9.40
N VAL A 73 -1.17 -2.63 9.72
CA VAL A 73 -0.13 -3.53 10.18
C VAL A 73 -0.52 -4.17 11.50
N LYS A 74 -1.09 -3.36 12.35
CA LYS A 74 -1.54 -3.77 13.64
C LYS A 74 -2.77 -4.68 13.56
N ASP A 75 -3.78 -4.26 12.79
CA ASP A 75 -5.05 -5.01 12.77
C ASP A 75 -4.98 -6.28 11.95
N ASN A 76 -4.23 -6.26 10.87
CA ASN A 76 -4.10 -7.45 10.02
C ASN A 76 -2.98 -8.32 10.54
N ASN A 77 -2.10 -7.71 11.32
CA ASN A 77 -0.91 -8.33 11.91
C ASN A 77 -0.02 -8.96 10.83
N LEU A 78 0.83 -8.15 10.24
CA LEU A 78 1.72 -8.66 9.23
C LEU A 78 3.17 -8.34 9.54
N GLU A 79 4.01 -9.15 8.98
CA GLU A 79 5.43 -9.14 9.20
C GLU A 79 6.13 -9.49 7.91
N ASP A 80 7.44 -9.37 7.92
CA ASP A 80 8.25 -9.81 6.79
C ASP A 80 8.00 -11.30 6.56
N GLY A 81 7.72 -11.65 5.33
CA GLY A 81 7.39 -13.03 5.01
C GLY A 81 6.06 -13.11 4.32
N LYS A 82 5.27 -12.07 4.50
CA LYS A 82 4.00 -11.94 3.82
C LYS A 82 4.16 -11.02 2.62
N TYR A 83 3.42 -11.30 1.57
CA TYR A 83 3.57 -10.57 0.32
C TYR A 83 2.29 -9.91 -0.03
N LEU A 84 2.36 -8.71 -0.54
CA LEU A 84 1.20 -7.95 -0.85
C LEU A 84 1.27 -7.36 -2.24
N GLN A 85 0.18 -7.43 -2.94
CA GLN A 85 0.02 -6.80 -4.22
C GLN A 85 -0.96 -5.67 -4.13
N PHE A 86 -0.61 -4.57 -4.72
CA PHE A 86 -1.42 -3.38 -4.67
C PHE A 86 -1.90 -3.03 -6.04
N ILE A 87 -3.19 -2.89 -6.16
CA ILE A 87 -3.81 -2.50 -7.39
C ILE A 87 -4.25 -1.04 -7.27
N TYR A 88 -3.70 -0.19 -8.12
CA TYR A 88 -4.01 1.23 -8.14
C TYR A 88 -4.88 1.56 -9.34
N ASP A 89 -6.04 2.17 -9.12
CA ASP A 89 -7.02 2.43 -10.19
C ASP A 89 -7.07 3.93 -10.55
N ARG A 90 -6.08 4.69 -10.07
CA ARG A 90 -5.99 6.15 -10.26
C ARG A 90 -6.78 6.98 -9.27
N ASP A 91 -7.46 6.32 -8.36
CA ASP A 91 -8.14 7.02 -7.33
C ASP A 91 -7.25 6.88 -6.11
N ARG A 92 -7.75 7.16 -4.99
CA ARG A 92 -7.02 7.06 -3.77
C ARG A 92 -7.43 5.80 -3.05
N THR A 93 -7.62 4.76 -3.83
CA THR A 93 -7.97 3.46 -3.35
C THR A 93 -7.00 2.41 -3.85
N PHE A 94 -6.32 1.77 -2.95
CA PHE A 94 -5.45 0.67 -3.31
C PHE A 94 -6.10 -0.62 -2.88
N TYR A 95 -6.22 -1.53 -3.79
CA TYR A 95 -6.77 -2.82 -3.47
C TYR A 95 -5.61 -3.71 -3.12
N VAL A 96 -5.60 -4.21 -1.91
CA VAL A 96 -4.50 -4.97 -1.43
C VAL A 96 -4.84 -6.46 -1.36
N ILE A 97 -4.04 -7.27 -1.98
CA ILE A 97 -4.17 -8.70 -1.87
C ILE A 97 -2.95 -9.24 -1.11
N ILE A 98 -3.20 -9.85 0.03
CA ILE A 98 -2.14 -10.31 0.94
C ILE A 98 -1.95 -11.81 0.83
N TYR A 99 -0.72 -12.23 0.74
CA TYR A 99 -0.38 -13.63 0.70
C TYR A 99 0.21 -14.00 2.03
N GLY A 100 -0.47 -14.85 2.73
CA GLY A 100 -0.08 -15.23 4.04
C GLY A 100 -1.14 -14.83 5.02
N HIS A 101 -1.77 -15.79 5.62
CA HIS A 101 -2.89 -15.53 6.51
C HIS A 101 -2.78 -16.44 7.71
N ASN A 102 -2.98 -15.88 8.88
CA ASN A 102 -2.89 -16.64 10.12
C ASN A 102 -4.22 -17.33 10.43
N MET A 103 -4.15 -18.58 10.83
CA MET A 103 -5.36 -19.31 11.16
C MET A 103 -5.53 -19.40 12.68
N CYS A 104 -4.43 -19.46 13.38
CA CYS A 104 -4.46 -19.57 14.82
C CYS A 104 -4.37 -18.20 15.48
N MET A 3 -4.06 5.55 -24.70
CA MET A 3 -4.88 4.33 -24.86
C MET A 3 -4.19 3.10 -24.29
N ALA A 4 -2.85 3.11 -24.26
CA ALA A 4 -2.09 1.99 -23.66
C ALA A 4 -2.28 2.02 -22.16
N ASP A 5 -2.62 3.17 -21.71
CA ASP A 5 -2.94 3.46 -20.34
C ASP A 5 -4.44 3.23 -20.14
N THR A 6 -4.77 2.13 -19.52
CA THR A 6 -6.16 1.82 -19.30
C THR A 6 -6.61 2.27 -17.92
N GLY A 7 -6.01 1.71 -16.91
CA GLY A 7 -6.36 2.13 -15.58
C GLY A 7 -6.39 1.02 -14.60
N GLU A 8 -5.33 0.31 -14.55
CA GLU A 8 -5.13 -0.77 -13.60
C GLU A 8 -3.68 -1.14 -13.58
N VAL A 9 -3.07 -1.02 -12.43
CA VAL A 9 -1.69 -1.38 -12.24
C VAL A 9 -1.58 -2.16 -10.95
N GLN A 10 -0.63 -3.02 -10.85
CA GLN A 10 -0.48 -3.81 -9.68
C GLN A 10 0.95 -3.76 -9.19
N PHE A 11 1.12 -3.87 -7.90
CA PHE A 11 2.41 -3.78 -7.28
C PHE A 11 2.56 -4.84 -6.20
N MET A 12 3.77 -5.29 -6.00
CA MET A 12 4.10 -6.27 -5.00
C MET A 12 5.38 -5.84 -4.29
N LYS A 13 5.41 -5.96 -2.99
CA LYS A 13 6.58 -5.62 -2.21
C LYS A 13 6.63 -6.37 -0.90
N PRO A 14 7.77 -6.97 -0.55
CA PRO A 14 7.97 -7.50 0.77
C PRO A 14 8.16 -6.32 1.75
N PHE A 15 7.47 -6.35 2.84
CA PHE A 15 7.52 -5.25 3.79
C PHE A 15 8.44 -5.59 4.95
N ILE A 16 9.18 -4.61 5.40
CA ILE A 16 10.18 -4.83 6.42
C ILE A 16 9.66 -4.31 7.75
N SER A 17 9.65 -5.17 8.76
CA SER A 17 9.09 -4.85 10.09
C SER A 17 9.87 -3.69 10.80
N GLU A 18 10.99 -3.34 10.25
CA GLU A 18 11.79 -2.26 10.76
C GLU A 18 11.12 -0.93 10.41
N LYS A 19 10.66 -0.79 9.17
CA LYS A 19 10.10 0.48 8.73
C LYS A 19 8.60 0.38 8.51
N SER A 20 8.17 -0.72 7.92
CA SER A 20 6.79 -0.91 7.51
C SER A 20 5.85 -1.14 8.70
N SER A 21 6.38 -1.13 9.91
CA SER A 21 5.54 -1.25 11.10
C SER A 21 4.78 0.04 11.39
N LYS A 22 5.19 1.14 10.80
CA LYS A 22 4.47 2.38 11.05
C LYS A 22 4.05 3.03 9.73
N SER A 23 4.80 2.79 8.68
CA SER A 23 4.50 3.36 7.38
C SER A 23 5.04 2.42 6.29
N LEU A 24 4.38 2.39 5.16
CA LEU A 24 4.81 1.57 4.05
C LEU A 24 5.51 2.47 3.04
N GLU A 25 6.76 2.17 2.80
CA GLU A 25 7.58 2.95 1.88
C GLU A 25 7.31 2.50 0.46
N ILE A 26 7.09 3.44 -0.42
CA ILE A 26 6.90 3.15 -1.83
C ILE A 26 8.24 3.33 -2.54
N PRO A 27 8.70 2.31 -3.29
CA PRO A 27 9.97 2.38 -4.03
C PRO A 27 10.01 3.55 -5.01
N LEU A 28 11.19 4.12 -5.15
CA LEU A 28 11.40 5.29 -5.97
C LEU A 28 11.08 5.00 -7.44
N GLY A 29 11.33 3.77 -7.86
CA GLY A 29 11.04 3.36 -9.21
C GLY A 29 9.55 3.28 -9.49
N PHE A 30 8.78 2.94 -8.48
CA PHE A 30 7.33 2.83 -8.65
C PHE A 30 6.73 4.24 -8.58
N ASN A 31 7.39 5.11 -7.84
CA ASN A 31 7.02 6.53 -7.79
C ASN A 31 7.29 7.18 -9.14
N GLU A 32 8.39 6.77 -9.75
CA GLU A 32 8.82 7.27 -11.06
C GLU A 32 7.78 6.84 -12.10
N TYR A 33 7.13 5.73 -11.82
CA TYR A 33 6.18 5.12 -12.70
C TYR A 33 4.91 5.98 -12.87
N PHE A 34 4.57 6.78 -11.85
CA PHE A 34 3.41 7.65 -11.97
C PHE A 34 3.50 8.85 -11.00
N PRO A 35 3.57 10.08 -11.54
CA PRO A 35 3.49 11.28 -10.75
C PRO A 35 2.06 11.51 -10.31
N ALA A 36 1.90 12.03 -9.13
CA ALA A 36 0.60 12.25 -8.57
C ALA A 36 0.63 13.45 -7.64
N PRO A 37 -0.43 14.25 -7.62
CA PRO A 37 -0.56 15.38 -6.71
C PRO A 37 -0.64 14.88 -5.27
N PHE A 38 -0.29 15.72 -4.31
CA PHE A 38 -0.26 15.33 -2.92
C PHE A 38 -1.67 15.09 -2.37
N PRO A 39 -1.97 13.84 -1.99
CA PRO A 39 -3.24 13.48 -1.40
C PRO A 39 -3.15 13.47 0.13
N ILE A 40 -4.27 13.56 0.79
CA ILE A 40 -4.27 13.50 2.22
C ILE A 40 -4.44 12.05 2.65
N THR A 41 -5.54 11.45 2.31
CA THR A 41 -5.79 10.09 2.67
C THR A 41 -6.15 9.24 1.46
N VAL A 42 -5.84 7.97 1.56
CA VAL A 42 -6.14 6.98 0.54
C VAL A 42 -6.67 5.74 1.27
N ASP A 43 -7.34 4.83 0.59
CA ASP A 43 -7.96 3.69 1.30
C ASP A 43 -7.33 2.37 0.93
N LEU A 44 -7.25 1.51 1.93
CA LEU A 44 -6.77 0.17 1.77
C LEU A 44 -7.99 -0.73 1.92
N LEU A 45 -8.29 -1.49 0.91
CA LEU A 45 -9.44 -2.37 0.95
C LEU A 45 -9.03 -3.80 1.14
N ASP A 46 -9.76 -4.47 1.97
CA ASP A 46 -9.53 -5.85 2.30
C ASP A 46 -10.67 -6.72 1.79
N TYR A 47 -10.33 -7.93 1.40
CA TYR A 47 -11.26 -8.88 0.81
C TYR A 47 -12.22 -9.49 1.85
N SER A 48 -11.86 -9.40 3.12
CA SER A 48 -12.73 -9.89 4.17
C SER A 48 -13.89 -8.90 4.34
N GLY A 49 -13.58 -7.62 4.20
CA GLY A 49 -14.59 -6.60 4.26
C GLY A 49 -14.14 -5.38 5.01
N ARG A 50 -12.94 -5.40 5.51
CA ARG A 50 -12.43 -4.28 6.27
C ARG A 50 -11.75 -3.25 5.37
N SER A 51 -11.66 -2.06 5.86
CA SER A 51 -10.99 -1.00 5.15
C SER A 51 -10.23 -0.11 6.11
N TRP A 52 -9.03 0.25 5.75
CA TRP A 52 -8.21 1.14 6.54
C TRP A 52 -7.87 2.36 5.71
N THR A 53 -8.05 3.52 6.25
CA THR A 53 -7.72 4.72 5.55
C THR A 53 -6.31 5.18 5.97
N VAL A 54 -5.42 5.27 5.02
CA VAL A 54 -4.05 5.62 5.27
C VAL A 54 -3.74 7.02 4.72
N ARG A 55 -2.77 7.66 5.31
CA ARG A 55 -2.38 8.99 4.94
C ARG A 55 -1.11 8.86 4.08
N MET A 56 -1.18 9.38 2.88
CA MET A 56 -0.16 9.17 1.85
C MET A 56 0.62 10.44 1.59
N LYS A 57 1.93 10.34 1.60
CA LYS A 57 2.80 11.48 1.31
C LYS A 57 3.68 11.18 0.15
N LYS A 58 3.65 12.03 -0.83
CA LYS A 58 4.55 11.94 -1.94
C LYS A 58 5.56 13.01 -1.84
N ARG A 59 6.78 12.62 -1.88
CA ARG A 59 7.89 13.50 -1.72
C ARG A 59 8.90 13.21 -2.80
N GLY A 60 8.85 14.01 -3.83
CA GLY A 60 9.77 13.93 -4.94
C GLY A 60 9.87 12.55 -5.58
N GLU A 61 10.88 11.82 -5.17
CA GLU A 61 11.23 10.57 -5.77
C GLU A 61 10.62 9.40 -5.01
N LYS A 62 10.00 9.66 -3.88
CA LYS A 62 9.47 8.60 -3.07
C LYS A 62 8.08 8.93 -2.51
N VAL A 63 7.39 7.91 -2.06
CA VAL A 63 6.08 8.04 -1.45
C VAL A 63 6.03 7.21 -0.17
N PHE A 64 5.32 7.68 0.83
CA PHE A 64 5.14 6.94 2.06
C PHE A 64 3.68 6.84 2.41
N LEU A 65 3.25 5.65 2.74
CA LEU A 65 1.93 5.44 3.27
C LEU A 65 2.09 5.40 4.76
N THR A 66 1.74 6.44 5.43
CA THR A 66 2.09 6.57 6.83
C THR A 66 1.02 6.10 7.81
N VAL A 67 0.38 7.05 8.44
CA VAL A 67 -0.63 6.80 9.45
C VAL A 67 -1.83 6.12 8.80
N GLY A 68 -2.36 5.12 9.45
CA GLY A 68 -3.44 4.37 8.87
C GLY A 68 -2.99 3.01 8.46
N TRP A 69 -1.84 2.96 7.78
CA TRP A 69 -1.20 1.70 7.43
C TRP A 69 -0.84 1.02 8.71
N GLU A 70 -0.53 1.85 9.68
CA GLU A 70 -0.17 1.43 10.99
C GLU A 70 -1.33 0.65 11.64
N ASN A 71 -2.55 1.05 11.32
CA ASN A 71 -3.73 0.39 11.85
C ASN A 71 -3.84 -1.00 11.27
N PHE A 72 -3.50 -1.11 10.02
CA PHE A 72 -3.56 -2.35 9.27
C PHE A 72 -2.47 -3.29 9.70
N VAL A 73 -1.25 -2.76 9.79
CA VAL A 73 -0.10 -3.57 10.15
C VAL A 73 -0.29 -4.14 11.55
N LYS A 74 -0.75 -3.31 12.46
CA LYS A 74 -1.01 -3.72 13.82
C LYS A 74 -2.24 -4.61 13.94
N ASP A 75 -3.36 -4.20 13.32
CA ASP A 75 -4.66 -4.91 13.51
C ASP A 75 -4.72 -6.25 12.79
N ASN A 76 -4.14 -6.32 11.61
CA ASN A 76 -4.20 -7.55 10.83
C ASN A 76 -3.08 -8.50 11.26
N ASN A 77 -2.07 -7.94 11.93
CA ASN A 77 -0.88 -8.70 12.37
C ASN A 77 -0.08 -9.24 11.20
N LEU A 78 0.91 -8.51 10.81
CA LEU A 78 1.78 -8.90 9.75
C LEU A 78 3.17 -8.32 9.89
N GLU A 79 4.16 -9.15 9.68
CA GLU A 79 5.56 -8.81 9.86
C GLU A 79 6.33 -9.29 8.64
N ASP A 80 7.61 -8.91 8.53
CA ASP A 80 8.44 -9.30 7.38
C ASP A 80 8.45 -10.80 7.20
N GLY A 81 8.12 -11.23 6.01
CA GLY A 81 8.03 -12.63 5.72
C GLY A 81 6.73 -12.97 5.05
N LYS A 82 5.75 -12.11 5.23
CA LYS A 82 4.45 -12.28 4.59
C LYS A 82 4.45 -11.47 3.30
N TYR A 83 3.52 -11.74 2.39
CA TYR A 83 3.55 -11.07 1.12
C TYR A 83 2.20 -10.57 0.74
N LEU A 84 2.18 -9.39 0.19
CA LEU A 84 0.97 -8.76 -0.24
C LEU A 84 1.18 -8.13 -1.59
N GLN A 85 0.13 -8.07 -2.35
CA GLN A 85 0.13 -7.47 -3.66
C GLN A 85 -1.00 -6.46 -3.71
N PHE A 86 -0.74 -5.32 -4.26
CA PHE A 86 -1.74 -4.26 -4.35
C PHE A 86 -2.22 -4.10 -5.76
N ILE A 87 -3.51 -4.09 -5.93
CA ILE A 87 -4.09 -3.79 -7.21
C ILE A 87 -4.66 -2.39 -7.15
N TYR A 88 -4.26 -1.57 -8.07
CA TYR A 88 -4.73 -0.22 -8.14
C TYR A 88 -5.63 -0.09 -9.33
N ASP A 89 -6.83 0.41 -9.14
CA ASP A 89 -7.73 0.60 -10.27
C ASP A 89 -7.47 1.97 -10.88
N ARG A 90 -6.39 2.60 -10.42
CA ARG A 90 -5.98 3.94 -10.79
C ARG A 90 -6.92 4.94 -10.16
N ASP A 91 -6.64 5.21 -8.91
CA ASP A 91 -7.40 6.03 -8.02
C ASP A 91 -6.59 5.99 -6.73
N ARG A 92 -7.17 6.31 -5.63
CA ARG A 92 -6.50 6.26 -4.34
C ARG A 92 -6.99 5.03 -3.58
N THR A 93 -7.50 4.10 -4.33
CA THR A 93 -8.04 2.89 -3.80
C THR A 93 -7.05 1.74 -3.99
N PHE A 94 -6.60 1.17 -2.88
CA PHE A 94 -5.66 0.07 -2.89
C PHE A 94 -6.37 -1.23 -2.53
N TYR A 95 -6.30 -2.20 -3.39
CA TYR A 95 -6.83 -3.50 -3.08
C TYR A 95 -5.68 -4.41 -2.68
N VAL A 96 -5.68 -4.87 -1.44
CA VAL A 96 -4.57 -5.65 -0.93
C VAL A 96 -4.82 -7.16 -0.98
N ILE A 97 -3.97 -7.85 -1.68
CA ILE A 97 -4.04 -9.29 -1.75
C ILE A 97 -2.92 -9.88 -0.91
N ILE A 98 -3.28 -10.58 0.10
CA ILE A 98 -2.33 -11.27 0.96
C ILE A 98 -2.33 -12.71 0.50
N TYR A 99 -1.18 -13.32 0.48
CA TYR A 99 -1.10 -14.68 0.06
C TYR A 99 -1.40 -15.58 1.23
N GLY A 100 -2.37 -16.43 1.05
CA GLY A 100 -2.91 -17.20 2.13
C GLY A 100 -3.95 -16.35 2.81
N HIS A 101 -4.41 -16.74 3.97
CA HIS A 101 -5.34 -15.87 4.66
C HIS A 101 -4.53 -14.87 5.45
N ASN A 102 -3.56 -15.41 6.16
CA ASN A 102 -2.61 -14.66 6.98
C ASN A 102 -1.83 -15.68 7.76
N MET A 103 -0.56 -15.77 7.47
CA MET A 103 0.30 -16.72 8.14
C MET A 103 0.55 -16.28 9.57
N CYS A 104 -0.31 -16.71 10.44
CA CYS A 104 -0.27 -16.35 11.81
C CYS A 104 -0.97 -17.46 12.57
N MET A 3 -8.56 -1.59 -25.31
CA MET A 3 -8.44 -1.72 -23.86
C MET A 3 -9.77 -1.37 -23.21
N ALA A 4 -10.49 -2.38 -22.73
CA ALA A 4 -11.82 -2.19 -22.13
C ALA A 4 -11.74 -1.62 -20.72
N ASP A 5 -10.58 -1.69 -20.15
CA ASP A 5 -10.34 -1.17 -18.82
C ASP A 5 -9.54 0.12 -18.99
N THR A 6 -9.38 0.91 -17.95
CA THR A 6 -8.61 2.13 -18.07
C THR A 6 -7.10 1.81 -18.04
N GLY A 7 -6.75 0.74 -17.38
CA GLY A 7 -5.37 0.35 -17.27
C GLY A 7 -5.07 -0.21 -15.92
N GLU A 8 -5.16 -1.50 -15.83
CA GLU A 8 -4.96 -2.22 -14.59
C GLU A 8 -3.48 -2.31 -14.23
N VAL A 9 -3.12 -1.77 -13.10
CA VAL A 9 -1.76 -1.87 -12.62
C VAL A 9 -1.78 -2.35 -11.17
N GLN A 10 -0.86 -3.20 -10.84
CA GLN A 10 -0.73 -3.69 -9.52
C GLN A 10 0.73 -3.74 -9.15
N PHE A 11 1.04 -3.85 -7.88
CA PHE A 11 2.42 -3.91 -7.45
C PHE A 11 2.53 -4.70 -6.17
N MET A 12 3.65 -5.34 -6.00
CA MET A 12 3.94 -6.08 -4.79
C MET A 12 5.32 -5.70 -4.34
N LYS A 13 5.51 -5.59 -3.05
CA LYS A 13 6.79 -5.20 -2.54
C LYS A 13 6.97 -5.78 -1.13
N PRO A 14 8.22 -5.89 -0.64
CA PRO A 14 8.49 -6.39 0.71
C PRO A 14 7.88 -5.54 1.85
N PHE A 15 7.51 -6.24 2.90
CA PHE A 15 7.00 -5.65 4.12
C PHE A 15 8.12 -5.76 5.15
N ILE A 16 8.35 -4.72 5.92
CA ILE A 16 9.33 -4.79 6.97
C ILE A 16 8.66 -4.46 8.30
N SER A 17 8.77 -5.34 9.27
CA SER A 17 8.11 -5.16 10.58
C SER A 17 8.60 -3.89 11.28
N GLU A 18 9.77 -3.42 10.89
CA GLU A 18 10.38 -2.26 11.48
C GLU A 18 9.75 -0.96 10.94
N LYS A 19 9.56 -0.86 9.62
CA LYS A 19 8.96 0.37 9.07
C LYS A 19 7.49 0.25 8.89
N SER A 20 7.06 -0.90 8.43
CA SER A 20 5.67 -1.13 8.13
C SER A 20 4.86 -1.37 9.39
N SER A 21 5.50 -1.12 10.51
CA SER A 21 4.85 -1.12 11.78
C SER A 21 3.92 0.10 11.84
N LYS A 22 4.28 1.16 11.08
CA LYS A 22 3.45 2.33 11.07
C LYS A 22 3.24 2.90 9.66
N SER A 23 4.20 2.70 8.80
CA SER A 23 4.15 3.28 7.49
C SER A 23 4.70 2.34 6.40
N LEU A 24 4.23 2.51 5.19
CA LEU A 24 4.83 1.80 4.07
C LEU A 24 5.93 2.60 3.48
N GLU A 25 7.03 1.98 3.39
CA GLU A 25 8.23 2.58 2.92
C GLU A 25 8.30 2.26 1.41
N ILE A 26 8.10 3.24 0.57
CA ILE A 26 8.06 3.00 -0.88
C ILE A 26 9.32 3.52 -1.58
N PRO A 27 10.07 2.61 -2.27
CA PRO A 27 11.32 2.96 -2.98
C PRO A 27 11.12 3.98 -4.12
N LEU A 28 12.23 4.65 -4.46
CA LEU A 28 12.28 5.65 -5.52
C LEU A 28 11.74 5.14 -6.85
N GLY A 29 12.03 3.88 -7.17
CA GLY A 29 11.59 3.31 -8.44
C GLY A 29 10.08 3.36 -8.63
N PHE A 30 9.32 3.15 -7.57
CA PHE A 30 7.88 3.19 -7.66
C PHE A 30 7.38 4.62 -7.46
N ASN A 31 8.12 5.39 -6.69
CA ASN A 31 7.82 6.82 -6.49
C ASN A 31 7.88 7.53 -7.84
N GLU A 32 8.93 7.23 -8.56
CA GLU A 32 9.23 7.77 -9.86
C GLU A 32 8.24 7.25 -10.90
N TYR A 33 7.62 6.13 -10.60
CA TYR A 33 6.68 5.50 -11.52
C TYR A 33 5.42 6.35 -11.67
N PHE A 34 5.08 7.11 -10.66
CA PHE A 34 3.93 7.97 -10.77
C PHE A 34 4.10 9.25 -9.92
N PRO A 35 4.77 10.27 -10.47
CA PRO A 35 4.89 11.54 -9.82
C PRO A 35 3.72 12.44 -10.11
N ALA A 36 3.24 13.02 -9.08
CA ALA A 36 2.09 13.88 -9.11
C ALA A 36 2.24 14.84 -7.96
N PRO A 37 1.52 15.99 -7.96
CA PRO A 37 1.46 16.85 -6.78
C PRO A 37 0.97 16.00 -5.61
N PHE A 38 1.53 16.20 -4.45
CA PHE A 38 1.26 15.32 -3.36
C PHE A 38 -0.17 15.42 -2.82
N PRO A 39 -0.86 14.28 -2.80
CA PRO A 39 -2.17 14.17 -2.18
C PRO A 39 -1.98 13.91 -0.69
N ILE A 40 -2.97 14.16 0.10
CA ILE A 40 -2.85 13.96 1.52
C ILE A 40 -3.34 12.55 1.94
N THR A 41 -4.49 12.14 1.46
CA THR A 41 -5.03 10.89 1.90
C THR A 41 -5.42 10.01 0.70
N VAL A 42 -5.37 8.70 0.91
CA VAL A 42 -5.72 7.67 -0.07
C VAL A 42 -6.34 6.49 0.69
N ASP A 43 -7.01 5.59 0.00
CA ASP A 43 -7.68 4.49 0.72
C ASP A 43 -7.19 3.13 0.32
N LEU A 44 -7.13 2.25 1.30
CA LEU A 44 -6.78 0.86 1.12
C LEU A 44 -8.05 0.07 1.34
N LEU A 45 -8.45 -0.68 0.35
CA LEU A 45 -9.68 -1.42 0.42
C LEU A 45 -9.41 -2.92 0.45
N ASP A 46 -10.16 -3.60 1.26
CA ASP A 46 -10.05 -5.03 1.40
C ASP A 46 -11.39 -5.69 1.05
N TYR A 47 -11.32 -6.95 0.66
CA TYR A 47 -12.49 -7.71 0.23
C TYR A 47 -13.33 -8.23 1.40
N SER A 48 -12.82 -8.16 2.61
CA SER A 48 -13.55 -8.62 3.77
C SER A 48 -14.35 -7.47 4.38
N GLY A 49 -14.39 -6.36 3.68
CA GLY A 49 -15.12 -5.21 4.16
C GLY A 49 -14.24 -4.26 4.90
N ARG A 50 -13.02 -4.67 5.12
CA ARG A 50 -12.07 -3.85 5.82
C ARG A 50 -11.61 -2.73 4.91
N SER A 51 -11.34 -1.61 5.49
CA SER A 51 -10.91 -0.47 4.76
C SER A 51 -10.04 0.39 5.65
N TRP A 52 -8.98 0.90 5.10
CA TRP A 52 -8.06 1.70 5.85
C TRP A 52 -7.74 2.96 5.08
N THR A 53 -8.11 4.07 5.61
CA THR A 53 -7.84 5.31 5.01
C THR A 53 -6.44 5.77 5.48
N VAL A 54 -5.52 5.85 4.55
CA VAL A 54 -4.13 6.11 4.85
C VAL A 54 -3.66 7.42 4.26
N ARG A 55 -2.69 8.01 4.88
CA ARG A 55 -2.16 9.26 4.41
C ARG A 55 -0.88 9.05 3.66
N MET A 56 -0.84 9.63 2.49
CA MET A 56 0.22 9.44 1.53
C MET A 56 1.04 10.69 1.40
N LYS A 57 2.34 10.56 1.33
CA LYS A 57 3.20 11.68 1.11
C LYS A 57 4.19 11.39 -0.01
N LYS A 58 4.23 12.28 -0.97
CA LYS A 58 5.27 12.27 -1.99
C LYS A 58 6.32 13.18 -1.45
N ARG A 59 7.45 12.68 -1.18
CA ARG A 59 8.47 13.50 -0.59
C ARG A 59 9.84 13.13 -1.10
N GLY A 60 10.35 13.94 -1.98
CA GLY A 60 11.66 13.77 -2.51
C GLY A 60 11.86 12.53 -3.30
N GLU A 61 12.55 11.59 -2.71
CA GLU A 61 12.91 10.38 -3.37
C GLU A 61 11.88 9.32 -3.18
N LYS A 62 11.02 9.47 -2.20
CA LYS A 62 10.14 8.39 -1.88
C LYS A 62 8.71 8.79 -1.62
N VAL A 63 7.87 7.77 -1.53
CA VAL A 63 6.48 7.90 -1.16
C VAL A 63 6.33 7.20 0.15
N PHE A 64 5.75 7.86 1.09
CA PHE A 64 5.56 7.22 2.34
C PHE A 64 4.10 7.13 2.61
N LEU A 65 3.66 5.96 2.98
CA LEU A 65 2.28 5.80 3.36
C LEU A 65 2.25 5.72 4.84
N THR A 66 1.85 6.78 5.44
CA THR A 66 1.96 6.91 6.87
C THR A 66 0.73 6.35 7.63
N VAL A 67 0.17 7.19 8.50
CA VAL A 67 -0.94 6.83 9.36
C VAL A 67 -2.12 6.31 8.55
N GLY A 68 -2.75 5.28 9.05
CA GLY A 68 -3.76 4.60 8.32
C GLY A 68 -3.29 3.21 8.05
N TRP A 69 -2.03 3.11 7.66
CA TRP A 69 -1.41 1.83 7.45
C TRP A 69 -1.24 1.14 8.78
N GLU A 70 -1.13 1.95 9.81
CA GLU A 70 -0.97 1.43 11.13
C GLU A 70 -2.23 0.71 11.62
N ASN A 71 -3.37 1.11 11.08
CA ASN A 71 -4.63 0.44 11.35
C ASN A 71 -4.65 -0.89 10.65
N PHE A 72 -4.00 -0.94 9.50
CA PHE A 72 -3.93 -2.14 8.69
C PHE A 72 -3.05 -3.16 9.36
N VAL A 73 -1.85 -2.73 9.72
CA VAL A 73 -0.88 -3.62 10.31
C VAL A 73 -1.43 -4.23 11.59
N LYS A 74 -2.12 -3.40 12.35
CA LYS A 74 -2.80 -3.87 13.55
C LYS A 74 -4.05 -4.73 13.23
N ASP A 75 -4.90 -4.24 12.33
CA ASP A 75 -6.20 -4.94 12.03
C ASP A 75 -6.03 -6.25 11.29
N ASN A 76 -5.12 -6.29 10.36
CA ASN A 76 -4.91 -7.49 9.58
C ASN A 76 -3.84 -8.33 10.29
N ASN A 77 -3.08 -7.65 11.16
CA ASN A 77 -1.97 -8.24 11.96
C ASN A 77 -0.97 -9.02 11.10
N LEU A 78 0.03 -8.32 10.60
CA LEU A 78 1.02 -8.95 9.74
C LEU A 78 2.44 -8.66 10.22
N GLU A 79 3.37 -9.37 9.64
CA GLU A 79 4.78 -9.25 9.92
C GLU A 79 5.56 -9.42 8.65
N ASP A 80 6.85 -9.16 8.69
CA ASP A 80 7.69 -9.32 7.53
C ASP A 80 7.77 -10.79 7.15
N GLY A 81 7.75 -11.06 5.88
CA GLY A 81 7.74 -12.42 5.42
C GLY A 81 6.51 -12.69 4.61
N LYS A 82 5.43 -12.09 5.04
CA LYS A 82 4.17 -12.17 4.34
C LYS A 82 4.13 -10.94 3.43
N TYR A 83 3.51 -11.05 2.27
CA TYR A 83 3.63 -9.98 1.31
C TYR A 83 2.31 -9.45 0.88
N LEU A 84 2.34 -8.24 0.39
CA LEU A 84 1.16 -7.55 -0.03
C LEU A 84 1.26 -7.24 -1.50
N GLN A 85 0.24 -7.58 -2.24
CA GLN A 85 0.15 -7.13 -3.59
C GLN A 85 -1.01 -6.16 -3.64
N PHE A 86 -0.77 -4.98 -4.10
CA PHE A 86 -1.79 -3.99 -4.17
C PHE A 86 -2.20 -3.80 -5.58
N ILE A 87 -3.46 -3.83 -5.81
CA ILE A 87 -4.00 -3.54 -7.11
C ILE A 87 -4.40 -2.09 -7.07
N TYR A 88 -3.86 -1.32 -7.96
CA TYR A 88 -4.08 0.09 -7.96
C TYR A 88 -5.03 0.45 -9.09
N ASP A 89 -6.05 1.21 -8.75
CA ASP A 89 -7.01 1.69 -9.74
C ASP A 89 -6.40 2.96 -10.36
N ARG A 90 -7.14 3.73 -11.09
CA ARG A 90 -6.55 4.93 -11.62
C ARG A 90 -6.78 6.08 -10.67
N ASP A 91 -7.63 5.82 -9.69
CA ASP A 91 -7.89 6.74 -8.65
C ASP A 91 -7.14 6.31 -7.42
N ARG A 92 -7.53 6.81 -6.32
CA ARG A 92 -6.79 6.66 -5.06
C ARG A 92 -7.31 5.49 -4.25
N THR A 93 -7.71 4.44 -4.93
CA THR A 93 -8.18 3.26 -4.28
C THR A 93 -7.20 2.07 -4.52
N PHE A 94 -6.64 1.57 -3.44
CA PHE A 94 -5.74 0.44 -3.50
C PHE A 94 -6.46 -0.78 -2.98
N TYR A 95 -6.38 -1.87 -3.69
CA TYR A 95 -7.02 -3.11 -3.26
C TYR A 95 -5.92 -4.07 -2.83
N VAL A 96 -5.99 -4.53 -1.61
CA VAL A 96 -4.90 -5.31 -1.04
C VAL A 96 -5.16 -6.84 -1.01
N ILE A 97 -4.21 -7.57 -1.56
CA ILE A 97 -4.20 -9.01 -1.49
C ILE A 97 -2.95 -9.45 -0.70
N ILE A 98 -3.17 -10.10 0.40
CA ILE A 98 -2.11 -10.55 1.25
C ILE A 98 -1.73 -11.98 0.90
N TYR A 99 -0.47 -12.25 0.90
CA TYR A 99 0.01 -13.59 0.70
C TYR A 99 0.14 -14.26 2.04
N GLY A 100 -0.61 -15.30 2.26
CA GLY A 100 -0.52 -16.04 3.50
C GLY A 100 0.68 -16.95 3.48
N HIS A 101 1.85 -16.36 3.40
CA HIS A 101 3.06 -17.11 3.30
C HIS A 101 3.74 -17.20 4.64
N ASN A 102 3.66 -18.35 5.23
CA ASN A 102 4.24 -18.66 6.52
C ASN A 102 3.99 -20.13 6.76
N MET A 103 2.72 -20.46 6.75
CA MET A 103 2.22 -21.83 6.82
C MET A 103 0.75 -21.83 6.45
N CYS A 104 -0.01 -20.99 7.12
CA CYS A 104 -1.42 -20.81 6.89
C CYS A 104 -1.77 -19.42 7.37
N MET A 3 4.50 4.43 -23.09
CA MET A 3 3.97 4.67 -21.76
C MET A 3 3.61 3.37 -21.10
N ALA A 4 3.14 3.45 -19.88
CA ALA A 4 2.67 2.30 -19.17
C ALA A 4 1.48 2.71 -18.35
N ASP A 5 0.31 2.43 -18.85
CA ASP A 5 -0.91 2.77 -18.17
C ASP A 5 -1.98 1.79 -18.59
N THR A 6 -2.42 0.98 -17.67
CA THR A 6 -3.43 0.00 -17.97
C THR A 6 -4.83 0.52 -17.57
N GLY A 7 -4.85 1.57 -16.77
CA GLY A 7 -6.12 2.10 -16.27
C GLY A 7 -6.48 1.47 -14.94
N GLU A 8 -5.81 0.40 -14.67
CA GLU A 8 -5.93 -0.36 -13.47
C GLU A 8 -4.67 -1.17 -13.38
N VAL A 9 -3.91 -0.99 -12.35
CA VAL A 9 -2.65 -1.70 -12.23
C VAL A 9 -2.53 -2.34 -10.87
N GLN A 10 -1.98 -3.51 -10.82
CA GLN A 10 -1.76 -4.16 -9.59
C GLN A 10 -0.29 -4.44 -9.44
N PHE A 11 0.19 -4.36 -8.24
CA PHE A 11 1.59 -4.54 -7.98
C PHE A 11 1.76 -5.28 -6.68
N MET A 12 2.79 -6.08 -6.60
CA MET A 12 3.10 -6.80 -5.39
C MET A 12 4.59 -6.78 -5.18
N LYS A 13 5.04 -6.61 -3.96
CA LYS A 13 6.45 -6.63 -3.68
C LYS A 13 6.68 -7.02 -2.22
N PRO A 14 7.88 -7.51 -1.86
CA PRO A 14 8.22 -7.89 -0.49
C PRO A 14 8.11 -6.72 0.51
N PHE A 15 7.73 -7.05 1.71
CA PHE A 15 7.62 -6.10 2.80
C PHE A 15 8.53 -6.46 3.94
N ILE A 16 9.14 -5.46 4.52
CA ILE A 16 9.92 -5.63 5.70
C ILE A 16 9.08 -5.10 6.85
N SER A 17 8.83 -5.93 7.84
CA SER A 17 7.93 -5.58 8.94
C SER A 17 8.42 -4.35 9.71
N GLU A 18 9.72 -4.16 9.75
CA GLU A 18 10.29 -3.00 10.41
C GLU A 18 9.81 -1.71 9.76
N LYS A 19 9.80 -1.68 8.43
CA LYS A 19 9.40 -0.50 7.70
C LYS A 19 7.90 -0.42 7.65
N SER A 20 7.28 -1.57 7.45
CA SER A 20 5.85 -1.69 7.33
C SER A 20 5.16 -1.47 8.68
N SER A 21 5.95 -1.35 9.71
CA SER A 21 5.42 -1.11 11.03
C SER A 21 4.85 0.32 11.12
N LYS A 22 5.32 1.19 10.25
CA LYS A 22 4.91 2.56 10.35
C LYS A 22 4.37 3.08 9.02
N SER A 23 5.06 2.77 7.93
CA SER A 23 4.70 3.31 6.65
C SER A 23 4.75 2.25 5.55
N LEU A 24 3.94 2.42 4.54
CA LEU A 24 3.93 1.51 3.42
C LEU A 24 4.98 2.00 2.45
N GLU A 25 6.00 1.22 2.29
CA GLU A 25 7.08 1.55 1.42
C GLU A 25 6.74 1.21 -0.04
N ILE A 26 6.86 2.18 -0.89
CA ILE A 26 6.69 1.95 -2.32
C ILE A 26 8.06 2.05 -2.99
N PRO A 27 8.49 1.05 -3.78
CA PRO A 27 9.78 1.08 -4.51
C PRO A 27 9.87 2.33 -5.40
N LEU A 28 11.03 2.98 -5.40
CA LEU A 28 11.25 4.24 -6.12
C LEU A 28 10.87 4.13 -7.60
N GLY A 29 11.19 3.00 -8.21
CA GLY A 29 10.88 2.78 -9.61
C GLY A 29 9.39 2.80 -9.89
N PHE A 30 8.60 2.42 -8.90
CA PHE A 30 7.15 2.39 -9.06
C PHE A 30 6.57 3.77 -8.71
N ASN A 31 7.30 4.56 -7.92
CA ASN A 31 6.85 5.93 -7.62
C ASN A 31 7.07 6.81 -8.84
N GLU A 32 7.99 6.39 -9.66
CA GLU A 32 8.31 7.04 -10.91
C GLU A 32 7.24 6.71 -11.95
N TYR A 33 6.47 5.68 -11.66
CA TYR A 33 5.44 5.18 -12.53
C TYR A 33 4.19 6.06 -12.49
N PHE A 34 3.97 6.75 -11.37
CA PHE A 34 2.77 7.56 -11.27
C PHE A 34 2.97 8.92 -10.56
N PRO A 35 3.01 10.00 -11.33
CA PRO A 35 2.94 11.33 -10.77
C PRO A 35 1.51 11.61 -10.41
N ALA A 36 1.31 12.19 -9.28
CA ALA A 36 -0.01 12.40 -8.77
C ALA A 36 -0.08 13.63 -7.90
N PRO A 37 -1.21 14.34 -7.92
CA PRO A 37 -1.44 15.48 -7.03
C PRO A 37 -1.35 15.03 -5.57
N PHE A 38 -1.06 15.95 -4.68
CA PHE A 38 -0.87 15.65 -3.30
C PHE A 38 -2.18 15.24 -2.62
N PRO A 39 -2.27 13.99 -2.16
CA PRO A 39 -3.42 13.48 -1.44
C PRO A 39 -3.24 13.62 0.07
N ILE A 40 -4.32 13.56 0.79
CA ILE A 40 -4.24 13.58 2.22
C ILE A 40 -4.41 12.16 2.74
N THR A 41 -5.47 11.51 2.30
CA THR A 41 -5.77 10.18 2.72
C THR A 41 -6.04 9.25 1.54
N VAL A 42 -5.75 8.00 1.75
CA VAL A 42 -5.97 6.96 0.78
C VAL A 42 -6.70 5.82 1.49
N ASP A 43 -7.57 5.14 0.81
CA ASP A 43 -8.35 4.11 1.46
C ASP A 43 -7.95 2.74 1.01
N LEU A 44 -7.63 1.90 1.96
CA LEU A 44 -7.22 0.55 1.70
C LEU A 44 -8.28 -0.42 2.14
N LEU A 45 -8.72 -1.25 1.23
CA LEU A 45 -9.70 -2.28 1.52
C LEU A 45 -9.02 -3.61 1.61
N ASP A 46 -9.49 -4.42 2.52
CA ASP A 46 -8.96 -5.75 2.75
C ASP A 46 -9.94 -6.79 2.31
N TYR A 47 -9.41 -7.94 1.99
CA TYR A 47 -10.14 -9.08 1.44
C TYR A 47 -11.25 -9.55 2.38
N SER A 48 -11.06 -9.39 3.69
CA SER A 48 -12.05 -9.81 4.66
C SER A 48 -13.17 -8.76 4.81
N GLY A 49 -12.93 -7.55 4.27
CA GLY A 49 -13.97 -6.54 4.27
C GLY A 49 -13.69 -5.32 5.13
N ARG A 50 -12.58 -5.32 5.83
CA ARG A 50 -12.29 -4.17 6.70
C ARG A 50 -11.53 -3.10 5.91
N SER A 51 -11.72 -1.85 6.28
CA SER A 51 -11.11 -0.74 5.59
C SER A 51 -10.18 0.04 6.51
N TRP A 52 -9.11 0.57 5.94
CA TRP A 52 -8.19 1.45 6.65
C TRP A 52 -7.92 2.68 5.82
N THR A 53 -8.15 3.83 6.38
CA THR A 53 -7.83 5.04 5.71
C THR A 53 -6.41 5.46 6.14
N VAL A 54 -5.53 5.45 5.21
CA VAL A 54 -4.13 5.70 5.43
C VAL A 54 -3.77 7.09 4.92
N ARG A 55 -2.72 7.66 5.42
CA ARG A 55 -2.30 8.97 5.00
C ARG A 55 -1.17 8.81 4.00
N MET A 56 -1.37 9.32 2.82
CA MET A 56 -0.44 9.13 1.70
C MET A 56 0.15 10.46 1.29
N LYS A 57 1.45 10.52 1.17
CA LYS A 57 2.12 11.76 0.87
C LYS A 57 3.10 11.63 -0.27
N LYS A 58 3.07 12.59 -1.17
CA LYS A 58 3.98 12.66 -2.28
C LYS A 58 5.16 13.52 -1.85
N ARG A 59 6.34 13.05 -2.04
CA ARG A 59 7.50 13.83 -1.69
C ARG A 59 8.61 13.70 -2.71
N GLY A 60 8.68 14.68 -3.58
CA GLY A 60 9.72 14.78 -4.58
C GLY A 60 9.80 13.61 -5.51
N GLU A 61 10.72 12.74 -5.22
CA GLU A 61 11.01 11.61 -6.08
C GLU A 61 10.15 10.43 -5.69
N LYS A 62 9.70 10.42 -4.46
CA LYS A 62 9.10 9.22 -3.94
C LYS A 62 7.80 9.46 -3.19
N VAL A 63 7.11 8.39 -2.87
CA VAL A 63 5.88 8.40 -2.16
C VAL A 63 5.91 7.33 -1.07
N PHE A 64 5.36 7.64 0.06
CA PHE A 64 5.22 6.69 1.14
C PHE A 64 3.86 6.85 1.74
N LEU A 65 3.28 5.76 2.17
CA LEU A 65 2.05 5.88 2.91
C LEU A 65 2.41 5.96 4.35
N THR A 66 2.28 7.13 4.88
CA THR A 66 2.70 7.48 6.22
C THR A 66 1.78 6.87 7.31
N VAL A 67 1.78 7.52 8.47
CA VAL A 67 1.12 7.01 9.65
C VAL A 67 -0.38 6.77 9.38
N GLY A 68 -0.82 5.60 9.71
CA GLY A 68 -2.15 5.17 9.40
C GLY A 68 -2.11 3.78 8.89
N TRP A 69 -1.05 3.52 8.11
CA TRP A 69 -0.74 2.19 7.62
C TRP A 69 -0.47 1.28 8.80
N GLU A 70 -0.04 1.90 9.86
CA GLU A 70 0.29 1.27 11.12
C GLU A 70 -0.94 0.50 11.64
N ASN A 71 -2.11 1.05 11.42
CA ASN A 71 -3.35 0.44 11.84
C ASN A 71 -3.59 -0.84 11.09
N PHE A 72 -3.23 -0.84 9.85
CA PHE A 72 -3.40 -1.98 8.99
C PHE A 72 -2.42 -3.05 9.37
N VAL A 73 -1.17 -2.67 9.59
CA VAL A 73 -0.15 -3.64 9.92
C VAL A 73 -0.50 -4.31 11.25
N LYS A 74 -0.93 -3.51 12.21
CA LYS A 74 -1.33 -4.04 13.49
C LYS A 74 -2.67 -4.80 13.46
N ASP A 75 -3.66 -4.30 12.69
CA ASP A 75 -4.99 -4.97 12.63
C ASP A 75 -5.01 -6.21 11.78
N ASN A 76 -4.33 -6.18 10.66
CA ASN A 76 -4.35 -7.31 9.75
C ASN A 76 -3.31 -8.33 10.21
N ASN A 77 -2.37 -7.85 11.01
CA ASN A 77 -1.25 -8.63 11.56
C ASN A 77 -0.31 -9.09 10.45
N LEU A 78 0.67 -8.27 10.18
CA LEU A 78 1.62 -8.55 9.13
C LEU A 78 3.04 -8.40 9.59
N GLU A 79 3.86 -9.29 9.14
CA GLU A 79 5.26 -9.24 9.33
C GLU A 79 5.92 -9.66 8.03
N ASP A 80 7.21 -9.52 7.94
CA ASP A 80 7.93 -9.84 6.72
C ASP A 80 7.87 -11.32 6.45
N GLY A 81 7.63 -11.64 5.21
CA GLY A 81 7.45 -13.01 4.82
C GLY A 81 6.19 -13.14 4.03
N LYS A 82 5.26 -12.27 4.37
CA LYS A 82 4.01 -12.13 3.65
C LYS A 82 4.21 -11.12 2.55
N TYR A 83 3.44 -11.24 1.50
CA TYR A 83 3.56 -10.36 0.38
C TYR A 83 2.25 -9.70 0.16
N LEU A 84 2.26 -8.48 -0.30
CA LEU A 84 1.05 -7.75 -0.48
C LEU A 84 0.89 -7.30 -1.91
N GLN A 85 -0.28 -7.51 -2.43
CA GLN A 85 -0.65 -7.11 -3.76
C GLN A 85 -1.66 -5.99 -3.66
N PHE A 86 -1.40 -4.89 -4.30
CA PHE A 86 -2.29 -3.78 -4.27
C PHE A 86 -2.84 -3.54 -5.66
N ILE A 87 -4.14 -3.48 -5.74
CA ILE A 87 -4.79 -3.17 -6.99
C ILE A 87 -5.15 -1.69 -6.99
N TYR A 88 -4.57 -0.96 -7.89
CA TYR A 88 -4.76 0.47 -7.95
C TYR A 88 -5.65 0.84 -9.12
N ASP A 89 -6.73 1.54 -8.87
CA ASP A 89 -7.53 2.07 -9.96
C ASP A 89 -7.27 3.58 -10.04
N ARG A 90 -8.12 4.34 -10.69
CA ARG A 90 -7.81 5.75 -10.88
C ARG A 90 -8.41 6.63 -9.76
N ASP A 91 -8.87 6.01 -8.69
CA ASP A 91 -9.41 6.71 -7.54
C ASP A 91 -8.30 6.68 -6.46
N ARG A 92 -8.67 6.94 -5.25
CA ARG A 92 -7.75 6.95 -4.11
C ARG A 92 -8.10 5.77 -3.22
N THR A 93 -8.71 4.79 -3.80
CA THR A 93 -9.16 3.64 -3.10
C THR A 93 -8.43 2.44 -3.68
N PHE A 94 -7.66 1.75 -2.86
CA PHE A 94 -6.90 0.64 -3.36
C PHE A 94 -7.24 -0.61 -2.59
N TYR A 95 -7.09 -1.73 -3.23
CA TYR A 95 -7.42 -3.00 -2.63
C TYR A 95 -6.17 -3.79 -2.38
N VAL A 96 -6.00 -4.23 -1.15
CA VAL A 96 -4.84 -5.01 -0.79
C VAL A 96 -5.19 -6.50 -0.64
N ILE A 97 -4.40 -7.31 -1.28
CA ILE A 97 -4.51 -8.74 -1.18
C ILE A 97 -3.22 -9.27 -0.57
N ILE A 98 -3.33 -9.91 0.56
CA ILE A 98 -2.20 -10.43 1.23
C ILE A 98 -1.96 -11.87 0.84
N TYR A 99 -0.72 -12.22 0.68
CA TYR A 99 -0.35 -13.58 0.44
C TYR A 99 -0.03 -14.23 1.76
N GLY A 100 -0.87 -15.15 2.16
CA GLY A 100 -0.69 -15.81 3.42
C GLY A 100 -1.98 -15.78 4.21
N HIS A 101 -2.01 -16.49 5.31
CA HIS A 101 -3.17 -16.54 6.18
C HIS A 101 -2.73 -16.94 7.58
N ASN A 102 -3.68 -17.12 8.49
CA ASN A 102 -3.39 -17.56 9.87
C ASN A 102 -2.65 -18.88 9.86
N MET A 103 -1.40 -18.81 10.25
CA MET A 103 -0.48 -19.94 10.28
C MET A 103 0.85 -19.40 10.75
N CYS A 104 1.16 -18.22 10.27
CA CYS A 104 2.33 -17.51 10.64
C CYS A 104 1.96 -16.06 10.99
N MET A 3 -7.18 1.56 -26.83
CA MET A 3 -7.71 1.74 -25.48
C MET A 3 -7.98 0.41 -24.82
N ALA A 4 -7.09 0.06 -23.93
CA ALA A 4 -7.18 -1.14 -23.15
C ALA A 4 -7.21 -0.74 -21.70
N ASP A 5 -7.00 -1.68 -20.80
CA ASP A 5 -6.93 -1.37 -19.39
C ASP A 5 -5.68 -0.54 -19.16
N THR A 6 -5.87 0.75 -18.95
CA THR A 6 -4.78 1.70 -18.87
C THR A 6 -4.08 1.67 -17.50
N GLY A 7 -4.83 1.37 -16.49
CA GLY A 7 -4.29 1.40 -15.17
C GLY A 7 -4.21 0.05 -14.52
N GLU A 8 -4.45 0.05 -13.24
CA GLU A 8 -4.43 -1.12 -12.38
C GLU A 8 -3.13 -1.90 -12.50
N VAL A 9 -2.13 -1.39 -11.86
CA VAL A 9 -0.82 -1.99 -11.88
C VAL A 9 -0.55 -2.63 -10.55
N GLN A 10 0.16 -3.70 -10.56
CA GLN A 10 0.45 -4.41 -9.38
C GLN A 10 1.93 -4.36 -9.07
N PHE A 11 2.26 -4.30 -7.83
CA PHE A 11 3.63 -4.23 -7.40
C PHE A 11 3.75 -4.97 -6.11
N MET A 12 4.87 -5.58 -5.86
CA MET A 12 5.06 -6.31 -4.64
C MET A 12 6.43 -6.06 -4.09
N LYS A 13 6.56 -6.16 -2.80
CA LYS A 13 7.81 -6.02 -2.14
C LYS A 13 7.76 -6.77 -0.83
N PRO A 14 8.90 -7.14 -0.25
CA PRO A 14 8.95 -7.76 1.06
C PRO A 14 8.53 -6.76 2.13
N PHE A 15 7.89 -7.25 3.13
CA PHE A 15 7.48 -6.46 4.26
C PHE A 15 8.66 -6.38 5.21
N ILE A 16 9.13 -5.19 5.55
CA ILE A 16 10.25 -5.10 6.44
C ILE A 16 9.78 -4.55 7.76
N SER A 17 9.91 -5.34 8.81
CA SER A 17 9.43 -5.01 10.13
C SER A 17 10.05 -3.74 10.73
N GLU A 18 11.11 -3.27 10.12
CA GLU A 18 11.75 -2.06 10.57
C GLU A 18 10.90 -0.85 10.12
N LYS A 19 10.43 -0.85 8.88
CA LYS A 19 9.68 0.30 8.39
C LYS A 19 8.23 0.01 8.31
N SER A 20 7.91 -1.16 7.83
CA SER A 20 6.57 -1.57 7.55
C SER A 20 5.79 -1.83 8.85
N SER A 21 6.44 -1.64 9.97
CA SER A 21 5.79 -1.77 11.23
C SER A 21 4.90 -0.54 11.49
N LYS A 22 5.27 0.63 10.91
CA LYS A 22 4.47 1.85 11.14
C LYS A 22 4.26 2.67 9.87
N SER A 23 4.99 2.40 8.84
CA SER A 23 4.93 3.14 7.60
C SER A 23 5.27 2.19 6.44
N LEU A 24 5.06 2.58 5.22
CA LEU A 24 5.38 1.69 4.13
C LEU A 24 6.27 2.43 3.14
N GLU A 25 7.33 1.78 2.72
CA GLU A 25 8.33 2.38 1.88
C GLU A 25 8.11 2.00 0.40
N ILE A 26 8.09 2.99 -0.45
CA ILE A 26 7.91 2.76 -1.87
C ILE A 26 9.20 3.13 -2.62
N PRO A 27 9.71 2.24 -3.48
CA PRO A 27 10.84 2.56 -4.35
C PRO A 27 10.44 3.63 -5.37
N LEU A 28 11.35 4.55 -5.66
CA LEU A 28 11.04 5.67 -6.54
C LEU A 28 10.69 5.27 -7.95
N GLY A 29 11.11 4.09 -8.38
CA GLY A 29 10.80 3.60 -9.72
C GLY A 29 9.30 3.47 -9.94
N PHE A 30 8.59 3.07 -8.92
CA PHE A 30 7.14 2.94 -8.98
C PHE A 30 6.51 4.30 -8.70
N ASN A 31 7.17 5.07 -7.86
CA ASN A 31 6.74 6.43 -7.48
C ASN A 31 6.67 7.36 -8.68
N GLU A 32 7.71 7.37 -9.49
CA GLU A 32 7.82 8.27 -10.62
C GLU A 32 6.88 7.88 -11.74
N TYR A 33 6.33 6.70 -11.62
CA TYR A 33 5.41 6.15 -12.59
C TYR A 33 4.04 6.81 -12.47
N PHE A 34 3.70 7.32 -11.29
CA PHE A 34 2.41 7.95 -11.11
C PHE A 34 2.49 9.28 -10.35
N PRO A 35 2.63 10.41 -11.04
CA PRO A 35 2.53 11.71 -10.43
C PRO A 35 1.09 12.11 -10.32
N ALA A 36 0.75 12.62 -9.21
CA ALA A 36 -0.59 13.04 -8.90
C ALA A 36 -0.53 14.14 -7.87
N PRO A 37 -1.60 14.95 -7.73
CA PRO A 37 -1.72 15.83 -6.57
C PRO A 37 -1.59 14.97 -5.33
N PHE A 38 -0.94 15.45 -4.29
CA PHE A 38 -0.68 14.63 -3.17
C PHE A 38 -1.94 14.28 -2.39
N PRO A 39 -2.24 12.97 -2.27
CA PRO A 39 -3.38 12.51 -1.51
C PRO A 39 -3.16 12.72 -0.03
N ILE A 40 -4.19 13.03 0.67
CA ILE A 40 -4.08 13.20 2.09
C ILE A 40 -4.12 11.83 2.74
N THR A 41 -5.19 11.11 2.47
CA THR A 41 -5.36 9.79 2.99
C THR A 41 -5.64 8.80 1.83
N VAL A 42 -5.35 7.54 2.05
CA VAL A 42 -5.53 6.47 1.09
C VAL A 42 -6.12 5.28 1.83
N ASP A 43 -6.90 4.48 1.17
CA ASP A 43 -7.46 3.30 1.83
C ASP A 43 -7.07 2.05 1.12
N LEU A 44 -6.88 1.02 1.89
CA LEU A 44 -6.53 -0.29 1.40
C LEU A 44 -7.75 -1.17 1.59
N LEU A 45 -8.06 -1.99 0.63
CA LEU A 45 -9.23 -2.84 0.74
C LEU A 45 -8.89 -4.27 1.13
N ASP A 46 -9.87 -4.89 1.75
CA ASP A 46 -9.81 -6.27 2.19
C ASP A 46 -10.79 -7.11 1.37
N TYR A 47 -10.57 -8.40 1.40
CA TYR A 47 -11.29 -9.37 0.60
C TYR A 47 -12.73 -9.51 1.06
N SER A 48 -12.95 -9.36 2.35
CA SER A 48 -14.27 -9.53 2.88
C SER A 48 -14.95 -8.19 3.18
N GLY A 49 -14.34 -7.35 4.00
CA GLY A 49 -15.01 -6.10 4.33
C GLY A 49 -14.15 -5.08 5.06
N ARG A 50 -12.94 -5.44 5.44
CA ARG A 50 -12.07 -4.49 6.13
C ARG A 50 -11.55 -3.43 5.18
N SER A 51 -11.16 -2.34 5.72
CA SER A 51 -10.56 -1.31 4.97
C SER A 51 -9.52 -0.68 5.87
N TRP A 52 -8.36 -0.45 5.33
CA TRP A 52 -7.31 0.13 6.13
C TRP A 52 -6.98 1.50 5.65
N THR A 53 -7.19 2.43 6.49
CA THR A 53 -6.95 3.79 6.18
C THR A 53 -5.47 4.14 6.45
N VAL A 54 -4.76 4.45 5.39
CA VAL A 54 -3.34 4.75 5.45
C VAL A 54 -3.09 6.10 4.85
N ARG A 55 -2.05 6.74 5.24
CA ARG A 55 -1.71 7.96 4.64
C ARG A 55 -0.54 7.75 3.71
N MET A 56 -0.74 8.02 2.45
CA MET A 56 0.34 7.96 1.50
C MET A 56 0.58 9.35 1.09
N LYS A 57 1.78 9.70 0.81
CA LYS A 57 2.02 11.06 0.49
C LYS A 57 3.00 11.22 -0.65
N LYS A 58 2.64 12.05 -1.60
CA LYS A 58 3.56 12.45 -2.64
C LYS A 58 4.18 13.69 -2.06
N ARG A 59 5.37 13.58 -1.68
CA ARG A 59 6.03 14.66 -1.03
C ARG A 59 7.24 15.04 -1.84
N GLY A 60 7.07 16.06 -2.61
CA GLY A 60 8.11 16.50 -3.48
C GLY A 60 8.32 15.53 -4.61
N GLU A 61 9.41 14.83 -4.57
CA GLU A 61 9.73 13.90 -5.61
C GLU A 61 9.61 12.46 -5.11
N LYS A 62 9.19 12.27 -3.87
CA LYS A 62 9.18 10.95 -3.29
C LYS A 62 7.86 10.59 -2.60
N VAL A 63 7.59 9.28 -2.50
CA VAL A 63 6.39 8.77 -1.82
C VAL A 63 6.72 7.85 -0.70
N PHE A 64 6.07 8.08 0.38
CA PHE A 64 6.20 7.26 1.53
C PHE A 64 4.83 7.16 2.15
N LEU A 65 4.46 5.99 2.64
CA LEU A 65 3.20 5.86 3.33
C LEU A 65 3.45 6.11 4.77
N THR A 66 2.99 7.23 5.25
CA THR A 66 3.17 7.61 6.61
C THR A 66 2.15 6.88 7.54
N VAL A 67 1.83 7.53 8.66
CA VAL A 67 0.97 6.99 9.71
C VAL A 67 -0.41 6.57 9.14
N GLY A 68 -0.94 5.50 9.65
CA GLY A 68 -2.16 4.96 9.12
C GLY A 68 -1.95 3.55 8.72
N TRP A 69 -0.77 3.29 8.16
CA TRP A 69 -0.35 1.95 7.76
C TRP A 69 -0.34 1.02 8.96
N GLU A 70 -0.21 1.62 10.10
CA GLU A 70 -0.10 0.91 11.35
C GLU A 70 -1.42 0.13 11.66
N ASN A 71 -2.53 0.61 11.10
CA ASN A 71 -3.83 -0.06 11.24
C ASN A 71 -3.79 -1.40 10.56
N PHE A 72 -3.10 -1.47 9.45
CA PHE A 72 -3.02 -2.67 8.64
C PHE A 72 -2.14 -3.68 9.32
N VAL A 73 -0.96 -3.20 9.72
CA VAL A 73 0.03 -4.06 10.32
C VAL A 73 -0.49 -4.66 11.62
N LYS A 74 -1.10 -3.82 12.41
CA LYS A 74 -1.68 -4.25 13.66
C LYS A 74 -2.93 -5.08 13.49
N ASP A 75 -3.81 -4.69 12.57
CA ASP A 75 -5.09 -5.41 12.43
C ASP A 75 -4.91 -6.86 12.03
N ASN A 76 -3.99 -7.14 11.14
CA ASN A 76 -3.74 -8.53 10.74
C ASN A 76 -2.69 -9.16 11.61
N ASN A 77 -1.98 -8.32 12.35
CA ASN A 77 -0.85 -8.73 13.20
C ASN A 77 0.17 -9.49 12.37
N LEU A 78 0.98 -8.75 11.66
CA LEU A 78 1.95 -9.34 10.79
C LEU A 78 3.32 -8.68 10.86
N GLU A 79 4.31 -9.42 10.45
CA GLU A 79 5.69 -9.02 10.49
C GLU A 79 6.42 -9.56 9.27
N ASP A 80 7.69 -9.17 9.14
CA ASP A 80 8.54 -9.54 8.00
C ASP A 80 8.52 -11.05 7.76
N GLY A 81 8.53 -11.42 6.51
CA GLY A 81 8.48 -12.81 6.13
C GLY A 81 7.31 -13.07 5.23
N LYS A 82 6.29 -12.25 5.39
CA LYS A 82 5.09 -12.35 4.59
C LYS A 82 5.19 -11.38 3.41
N TYR A 83 4.35 -11.57 2.41
CA TYR A 83 4.45 -10.78 1.21
C TYR A 83 3.13 -10.20 0.87
N LEU A 84 3.15 -9.02 0.37
CA LEU A 84 1.98 -8.33 -0.04
C LEU A 84 2.15 -7.63 -1.38
N GLN A 85 1.09 -7.57 -2.15
CA GLN A 85 1.08 -6.86 -3.41
C GLN A 85 0.18 -5.67 -3.28
N PHE A 86 0.57 -4.60 -3.90
CA PHE A 86 -0.22 -3.43 -3.96
C PHE A 86 -0.73 -3.26 -5.35
N ILE A 87 -2.02 -3.30 -5.48
CA ILE A 87 -2.65 -3.08 -6.76
C ILE A 87 -3.14 -1.66 -6.78
N TYR A 88 -2.58 -0.89 -7.67
CA TYR A 88 -2.90 0.50 -7.77
C TYR A 88 -3.47 0.85 -9.13
N ASP A 89 -4.62 1.43 -9.10
CA ASP A 89 -5.24 1.93 -10.29
C ASP A 89 -5.29 3.42 -10.12
N ARG A 90 -5.47 4.20 -11.18
CA ARG A 90 -5.47 5.66 -11.04
C ARG A 90 -6.66 6.16 -10.22
N ASP A 91 -6.44 6.22 -8.93
CA ASP A 91 -7.38 6.62 -7.92
C ASP A 91 -6.50 6.87 -6.68
N ARG A 92 -7.05 6.82 -5.52
CA ARG A 92 -6.30 7.02 -4.28
C ARG A 92 -6.52 5.84 -3.36
N THR A 93 -6.73 4.68 -3.93
CA THR A 93 -7.01 3.52 -3.15
C THR A 93 -6.22 2.30 -3.67
N PHE A 94 -5.72 1.47 -2.77
CA PHE A 94 -4.97 0.28 -3.15
C PHE A 94 -5.70 -0.98 -2.72
N TYR A 95 -5.52 -2.02 -3.50
CA TYR A 95 -6.00 -3.33 -3.17
C TYR A 95 -4.77 -4.17 -2.82
N VAL A 96 -4.83 -4.88 -1.72
CA VAL A 96 -3.65 -5.61 -1.25
C VAL A 96 -3.83 -7.12 -1.35
N ILE A 97 -2.85 -7.79 -1.92
CA ILE A 97 -2.84 -9.24 -1.96
C ILE A 97 -1.79 -9.73 -0.98
N ILE A 98 -2.24 -10.44 0.02
CA ILE A 98 -1.37 -10.94 1.07
C ILE A 98 -1.06 -12.40 0.84
N TYR A 99 0.16 -12.76 1.10
CA TYR A 99 0.60 -14.12 1.08
C TYR A 99 0.75 -14.60 2.50
N GLY A 100 -0.09 -15.52 2.86
CA GLY A 100 -0.09 -16.07 4.17
C GLY A 100 -1.26 -17.00 4.34
N HIS A 101 -2.11 -16.72 5.31
CA HIS A 101 -3.30 -17.52 5.53
C HIS A 101 -4.51 -16.85 4.90
N ASN A 102 -4.53 -15.52 5.00
CA ASN A 102 -5.61 -14.65 4.51
C ASN A 102 -6.88 -14.86 5.32
N MET A 103 -7.27 -13.83 6.03
CA MET A 103 -8.45 -13.87 6.88
C MET A 103 -9.72 -13.63 6.05
N CYS A 104 -10.83 -13.74 6.71
CA CYS A 104 -12.10 -13.47 6.12
C CYS A 104 -12.95 -12.74 7.16
N MET A 3 -6.56 3.17 -23.26
CA MET A 3 -5.54 3.39 -24.31
C MET A 3 -4.34 4.03 -23.64
N ALA A 4 -3.16 3.39 -23.75
CA ALA A 4 -1.92 3.85 -23.11
C ALA A 4 -2.13 4.00 -21.62
N ASP A 5 -2.04 2.87 -20.93
CA ASP A 5 -2.36 2.76 -19.50
C ASP A 5 -3.80 3.04 -19.24
N THR A 6 -4.60 2.01 -19.32
CA THR A 6 -6.00 2.10 -19.05
C THR A 6 -6.23 2.09 -17.54
N GLY A 7 -5.41 1.33 -16.85
CA GLY A 7 -5.49 1.25 -15.44
C GLY A 7 -5.32 -0.15 -14.95
N GLU A 8 -5.42 -0.32 -13.65
CA GLU A 8 -5.29 -1.61 -12.98
C GLU A 8 -3.92 -2.24 -13.20
N VAL A 9 -2.98 -1.86 -12.38
CA VAL A 9 -1.66 -2.43 -12.40
C VAL A 9 -1.46 -3.20 -11.12
N GLN A 10 -0.55 -4.10 -11.10
CA GLN A 10 -0.34 -4.91 -9.93
C GLN A 10 1.13 -4.89 -9.58
N PHE A 11 1.43 -4.89 -8.32
CA PHE A 11 2.80 -4.86 -7.89
C PHE A 11 2.94 -5.73 -6.66
N MET A 12 4.10 -6.33 -6.48
CA MET A 12 4.36 -7.19 -5.35
C MET A 12 5.59 -6.68 -4.63
N LYS A 13 5.57 -6.72 -3.33
CA LYS A 13 6.72 -6.27 -2.58
C LYS A 13 6.91 -7.12 -1.33
N PRO A 14 8.13 -7.15 -0.78
CA PRO A 14 8.40 -7.82 0.47
C PRO A 14 8.08 -6.91 1.65
N PHE A 15 7.64 -7.48 2.73
CA PHE A 15 7.34 -6.72 3.90
C PHE A 15 8.61 -6.56 4.73
N ILE A 16 8.97 -5.34 5.07
CA ILE A 16 10.11 -5.09 5.91
C ILE A 16 9.60 -4.75 7.29
N SER A 17 9.93 -5.55 8.27
CA SER A 17 9.39 -5.40 9.60
C SER A 17 9.84 -4.11 10.29
N GLU A 18 10.86 -3.48 9.75
CA GLU A 18 11.34 -2.25 10.29
C GLU A 18 10.53 -1.06 9.78
N LYS A 19 10.11 -1.12 8.51
CA LYS A 19 9.44 0.04 7.94
C LYS A 19 7.98 -0.16 7.78
N SER A 20 7.60 -1.33 7.34
CA SER A 20 6.25 -1.59 7.01
C SER A 20 5.40 -1.84 8.26
N SER A 21 6.01 -1.77 9.42
CA SER A 21 5.27 -1.85 10.65
C SER A 21 4.53 -0.53 10.95
N LYS A 22 4.94 0.57 10.30
CA LYS A 22 4.24 1.83 10.51
C LYS A 22 4.07 2.63 9.23
N SER A 23 4.91 2.39 8.26
CA SER A 23 4.82 3.09 7.00
C SER A 23 4.90 2.13 5.81
N LEU A 24 4.14 2.41 4.79
CA LEU A 24 4.15 1.57 3.59
C LEU A 24 5.14 2.18 2.62
N GLU A 25 6.05 1.38 2.16
CA GLU A 25 7.12 1.81 1.27
C GLU A 25 6.75 1.53 -0.20
N ILE A 26 6.59 2.61 -0.98
CA ILE A 26 6.28 2.50 -2.40
C ILE A 26 7.52 2.86 -3.23
N PRO A 27 7.92 1.96 -4.15
CA PRO A 27 9.10 2.14 -5.01
C PRO A 27 9.07 3.47 -5.79
N LEU A 28 10.23 4.07 -5.88
CA LEU A 28 10.43 5.36 -6.54
C LEU A 28 10.00 5.29 -8.01
N GLY A 29 10.38 4.22 -8.68
CA GLY A 29 10.05 4.05 -10.10
C GLY A 29 8.56 3.90 -10.36
N PHE A 30 7.84 3.44 -9.36
CA PHE A 30 6.39 3.25 -9.47
C PHE A 30 5.71 4.59 -9.26
N ASN A 31 6.28 5.40 -8.39
CA ASN A 31 5.75 6.73 -8.11
C ASN A 31 6.11 7.69 -9.25
N GLU A 32 7.28 7.46 -9.85
CA GLU A 32 7.74 8.22 -11.01
C GLU A 32 6.76 8.03 -12.19
N TYR A 33 6.06 6.93 -12.14
CA TYR A 33 5.07 6.57 -13.13
C TYR A 33 3.84 7.50 -13.09
N PHE A 34 3.55 8.09 -11.94
CA PHE A 34 2.41 8.98 -11.84
C PHE A 34 2.68 10.18 -10.91
N PRO A 35 3.04 11.35 -11.47
CA PRO A 35 3.17 12.52 -10.66
C PRO A 35 1.80 13.11 -10.39
N ALA A 36 1.60 13.44 -9.17
CA ALA A 36 0.35 13.98 -8.72
C ALA A 36 0.59 14.84 -7.51
N PRO A 37 -0.32 15.74 -7.15
CA PRO A 37 -0.26 16.43 -5.87
C PRO A 37 -0.53 15.39 -4.78
N PHE A 38 0.11 15.50 -3.64
CA PHE A 38 0.02 14.50 -2.64
C PHE A 38 -1.36 14.45 -2.00
N PRO A 39 -1.89 13.24 -1.77
CA PRO A 39 -3.12 13.04 -1.05
C PRO A 39 -2.87 13.18 0.44
N ILE A 40 -3.90 13.41 1.18
CA ILE A 40 -3.76 13.48 2.61
C ILE A 40 -4.05 12.10 3.19
N THR A 41 -5.01 11.41 2.60
CA THR A 41 -5.41 10.10 3.06
C THR A 41 -5.94 9.27 1.87
N VAL A 42 -5.83 7.97 1.99
CA VAL A 42 -6.25 7.01 0.96
C VAL A 42 -6.87 5.81 1.66
N ASP A 43 -7.59 5.00 0.92
CA ASP A 43 -8.29 3.88 1.52
C ASP A 43 -7.80 2.58 0.92
N LEU A 44 -7.61 1.59 1.78
CA LEU A 44 -7.12 0.29 1.36
C LEU A 44 -8.23 -0.72 1.45
N LEU A 45 -8.52 -1.36 0.36
CA LEU A 45 -9.58 -2.33 0.31
C LEU A 45 -9.01 -3.73 0.37
N ASP A 46 -9.72 -4.57 1.07
CA ASP A 46 -9.43 -5.97 1.15
C ASP A 46 -10.56 -6.73 0.48
N TYR A 47 -10.23 -7.83 -0.17
CA TYR A 47 -11.20 -8.62 -0.94
C TYR A 47 -12.38 -9.12 -0.08
N SER A 48 -12.17 -9.29 1.22
CA SER A 48 -13.21 -9.77 2.10
C SER A 48 -14.18 -8.63 2.46
N GLY A 49 -13.88 -7.43 2.03
CA GLY A 49 -14.77 -6.31 2.27
C GLY A 49 -14.29 -5.42 3.39
N ARG A 50 -13.13 -5.73 3.93
CA ARG A 50 -12.56 -4.92 4.98
C ARG A 50 -11.84 -3.75 4.36
N SER A 51 -11.78 -2.64 5.06
CA SER A 51 -11.12 -1.48 4.52
C SER A 51 -10.40 -0.69 5.60
N TRP A 52 -9.20 -0.27 5.29
CA TRP A 52 -8.40 0.53 6.19
C TRP A 52 -8.07 1.86 5.58
N THR A 53 -8.41 2.90 6.26
CA THR A 53 -8.15 4.21 5.80
C THR A 53 -6.77 4.63 6.33
N VAL A 54 -5.85 4.89 5.43
CA VAL A 54 -4.46 5.14 5.76
C VAL A 54 -3.97 6.46 5.19
N ARG A 55 -2.94 7.00 5.78
CA ARG A 55 -2.42 8.28 5.36
C ARG A 55 -1.22 8.10 4.46
N MET A 56 -1.33 8.63 3.26
CA MET A 56 -0.33 8.48 2.19
C MET A 56 0.13 9.84 1.73
N LYS A 57 1.43 10.10 1.77
CA LYS A 57 1.95 11.37 1.31
C LYS A 57 3.03 11.20 0.26
N LYS A 58 2.90 11.93 -0.82
CA LYS A 58 3.92 11.98 -1.84
C LYS A 58 4.75 13.19 -1.65
N ARG A 59 5.97 12.95 -1.51
CA ARG A 59 6.94 13.97 -1.31
C ARG A 59 8.20 13.49 -1.95
N GLY A 60 8.44 13.95 -3.14
CA GLY A 60 9.55 13.46 -3.88
C GLY A 60 9.14 12.28 -4.71
N GLU A 61 10.09 11.53 -5.19
CA GLU A 61 9.79 10.43 -6.06
C GLU A 61 9.57 9.11 -5.36
N LYS A 62 9.64 9.09 -4.05
CA LYS A 62 9.29 7.90 -3.36
C LYS A 62 8.14 8.21 -2.42
N VAL A 63 7.23 7.28 -2.27
CA VAL A 63 6.08 7.51 -1.43
C VAL A 63 6.09 6.58 -0.25
N PHE A 64 5.88 7.15 0.90
CA PHE A 64 5.72 6.39 2.08
C PHE A 64 4.35 6.68 2.63
N LEU A 65 3.62 5.66 2.96
CA LEU A 65 2.37 5.86 3.60
C LEU A 65 2.63 5.94 5.06
N THR A 66 2.41 7.11 5.56
CA THR A 66 2.65 7.45 6.93
C THR A 66 1.73 6.68 7.91
N VAL A 67 1.68 7.18 9.13
CA VAL A 67 0.96 6.57 10.22
C VAL A 67 -0.52 6.38 9.85
N GLY A 68 -1.07 5.29 10.30
CA GLY A 68 -2.40 4.91 9.91
C GLY A 68 -2.38 3.57 9.26
N TRP A 69 -1.32 3.34 8.46
CA TRP A 69 -1.04 2.05 7.83
C TRP A 69 -0.89 0.98 8.92
N GLU A 70 -0.53 1.44 10.07
CA GLU A 70 -0.32 0.62 11.24
C GLU A 70 -1.59 -0.20 11.59
N ASN A 71 -2.76 0.34 11.28
CA ASN A 71 -4.03 -0.35 11.57
C ASN A 71 -4.11 -1.67 10.83
N PHE A 72 -3.58 -1.66 9.63
CA PHE A 72 -3.59 -2.79 8.75
C PHE A 72 -2.59 -3.83 9.24
N VAL A 73 -1.38 -3.37 9.55
CA VAL A 73 -0.31 -4.25 9.97
C VAL A 73 -0.66 -4.89 11.30
N LYS A 74 -1.23 -4.11 12.16
CA LYS A 74 -1.67 -4.58 13.46
C LYS A 74 -2.87 -5.48 13.35
N ASP A 75 -3.74 -5.25 12.38
CA ASP A 75 -4.93 -6.10 12.25
C ASP A 75 -4.60 -7.44 11.61
N ASN A 76 -3.76 -7.44 10.61
CA ASN A 76 -3.44 -8.68 9.89
C ASN A 76 -2.14 -9.32 10.38
N ASN A 77 -1.49 -8.65 11.33
CA ASN A 77 -0.19 -9.04 11.88
C ASN A 77 0.81 -9.51 10.86
N LEU A 78 1.43 -8.56 10.21
CA LEU A 78 2.37 -8.86 9.20
C LEU A 78 3.78 -8.67 9.73
N GLU A 79 4.68 -9.46 9.23
CA GLU A 79 6.08 -9.39 9.59
C GLU A 79 6.91 -9.71 8.37
N ASP A 80 8.20 -9.53 8.49
CA ASP A 80 9.10 -9.82 7.40
C ASP A 80 9.05 -11.30 7.07
N GLY A 81 9.03 -11.60 5.81
CA GLY A 81 8.84 -12.97 5.38
C GLY A 81 7.51 -13.10 4.69
N LYS A 82 6.65 -12.15 4.97
CA LYS A 82 5.35 -12.05 4.35
C LYS A 82 5.42 -11.09 3.18
N TYR A 83 4.49 -11.18 2.25
CA TYR A 83 4.56 -10.40 1.03
C TYR A 83 3.23 -9.79 0.74
N LEU A 84 3.24 -8.68 0.09
CA LEU A 84 2.01 -7.99 -0.24
C LEU A 84 1.97 -7.64 -1.68
N GLN A 85 0.85 -7.84 -2.30
CA GLN A 85 0.67 -7.41 -3.64
C GLN A 85 -0.46 -6.40 -3.68
N PHE A 86 -0.28 -5.39 -4.44
CA PHE A 86 -1.23 -4.33 -4.52
C PHE A 86 -1.79 -4.24 -5.90
N ILE A 87 -3.09 -4.17 -5.99
CA ILE A 87 -3.75 -3.93 -7.23
C ILE A 87 -4.15 -2.48 -7.22
N TYR A 88 -3.60 -1.74 -8.12
CA TYR A 88 -3.77 -0.32 -8.14
C TYR A 88 -4.37 0.12 -9.48
N ASP A 89 -5.50 0.81 -9.44
CA ASP A 89 -6.19 1.26 -10.68
C ASP A 89 -5.64 2.56 -11.20
N ARG A 90 -4.66 3.10 -10.49
CA ARG A 90 -4.13 4.44 -10.75
C ARG A 90 -5.21 5.44 -10.35
N ASP A 91 -5.25 5.70 -9.05
CA ASP A 91 -6.33 6.40 -8.40
C ASP A 91 -5.90 6.53 -6.92
N ARG A 92 -6.83 6.66 -6.02
CA ARG A 92 -6.57 6.75 -4.58
C ARG A 92 -7.01 5.43 -3.94
N THR A 93 -7.29 4.47 -4.78
CA THR A 93 -7.82 3.21 -4.35
C THR A 93 -6.77 2.10 -4.52
N PHE A 94 -6.51 1.38 -3.45
CA PHE A 94 -5.54 0.29 -3.45
C PHE A 94 -6.19 -0.97 -2.90
N TYR A 95 -5.97 -2.08 -3.55
CA TYR A 95 -6.43 -3.37 -3.06
C TYR A 95 -5.22 -4.15 -2.63
N VAL A 96 -5.22 -4.59 -1.39
CA VAL A 96 -4.06 -5.24 -0.84
C VAL A 96 -4.29 -6.74 -0.65
N ILE A 97 -3.44 -7.55 -1.24
CA ILE A 97 -3.49 -8.99 -1.04
C ILE A 97 -2.22 -9.40 -0.30
N ILE A 98 -2.38 -9.92 0.89
CA ILE A 98 -1.29 -10.29 1.74
C ILE A 98 -1.02 -11.80 1.71
N TYR A 99 0.24 -12.13 1.73
CA TYR A 99 0.69 -13.49 1.84
C TYR A 99 1.11 -13.72 3.25
N GLY A 100 0.71 -14.82 3.82
CA GLY A 100 0.94 -15.05 5.21
C GLY A 100 -0.20 -14.43 5.98
N HIS A 101 -1.33 -15.09 6.00
CA HIS A 101 -2.51 -14.55 6.63
C HIS A 101 -2.54 -14.87 8.10
N ASN A 102 -2.10 -13.95 8.92
CA ASN A 102 -2.23 -14.13 10.34
C ASN A 102 -3.63 -13.73 10.71
N MET A 103 -4.44 -14.70 10.97
CA MET A 103 -5.82 -14.47 11.27
C MET A 103 -6.04 -14.85 12.71
N CYS A 104 -6.31 -13.87 13.53
CA CYS A 104 -6.52 -14.08 14.92
C CYS A 104 -7.62 -13.14 15.38
N MET A 3 -8.33 3.24 -26.75
CA MET A 3 -7.51 2.82 -25.61
C MET A 3 -8.37 2.76 -24.38
N ALA A 4 -8.00 1.92 -23.46
CA ALA A 4 -8.64 1.83 -22.19
C ALA A 4 -7.62 2.14 -21.13
N ASP A 5 -7.49 3.40 -20.82
CA ASP A 5 -6.48 3.83 -19.89
C ASP A 5 -7.12 4.24 -18.60
N THR A 6 -7.28 3.29 -17.74
CA THR A 6 -7.75 3.56 -16.44
C THR A 6 -6.54 3.73 -15.55
N GLY A 7 -5.45 3.06 -15.96
CA GLY A 7 -4.23 3.10 -15.23
C GLY A 7 -4.24 2.10 -14.11
N GLU A 8 -3.30 1.20 -14.12
CA GLU A 8 -3.21 0.22 -13.06
C GLU A 8 -1.78 -0.27 -12.93
N VAL A 9 -1.35 -0.38 -11.72
CA VAL A 9 -0.05 -0.92 -11.39
C VAL A 9 -0.18 -1.80 -10.17
N GLN A 10 0.51 -2.87 -10.17
CA GLN A 10 0.48 -3.79 -9.07
C GLN A 10 1.90 -4.10 -8.69
N PHE A 11 2.15 -4.25 -7.42
CA PHE A 11 3.47 -4.60 -6.95
C PHE A 11 3.38 -5.39 -5.67
N MET A 12 4.32 -6.31 -5.49
CA MET A 12 4.37 -7.14 -4.30
C MET A 12 5.81 -7.36 -3.84
N LYS A 13 6.05 -7.24 -2.56
CA LYS A 13 7.28 -7.70 -2.00
C LYS A 13 7.04 -7.97 -0.54
N PRO A 14 7.88 -8.79 0.14
CA PRO A 14 7.76 -8.96 1.58
C PRO A 14 7.95 -7.62 2.24
N PHE A 15 7.10 -7.28 3.14
CA PHE A 15 7.17 -5.98 3.73
C PHE A 15 8.13 -6.00 4.88
N ILE A 16 8.91 -4.97 5.03
CA ILE A 16 9.89 -4.92 6.06
C ILE A 16 9.26 -4.28 7.28
N SER A 17 9.31 -4.99 8.40
CA SER A 17 8.66 -4.59 9.64
C SER A 17 9.19 -3.24 10.17
N GLU A 18 10.35 -2.85 9.68
CA GLU A 18 10.96 -1.58 10.01
C GLU A 18 10.08 -0.43 9.51
N LYS A 19 9.59 -0.52 8.27
CA LYS A 19 8.73 0.53 7.77
C LYS A 19 7.32 0.27 8.13
N SER A 20 6.94 -1.00 8.03
CA SER A 20 5.57 -1.41 8.26
C SER A 20 5.09 -1.12 9.69
N SER A 21 6.02 -0.74 10.55
CA SER A 21 5.71 -0.33 11.88
C SER A 21 4.72 0.86 11.88
N LYS A 22 4.96 1.86 11.00
CA LYS A 22 4.08 3.02 10.91
C LYS A 22 3.89 3.56 9.49
N SER A 23 4.53 2.99 8.51
CA SER A 23 4.40 3.52 7.16
C SER A 23 4.50 2.45 6.10
N LEU A 24 3.90 2.69 4.97
CA LEU A 24 3.98 1.79 3.89
C LEU A 24 4.99 2.37 2.95
N GLU A 25 6.07 1.66 2.82
CA GLU A 25 7.15 2.03 1.95
C GLU A 25 6.70 1.80 0.51
N ILE A 26 6.60 2.85 -0.22
CA ILE A 26 6.26 2.77 -1.59
C ILE A 26 7.54 2.75 -2.41
N PRO A 27 7.68 1.75 -3.32
CA PRO A 27 8.88 1.59 -4.15
C PRO A 27 9.23 2.87 -4.91
N LEU A 28 10.51 3.19 -4.95
CA LEU A 28 10.97 4.37 -5.66
C LEU A 28 10.69 4.18 -7.16
N GLY A 29 10.75 2.92 -7.59
CA GLY A 29 10.48 2.56 -8.96
C GLY A 29 9.05 2.88 -9.37
N PHE A 30 8.14 2.83 -8.41
CA PHE A 30 6.72 3.17 -8.60
C PHE A 30 6.63 4.66 -8.95
N ASN A 31 7.28 5.47 -8.14
CA ASN A 31 7.32 6.93 -8.34
C ASN A 31 8.05 7.27 -9.63
N GLU A 32 9.12 6.56 -9.89
CA GLU A 32 9.93 6.73 -11.08
C GLU A 32 9.10 6.43 -12.33
N TYR A 33 8.26 5.43 -12.21
CA TYR A 33 7.46 4.97 -13.30
C TYR A 33 6.33 5.96 -13.60
N PHE A 34 5.88 6.68 -12.59
CA PHE A 34 4.86 7.72 -12.78
C PHE A 34 4.76 8.63 -11.58
N PRO A 35 4.85 9.95 -11.78
CA PRO A 35 4.52 10.85 -10.73
C PRO A 35 3.03 10.87 -10.59
N ALA A 36 2.59 10.85 -9.40
CA ALA A 36 1.18 10.77 -9.13
C ALA A 36 0.80 11.92 -8.24
N PRO A 37 -0.41 12.44 -8.40
CA PRO A 37 -0.91 13.48 -7.51
C PRO A 37 -0.94 12.98 -6.09
N PHE A 38 -0.57 13.84 -5.17
CA PHE A 38 -0.53 13.48 -3.81
C PHE A 38 -1.92 13.59 -3.16
N PRO A 39 -2.51 12.45 -2.81
CA PRO A 39 -3.79 12.42 -2.16
C PRO A 39 -3.67 12.52 -0.66
N ILE A 40 -4.51 13.32 -0.04
CA ILE A 40 -4.47 13.48 1.40
C ILE A 40 -4.79 12.16 2.09
N THR A 41 -5.91 11.56 1.72
CA THR A 41 -6.25 10.29 2.26
C THR A 41 -6.47 9.26 1.14
N VAL A 42 -6.19 8.05 1.46
CA VAL A 42 -6.32 6.92 0.58
C VAL A 42 -6.96 5.82 1.40
N ASP A 43 -7.59 4.87 0.78
CA ASP A 43 -8.25 3.83 1.52
C ASP A 43 -7.78 2.48 1.03
N LEU A 44 -7.50 1.59 1.96
CA LEU A 44 -6.97 0.28 1.65
C LEU A 44 -8.03 -0.75 1.89
N LEU A 45 -8.28 -1.56 0.92
CA LEU A 45 -9.24 -2.62 1.05
C LEU A 45 -8.54 -3.95 1.19
N ASP A 46 -9.05 -4.75 2.08
CA ASP A 46 -8.58 -6.11 2.25
C ASP A 46 -9.69 -7.01 1.83
N TYR A 47 -9.36 -8.09 1.18
CA TYR A 47 -10.35 -9.00 0.64
C TYR A 47 -11.15 -9.78 1.69
N SER A 48 -10.80 -9.61 2.96
CA SER A 48 -11.58 -10.19 4.01
C SER A 48 -12.77 -9.26 4.32
N GLY A 49 -12.69 -8.03 3.81
CA GLY A 49 -13.80 -7.12 3.93
C GLY A 49 -13.51 -5.83 4.69
N ARG A 50 -12.40 -5.75 5.41
CA ARG A 50 -12.15 -4.55 6.19
C ARG A 50 -11.39 -3.50 5.36
N SER A 51 -11.57 -2.25 5.71
CA SER A 51 -10.96 -1.15 5.01
C SER A 51 -10.22 -0.22 5.99
N TRP A 52 -9.06 0.27 5.58
CA TRP A 52 -8.26 1.20 6.41
C TRP A 52 -7.95 2.46 5.64
N THR A 53 -8.24 3.59 6.22
CA THR A 53 -7.96 4.85 5.59
C THR A 53 -6.55 5.35 6.01
N VAL A 54 -5.70 5.54 5.04
CA VAL A 54 -4.30 5.86 5.20
C VAL A 54 -3.92 7.14 4.44
N ARG A 55 -2.84 7.78 4.84
CA ARG A 55 -2.35 8.95 4.10
C ARG A 55 -1.14 8.59 3.22
N MET A 56 -1.23 8.93 1.96
CA MET A 56 -0.17 8.71 0.97
C MET A 56 0.41 10.04 0.57
N LYS A 57 1.68 10.25 0.77
CA LYS A 57 2.24 11.54 0.50
C LYS A 57 3.40 11.48 -0.46
N LYS A 58 3.30 12.24 -1.53
CA LYS A 58 4.37 12.39 -2.48
C LYS A 58 4.98 13.72 -2.36
N ARG A 59 6.17 13.69 -1.98
CA ARG A 59 6.96 14.86 -1.79
C ARG A 59 8.39 14.52 -2.10
N GLY A 60 8.84 14.89 -3.25
CA GLY A 60 10.20 14.65 -3.62
C GLY A 60 10.32 13.49 -4.57
N GLU A 61 11.37 12.72 -4.42
CA GLU A 61 11.66 11.62 -5.32
C GLU A 61 11.02 10.32 -4.85
N LYS A 62 10.44 10.34 -3.67
CA LYS A 62 9.81 9.17 -3.11
C LYS A 62 8.40 9.47 -2.66
N VAL A 63 7.68 8.42 -2.33
CA VAL A 63 6.33 8.54 -1.83
C VAL A 63 6.23 7.67 -0.59
N PHE A 64 5.72 8.21 0.47
CA PHE A 64 5.57 7.46 1.68
C PHE A 64 4.14 7.53 2.12
N LEU A 65 3.60 6.42 2.43
CA LEU A 65 2.27 6.35 2.94
C LEU A 65 2.42 6.12 4.42
N THR A 66 2.03 7.06 5.23
CA THR A 66 2.37 7.00 6.62
C THR A 66 1.23 6.55 7.56
N VAL A 67 0.61 7.53 8.19
CA VAL A 67 -0.37 7.28 9.23
C VAL A 67 -1.61 6.56 8.72
N GLY A 68 -2.03 5.57 9.46
CA GLY A 68 -3.14 4.78 9.06
C GLY A 68 -2.74 3.36 8.79
N TRP A 69 -1.59 3.21 8.12
CA TRP A 69 -1.05 1.89 7.80
C TRP A 69 -0.80 1.10 9.05
N GLU A 70 -0.58 1.79 10.12
CA GLU A 70 -0.25 1.11 11.34
C GLU A 70 -1.46 0.37 11.90
N ASN A 71 -2.64 0.87 11.59
CA ASN A 71 -3.88 0.23 12.03
C ASN A 71 -4.06 -1.10 11.31
N PHE A 72 -3.52 -1.14 10.12
CA PHE A 72 -3.53 -2.30 9.27
C PHE A 72 -2.54 -3.34 9.80
N VAL A 73 -1.31 -2.89 10.08
CA VAL A 73 -0.27 -3.80 10.59
C VAL A 73 -0.67 -4.37 11.93
N LYS A 74 -1.30 -3.53 12.72
CA LYS A 74 -1.84 -3.93 14.00
C LYS A 74 -2.97 -4.92 13.81
N ASP A 75 -3.87 -4.62 12.90
CA ASP A 75 -5.06 -5.45 12.79
C ASP A 75 -4.82 -6.77 12.06
N ASN A 76 -4.06 -6.75 11.01
CA ASN A 76 -3.81 -7.98 10.24
C ASN A 76 -2.65 -8.75 10.82
N ASN A 77 -1.87 -8.09 11.67
CA ASN A 77 -0.66 -8.61 12.23
C ASN A 77 0.23 -9.27 11.20
N LEU A 78 0.84 -8.46 10.38
CA LEU A 78 1.72 -8.95 9.37
C LEU A 78 3.12 -8.54 9.68
N GLU A 79 4.02 -9.44 9.50
CA GLU A 79 5.39 -9.23 9.81
C GLU A 79 6.21 -9.44 8.57
N ASP A 80 7.44 -8.98 8.61
CA ASP A 80 8.37 -9.15 7.50
C ASP A 80 8.54 -10.62 7.12
N GLY A 81 8.46 -10.87 5.83
CA GLY A 81 8.59 -12.21 5.32
C GLY A 81 7.46 -12.54 4.37
N LYS A 82 6.26 -12.17 4.74
CA LYS A 82 5.11 -12.39 3.89
C LYS A 82 4.98 -11.34 2.81
N TYR A 83 4.33 -11.71 1.73
CA TYR A 83 4.22 -10.88 0.57
C TYR A 83 2.93 -10.13 0.58
N LEU A 84 3.02 -8.86 0.36
CA LEU A 84 1.85 -8.06 0.22
C LEU A 84 1.78 -7.54 -1.18
N GLN A 85 0.63 -7.65 -1.75
CA GLN A 85 0.39 -7.19 -3.09
C GLN A 85 -0.49 -6.00 -3.02
N PHE A 86 -0.06 -4.94 -3.62
CA PHE A 86 -0.80 -3.73 -3.64
C PHE A 86 -1.20 -3.44 -5.06
N ILE A 87 -2.48 -3.41 -5.29
CA ILE A 87 -3.00 -3.09 -6.59
C ILE A 87 -3.48 -1.65 -6.56
N TYR A 88 -2.86 -0.83 -7.36
CA TYR A 88 -3.18 0.57 -7.42
C TYR A 88 -3.64 0.94 -8.81
N ASP A 89 -4.79 1.57 -8.92
CA ASP A 89 -5.25 2.06 -10.22
C ASP A 89 -4.63 3.42 -10.49
N ARG A 90 -5.40 4.47 -10.25
CA ARG A 90 -4.97 5.88 -10.33
C ARG A 90 -5.84 6.61 -9.34
N ASP A 91 -6.46 5.84 -8.49
CA ASP A 91 -7.43 6.31 -7.58
C ASP A 91 -6.84 6.25 -6.19
N ARG A 92 -7.61 6.60 -5.25
CA ARG A 92 -7.23 6.64 -3.85
C ARG A 92 -7.65 5.34 -3.19
N THR A 93 -7.62 4.29 -3.97
CA THR A 93 -8.04 3.00 -3.53
C THR A 93 -6.94 1.95 -3.82
N PHE A 94 -6.48 1.27 -2.79
CA PHE A 94 -5.54 0.16 -2.94
C PHE A 94 -6.22 -1.12 -2.56
N TYR A 95 -5.90 -2.17 -3.24
CA TYR A 95 -6.38 -3.48 -2.91
C TYR A 95 -5.20 -4.28 -2.42
N VAL A 96 -5.26 -4.77 -1.19
CA VAL A 96 -4.12 -5.44 -0.59
C VAL A 96 -4.39 -6.94 -0.40
N ILE A 97 -3.39 -7.74 -0.75
CA ILE A 97 -3.46 -9.19 -0.57
C ILE A 97 -2.18 -9.67 0.14
N ILE A 98 -2.34 -10.35 1.26
CA ILE A 98 -1.23 -10.96 2.00
C ILE A 98 -1.11 -12.41 1.60
N TYR A 99 0.06 -12.81 1.15
CA TYR A 99 0.30 -14.17 0.80
C TYR A 99 0.98 -14.89 1.95
N GLY A 100 0.35 -15.94 2.40
CA GLY A 100 0.86 -16.71 3.50
C GLY A 100 -0.28 -17.24 4.32
N HIS A 101 0.01 -17.65 5.54
CA HIS A 101 -1.03 -18.14 6.42
C HIS A 101 -1.31 -17.16 7.52
N ASN A 102 -2.06 -16.15 7.17
CA ASN A 102 -2.48 -15.14 8.11
C ASN A 102 -3.98 -15.23 8.23
N MET A 103 -4.64 -15.03 7.12
CA MET A 103 -6.06 -15.13 7.05
C MET A 103 -6.35 -16.03 5.87
N CYS A 104 -6.93 -17.16 6.12
CA CYS A 104 -7.18 -18.13 5.09
C CYS A 104 -8.63 -18.04 4.60
N MET A 3 -0.46 -1.95 -26.87
CA MET A 3 -1.80 -1.35 -27.00
C MET A 3 -2.50 -1.42 -25.67
N ALA A 4 -3.69 -0.82 -25.59
CA ALA A 4 -4.54 -0.85 -24.41
C ALA A 4 -3.84 -0.19 -23.22
N ASP A 5 -4.40 -0.35 -22.06
CA ASP A 5 -3.82 0.16 -20.85
C ASP A 5 -4.10 -0.83 -19.75
N THR A 6 -3.43 -0.69 -18.65
CA THR A 6 -3.54 -1.61 -17.55
C THR A 6 -4.74 -1.29 -16.65
N GLY A 7 -5.21 -0.05 -16.71
CA GLY A 7 -6.25 0.38 -15.79
C GLY A 7 -5.70 0.53 -14.42
N GLU A 8 -5.99 -0.41 -13.60
CA GLU A 8 -5.43 -0.46 -12.30
C GLU A 8 -4.17 -1.33 -12.34
N VAL A 9 -3.10 -0.84 -11.79
CA VAL A 9 -1.83 -1.52 -11.85
C VAL A 9 -1.59 -2.26 -10.55
N GLN A 10 -1.05 -3.43 -10.66
CA GLN A 10 -0.75 -4.21 -9.51
C GLN A 10 0.76 -4.33 -9.36
N PHE A 11 1.21 -4.35 -8.15
CA PHE A 11 2.60 -4.55 -7.86
C PHE A 11 2.75 -5.31 -6.58
N MET A 12 3.78 -6.10 -6.47
CA MET A 12 4.00 -6.93 -5.30
C MET A 12 5.39 -6.68 -4.76
N LYS A 13 5.54 -6.75 -3.47
CA LYS A 13 6.81 -6.48 -2.85
C LYS A 13 6.93 -7.21 -1.53
N PRO A 14 8.13 -7.70 -1.19
CA PRO A 14 8.41 -8.26 0.13
C PRO A 14 8.34 -7.16 1.19
N PHE A 15 7.90 -7.50 2.37
CA PHE A 15 7.79 -6.53 3.43
C PHE A 15 8.88 -6.62 4.45
N ILE A 16 9.34 -5.46 4.87
CA ILE A 16 10.39 -5.33 5.84
C ILE A 16 9.81 -4.59 7.04
N SER A 17 9.79 -5.25 8.18
CA SER A 17 9.14 -4.75 9.40
C SER A 17 9.68 -3.39 9.84
N GLU A 18 10.88 -3.07 9.41
CA GLU A 18 11.52 -1.82 9.74
C GLU A 18 10.73 -0.64 9.17
N LYS A 19 10.21 -0.79 7.95
CA LYS A 19 9.35 0.27 7.43
C LYS A 19 7.92 -0.02 7.69
N SER A 20 7.54 -1.27 7.49
CA SER A 20 6.15 -1.67 7.53
C SER A 20 5.50 -1.51 8.89
N SER A 21 6.29 -1.26 9.91
CA SER A 21 5.75 -1.04 11.23
C SER A 21 5.01 0.31 11.29
N LYS A 22 5.36 1.23 10.39
CA LYS A 22 4.77 2.54 10.42
C LYS A 22 4.43 3.09 9.05
N SER A 23 5.10 2.61 8.03
CA SER A 23 4.88 3.10 6.68
C SER A 23 4.97 1.99 5.64
N LEU A 24 4.30 2.19 4.55
CA LEU A 24 4.38 1.29 3.41
C LEU A 24 5.40 1.93 2.46
N GLU A 25 6.46 1.21 2.13
CA GLU A 25 7.43 1.78 1.24
C GLU A 25 7.13 1.41 -0.21
N ILE A 26 6.97 2.39 -1.05
CA ILE A 26 6.73 2.14 -2.46
C ILE A 26 8.03 2.42 -3.21
N PRO A 27 8.47 1.51 -4.11
CA PRO A 27 9.66 1.74 -4.93
C PRO A 27 9.50 3.03 -5.75
N LEU A 28 10.59 3.78 -5.86
CA LEU A 28 10.59 5.09 -6.53
C LEU A 28 10.10 4.95 -7.99
N GLY A 29 10.35 3.79 -8.60
CA GLY A 29 9.90 3.53 -9.96
C GLY A 29 8.38 3.68 -10.14
N PHE A 30 7.64 3.38 -9.09
CA PHE A 30 6.19 3.54 -9.12
C PHE A 30 5.82 4.94 -8.70
N ASN A 31 6.63 5.54 -7.84
CA ASN A 31 6.40 6.92 -7.40
C ASN A 31 6.55 7.87 -8.57
N GLU A 32 7.46 7.52 -9.44
CA GLU A 32 7.73 8.27 -10.64
C GLU A 32 6.61 8.03 -11.66
N TYR A 33 5.97 6.88 -11.56
CA TYR A 33 4.89 6.51 -12.45
C TYR A 33 3.59 7.21 -12.02
N PHE A 34 3.47 7.50 -10.73
CA PHE A 34 2.30 8.20 -10.26
C PHE A 34 2.59 9.36 -9.29
N PRO A 35 3.01 10.52 -9.81
CA PRO A 35 3.10 11.69 -8.99
C PRO A 35 1.76 12.37 -8.90
N ALA A 36 1.43 12.74 -7.73
CA ALA A 36 0.19 13.40 -7.43
C ALA A 36 0.40 14.27 -6.21
N PRO A 37 -0.45 15.27 -5.98
CA PRO A 37 -0.42 16.01 -4.72
C PRO A 37 -0.74 15.03 -3.60
N PHE A 38 -0.02 15.08 -2.51
CA PHE A 38 -0.17 14.13 -1.47
C PHE A 38 -1.51 14.26 -0.75
N PRO A 39 -2.31 13.19 -0.77
CA PRO A 39 -3.58 13.14 -0.09
C PRO A 39 -3.38 12.87 1.40
N ILE A 40 -4.12 13.59 2.22
CA ILE A 40 -4.01 13.45 3.66
C ILE A 40 -4.46 12.06 4.08
N THR A 41 -5.50 11.57 3.44
CA THR A 41 -5.98 10.26 3.74
C THR A 41 -6.18 9.45 2.46
N VAL A 42 -6.02 8.16 2.58
CA VAL A 42 -6.21 7.19 1.53
C VAL A 42 -6.86 5.97 2.15
N ASP A 43 -7.65 5.26 1.39
CA ASP A 43 -8.30 4.09 1.91
C ASP A 43 -7.76 2.84 1.27
N LEU A 44 -7.51 1.85 2.11
CA LEU A 44 -7.05 0.57 1.66
C LEU A 44 -8.16 -0.42 1.82
N LEU A 45 -8.41 -1.18 0.81
CA LEU A 45 -9.47 -2.16 0.86
C LEU A 45 -8.95 -3.57 1.04
N ASP A 46 -9.70 -4.34 1.78
CA ASP A 46 -9.43 -5.75 2.04
C ASP A 46 -10.48 -6.60 1.33
N TYR A 47 -10.18 -7.88 1.22
CA TYR A 47 -11.02 -8.88 0.55
C TYR A 47 -12.44 -8.84 1.10
N SER A 48 -12.54 -8.91 2.42
CA SER A 48 -13.81 -8.98 3.11
C SER A 48 -14.54 -7.64 3.10
N GLY A 49 -13.86 -6.61 2.66
CA GLY A 49 -14.46 -5.31 2.61
C GLY A 49 -14.00 -4.43 3.72
N ARG A 50 -12.98 -4.86 4.45
CA ARG A 50 -12.41 -4.02 5.51
C ARG A 50 -11.77 -2.83 4.85
N SER A 51 -11.74 -1.74 5.53
CA SER A 51 -11.14 -0.57 4.98
C SER A 51 -10.32 0.15 6.01
N TRP A 52 -9.16 0.58 5.62
CA TRP A 52 -8.31 1.36 6.51
C TRP A 52 -8.00 2.69 5.91
N THR A 53 -8.16 3.71 6.69
CA THR A 53 -7.79 5.00 6.27
C THR A 53 -6.33 5.23 6.67
N VAL A 54 -5.50 5.35 5.68
CA VAL A 54 -4.08 5.48 5.83
C VAL A 54 -3.64 6.82 5.32
N ARG A 55 -2.52 7.29 5.77
CA ARG A 55 -2.03 8.57 5.34
C ARG A 55 -0.95 8.38 4.30
N MET A 56 -1.06 9.08 3.22
CA MET A 56 -0.12 8.96 2.11
C MET A 56 0.68 10.24 2.00
N LYS A 57 1.97 10.14 1.81
CA LYS A 57 2.76 11.34 1.76
C LYS A 57 3.86 11.25 0.73
N LYS A 58 3.87 12.24 -0.13
CA LYS A 58 4.85 12.38 -1.16
C LYS A 58 5.80 13.47 -0.78
N ARG A 59 7.02 13.14 -0.83
CA ARG A 59 8.07 14.05 -0.46
C ARG A 59 9.09 13.97 -1.57
N GLY A 60 9.04 14.93 -2.45
CA GLY A 60 9.92 14.94 -3.57
C GLY A 60 9.61 13.85 -4.56
N GLU A 61 10.58 13.02 -4.78
CA GLU A 61 10.50 11.97 -5.77
C GLU A 61 9.95 10.67 -5.21
N LYS A 62 9.78 10.60 -3.90
CA LYS A 62 9.25 9.40 -3.29
C LYS A 62 7.91 9.61 -2.63
N VAL A 63 7.14 8.53 -2.56
CA VAL A 63 5.83 8.52 -1.97
C VAL A 63 5.74 7.31 -1.07
N PHE A 64 5.41 7.52 0.17
CA PHE A 64 5.25 6.45 1.10
C PHE A 64 3.93 6.62 1.83
N LEU A 65 3.37 5.54 2.28
CA LEU A 65 2.19 5.64 3.08
C LEU A 65 2.61 5.67 4.52
N THR A 66 2.55 6.84 5.08
CA THR A 66 3.03 7.12 6.41
C THR A 66 1.98 6.66 7.48
N VAL A 67 2.01 7.30 8.64
CA VAL A 67 1.26 6.87 9.77
C VAL A 67 -0.24 6.88 9.46
N GLY A 68 -0.80 5.74 9.62
CA GLY A 68 -2.12 5.44 9.20
C GLY A 68 -2.10 4.03 8.72
N TRP A 69 -0.98 3.70 8.04
CA TRP A 69 -0.68 2.34 7.60
C TRP A 69 -0.58 1.43 8.82
N GLU A 70 -0.29 2.05 9.95
CA GLU A 70 -0.16 1.36 11.22
C GLU A 70 -1.42 0.57 11.53
N ASN A 71 -2.57 1.15 11.24
CA ASN A 71 -3.86 0.52 11.52
C ASN A 71 -3.97 -0.80 10.78
N PHE A 72 -3.44 -0.84 9.58
CA PHE A 72 -3.46 -2.02 8.76
C PHE A 72 -2.47 -3.05 9.27
N VAL A 73 -1.22 -2.61 9.54
CA VAL A 73 -0.17 -3.53 9.98
C VAL A 73 -0.57 -4.15 11.30
N LYS A 74 -1.24 -3.36 12.07
CA LYS A 74 -1.77 -3.73 13.34
C LYS A 74 -2.96 -4.67 13.19
N ASP A 75 -3.90 -4.33 12.32
CA ASP A 75 -5.15 -5.09 12.23
C ASP A 75 -5.00 -6.43 11.51
N ASN A 76 -4.25 -6.44 10.42
CA ASN A 76 -4.02 -7.67 9.68
C ASN A 76 -2.84 -8.42 10.22
N ASN A 77 -2.01 -7.72 11.00
CA ASN A 77 -0.78 -8.28 11.61
C ASN A 77 0.15 -8.89 10.54
N LEU A 78 1.11 -8.12 10.09
CA LEU A 78 2.04 -8.61 9.11
C LEU A 78 3.44 -8.39 9.57
N GLU A 79 4.35 -9.15 9.02
CA GLU A 79 5.74 -9.10 9.40
C GLU A 79 6.61 -9.31 8.19
N ASP A 80 7.89 -9.06 8.35
CA ASP A 80 8.88 -9.32 7.33
C ASP A 80 8.89 -10.79 6.97
N GLY A 81 8.89 -11.06 5.69
CA GLY A 81 8.83 -12.42 5.21
C GLY A 81 7.57 -12.67 4.41
N LYS A 82 6.60 -11.81 4.59
CA LYS A 82 5.35 -11.92 3.86
C LYS A 82 5.34 -10.91 2.71
N TYR A 83 4.45 -11.10 1.75
CA TYR A 83 4.48 -10.30 0.54
C TYR A 83 3.12 -9.74 0.31
N LEU A 84 3.07 -8.52 -0.12
CA LEU A 84 1.81 -7.90 -0.41
C LEU A 84 1.79 -7.37 -1.82
N GLN A 85 0.66 -7.49 -2.43
CA GLN A 85 0.41 -7.01 -3.74
C GLN A 85 -0.63 -5.93 -3.63
N PHE A 86 -0.31 -4.79 -4.14
CA PHE A 86 -1.19 -3.67 -4.08
C PHE A 86 -1.66 -3.35 -5.45
N ILE A 87 -2.93 -3.20 -5.58
CA ILE A 87 -3.48 -2.82 -6.82
C ILE A 87 -3.89 -1.37 -6.71
N TYR A 88 -3.26 -0.54 -7.50
CA TYR A 88 -3.51 0.86 -7.47
C TYR A 88 -4.29 1.25 -8.69
N ASP A 89 -5.42 1.85 -8.46
CA ASP A 89 -6.34 2.25 -9.50
C ASP A 89 -5.87 3.61 -10.06
N ARG A 90 -6.66 4.24 -10.91
CA ARG A 90 -6.31 5.54 -11.45
C ARG A 90 -6.79 6.61 -10.48
N ASP A 91 -7.49 6.14 -9.47
CA ASP A 91 -7.99 6.93 -8.38
C ASP A 91 -6.86 6.91 -7.30
N ARG A 92 -7.22 7.02 -6.06
CA ARG A 92 -6.27 7.04 -4.94
C ARG A 92 -6.48 5.76 -4.11
N THR A 93 -7.13 4.80 -4.70
CA THR A 93 -7.56 3.64 -3.98
C THR A 93 -6.64 2.44 -4.24
N PHE A 94 -6.16 1.84 -3.15
CA PHE A 94 -5.30 0.67 -3.21
C PHE A 94 -6.05 -0.54 -2.68
N TYR A 95 -6.00 -1.62 -3.40
CA TYR A 95 -6.59 -2.86 -2.97
C TYR A 95 -5.45 -3.72 -2.46
N VAL A 96 -5.57 -4.24 -1.27
CA VAL A 96 -4.45 -4.96 -0.65
C VAL A 96 -4.65 -6.47 -0.67
N ILE A 97 -3.72 -7.15 -1.32
CA ILE A 97 -3.70 -8.59 -1.36
C ILE A 97 -2.39 -9.06 -0.70
N ILE A 98 -2.49 -9.90 0.28
CA ILE A 98 -1.33 -10.39 1.00
C ILE A 98 -1.13 -11.87 0.73
N TYR A 99 0.09 -12.24 0.51
CA TYR A 99 0.45 -13.61 0.27
C TYR A 99 0.81 -14.25 1.59
N GLY A 100 -0.01 -15.17 2.00
CA GLY A 100 0.19 -15.84 3.23
C GLY A 100 -1.08 -16.49 3.69
N HIS A 101 -2.08 -15.67 4.01
CA HIS A 101 -3.38 -16.13 4.51
C HIS A 101 -3.26 -16.75 5.88
N ASN A 102 -3.58 -15.97 6.86
CA ASN A 102 -3.53 -16.42 8.23
C ASN A 102 -4.81 -17.16 8.56
N MET A 103 -4.70 -18.45 8.69
CA MET A 103 -5.84 -19.23 9.06
C MET A 103 -5.62 -19.83 10.43
N CYS A 104 -5.97 -19.05 11.42
CA CYS A 104 -5.86 -19.43 12.79
C CYS A 104 -6.82 -18.54 13.57
N MET A 3 -8.53 9.85 -18.85
CA MET A 3 -8.26 8.54 -18.28
C MET A 3 -6.94 8.04 -18.79
N ALA A 4 -6.26 7.28 -17.98
CA ALA A 4 -5.05 6.64 -18.39
C ALA A 4 -5.26 5.16 -18.28
N ASP A 5 -5.69 4.58 -19.36
CA ASP A 5 -6.07 3.18 -19.36
C ASP A 5 -4.87 2.27 -19.39
N THR A 6 -4.57 1.72 -18.25
CA THR A 6 -3.47 0.79 -18.10
C THR A 6 -4.00 -0.54 -17.59
N GLY A 7 -5.21 -0.51 -17.05
CA GLY A 7 -5.78 -1.65 -16.45
C GLY A 7 -5.40 -1.72 -15.00
N GLU A 8 -6.00 -2.62 -14.27
CA GLU A 8 -5.67 -2.80 -12.88
C GLU A 8 -4.37 -3.59 -12.75
N VAL A 9 -3.35 -2.92 -12.28
CA VAL A 9 -2.04 -3.51 -12.19
C VAL A 9 -1.71 -3.88 -10.77
N GLN A 10 -1.09 -5.00 -10.61
CA GLN A 10 -0.71 -5.49 -9.35
C GLN A 10 0.81 -5.47 -9.22
N PHE A 11 1.28 -5.21 -8.03
CA PHE A 11 2.70 -5.22 -7.77
C PHE A 11 2.95 -5.78 -6.38
N MET A 12 4.12 -6.34 -6.18
CA MET A 12 4.49 -6.94 -4.92
C MET A 12 5.80 -6.38 -4.47
N LYS A 13 6.09 -6.45 -3.20
CA LYS A 13 7.36 -6.01 -2.68
C LYS A 13 7.65 -6.76 -1.40
N PRO A 14 8.94 -6.82 -0.97
CA PRO A 14 9.29 -7.35 0.33
C PRO A 14 8.70 -6.46 1.43
N PHE A 15 8.14 -7.08 2.42
CA PHE A 15 7.52 -6.38 3.52
C PHE A 15 8.49 -6.38 4.69
N ILE A 16 8.85 -5.20 5.19
CA ILE A 16 9.72 -5.13 6.31
C ILE A 16 8.92 -4.54 7.43
N SER A 17 8.49 -5.39 8.36
CA SER A 17 7.62 -4.99 9.46
C SER A 17 8.20 -3.83 10.25
N GLU A 18 9.50 -3.81 10.29
CA GLU A 18 10.27 -2.84 11.01
C GLU A 18 9.94 -1.43 10.50
N LYS A 19 9.74 -1.29 9.19
CA LYS A 19 9.45 0.02 8.67
C LYS A 19 7.97 0.18 8.39
N SER A 20 7.35 -0.90 8.02
CA SER A 20 5.96 -0.87 7.66
C SER A 20 5.01 -0.91 8.87
N SER A 21 5.55 -0.92 10.08
CA SER A 21 4.67 -0.80 11.27
C SER A 21 3.99 0.57 11.32
N LYS A 22 4.60 1.55 10.69
CA LYS A 22 4.04 2.89 10.65
C LYS A 22 3.69 3.30 9.22
N SER A 23 4.63 3.13 8.32
CA SER A 23 4.46 3.60 6.98
C SER A 23 4.78 2.55 5.96
N LEU A 24 4.06 2.57 4.88
CA LEU A 24 4.26 1.64 3.79
C LEU A 24 5.00 2.37 2.68
N GLU A 25 6.19 1.93 2.42
CA GLU A 25 7.04 2.52 1.41
C GLU A 25 6.54 2.08 0.05
N ILE A 26 6.27 3.02 -0.80
CA ILE A 26 5.85 2.70 -2.15
C ILE A 26 7.09 2.73 -3.03
N PRO A 27 7.32 1.68 -3.87
CA PRO A 27 8.51 1.58 -4.73
C PRO A 27 8.73 2.85 -5.56
N LEU A 28 9.96 3.33 -5.56
CA LEU A 28 10.30 4.57 -6.22
C LEU A 28 10.08 4.45 -7.74
N GLY A 29 10.28 3.27 -8.28
CA GLY A 29 10.06 3.05 -9.70
C GLY A 29 8.59 3.18 -10.08
N PHE A 30 7.73 2.81 -9.16
CA PHE A 30 6.28 2.89 -9.36
C PHE A 30 5.86 4.36 -9.26
N ASN A 31 6.52 5.07 -8.36
CA ASN A 31 6.31 6.51 -8.13
C ASN A 31 6.83 7.30 -9.31
N GLU A 32 7.87 6.79 -9.94
CA GLU A 32 8.50 7.42 -11.10
C GLU A 32 7.60 7.20 -12.31
N TYR A 33 6.89 6.08 -12.29
CA TYR A 33 6.01 5.70 -13.37
C TYR A 33 4.81 6.66 -13.46
N PHE A 34 4.43 7.24 -12.32
CA PHE A 34 3.39 8.24 -12.28
C PHE A 34 3.46 9.08 -11.00
N PRO A 35 4.25 10.16 -11.01
CA PRO A 35 4.33 11.05 -9.88
C PRO A 35 3.12 11.94 -9.82
N ALA A 36 2.67 12.21 -8.64
CA ALA A 36 1.51 13.02 -8.44
C ALA A 36 1.64 13.76 -7.12
N PRO A 37 1.00 14.93 -6.98
CA PRO A 37 0.98 15.68 -5.74
C PRO A 37 0.32 14.85 -4.65
N PHE A 38 0.81 14.97 -3.43
CA PHE A 38 0.36 14.15 -2.38
C PHE A 38 -1.06 14.46 -1.91
N PRO A 39 -1.92 13.44 -1.98
CA PRO A 39 -3.28 13.51 -1.52
C PRO A 39 -3.35 13.31 -0.01
N ILE A 40 -4.40 13.75 0.62
CA ILE A 40 -4.53 13.57 2.04
C ILE A 40 -4.75 12.09 2.37
N THR A 41 -5.82 11.52 1.86
CA THR A 41 -6.11 10.14 2.12
C THR A 41 -6.29 9.31 0.85
N VAL A 42 -5.97 8.03 0.98
CA VAL A 42 -6.08 7.01 -0.06
C VAL A 42 -6.60 5.75 0.63
N ASP A 43 -7.31 4.89 -0.07
CA ASP A 43 -7.89 3.74 0.60
C ASP A 43 -7.28 2.44 0.16
N LEU A 44 -7.03 1.62 1.14
CA LEU A 44 -6.51 0.30 0.96
C LEU A 44 -7.62 -0.66 1.28
N LEU A 45 -7.99 -1.45 0.33
CA LEU A 45 -9.09 -2.36 0.49
C LEU A 45 -8.59 -3.75 0.75
N ASP A 46 -9.40 -4.51 1.43
CA ASP A 46 -9.10 -5.89 1.76
C ASP A 46 -10.00 -6.84 1.02
N TYR A 47 -9.46 -7.99 0.74
CA TYR A 47 -10.10 -9.02 -0.03
C TYR A 47 -11.27 -9.67 0.73
N SER A 48 -11.22 -9.65 2.05
CA SER A 48 -12.26 -10.27 2.84
C SER A 48 -13.32 -9.24 3.26
N GLY A 49 -12.91 -8.09 3.74
CA GLY A 49 -13.91 -7.12 4.17
C GLY A 49 -13.36 -5.80 4.61
N ARG A 50 -12.18 -5.81 5.20
CA ARG A 50 -11.56 -4.59 5.73
C ARG A 50 -11.31 -3.52 4.68
N SER A 51 -11.20 -2.32 5.15
CA SER A 51 -10.82 -1.19 4.36
C SER A 51 -10.07 -0.23 5.26
N TRP A 52 -8.99 0.30 4.77
CA TRP A 52 -8.19 1.21 5.58
C TRP A 52 -7.98 2.51 4.85
N THR A 53 -8.35 3.58 5.47
CA THR A 53 -8.09 4.86 4.91
C THR A 53 -6.71 5.30 5.42
N VAL A 54 -5.79 5.42 4.50
CA VAL A 54 -4.40 5.65 4.78
C VAL A 54 -3.95 7.02 4.23
N ARG A 55 -2.89 7.56 4.80
CA ARG A 55 -2.39 8.87 4.45
C ARG A 55 -1.21 8.67 3.50
N MET A 56 -1.26 9.35 2.38
CA MET A 56 -0.23 9.20 1.36
C MET A 56 0.59 10.48 1.26
N LYS A 57 1.88 10.37 1.42
CA LYS A 57 2.69 11.57 1.39
C LYS A 57 3.89 11.40 0.44
N LYS A 58 4.04 12.37 -0.43
CA LYS A 58 5.07 12.42 -1.46
C LYS A 58 6.26 13.15 -0.91
N ARG A 59 7.35 12.54 -1.02
CA ARG A 59 8.59 13.03 -0.45
C ARG A 59 9.75 12.72 -1.37
N GLY A 60 10.22 13.73 -2.06
CA GLY A 60 11.31 13.55 -2.97
C GLY A 60 10.84 12.88 -4.22
N GLU A 61 11.40 11.75 -4.52
CA GLU A 61 11.05 11.00 -5.68
C GLU A 61 10.29 9.75 -5.27
N LYS A 62 10.07 9.63 -3.99
CA LYS A 62 9.46 8.47 -3.41
C LYS A 62 8.20 8.87 -2.62
N VAL A 63 7.32 7.92 -2.40
CA VAL A 63 6.08 8.16 -1.70
C VAL A 63 5.94 7.17 -0.56
N PHE A 64 5.44 7.63 0.55
CA PHE A 64 5.19 6.77 1.68
C PHE A 64 3.75 6.86 2.08
N LEU A 65 3.16 5.74 2.36
CA LEU A 65 1.88 5.73 2.99
C LEU A 65 2.20 5.93 4.45
N THR A 66 1.97 7.11 4.90
CA THR A 66 2.44 7.55 6.18
C THR A 66 1.43 7.17 7.31
N VAL A 67 1.46 7.92 8.40
CA VAL A 67 0.71 7.63 9.60
C VAL A 67 -0.78 7.48 9.31
N GLY A 68 -1.29 6.34 9.67
CA GLY A 68 -2.62 5.95 9.33
C GLY A 68 -2.58 4.56 8.79
N TRP A 69 -1.52 4.28 8.04
CA TRP A 69 -1.24 2.95 7.49
C TRP A 69 -1.15 1.93 8.60
N GLU A 70 -0.79 2.40 9.79
CA GLU A 70 -0.54 1.55 10.94
C GLU A 70 -1.72 0.61 11.24
N ASN A 71 -2.92 1.04 10.85
CA ASN A 71 -4.14 0.27 11.06
C ASN A 71 -4.11 -1.06 10.33
N PHE A 72 -3.44 -1.11 9.22
CA PHE A 72 -3.37 -2.34 8.42
C PHE A 72 -2.46 -3.33 9.11
N VAL A 73 -1.26 -2.90 9.38
CA VAL A 73 -0.27 -3.75 9.96
C VAL A 73 -0.63 -4.15 11.39
N LYS A 74 -1.25 -3.24 12.10
CA LYS A 74 -1.74 -3.56 13.42
C LYS A 74 -2.98 -4.48 13.38
N ASP A 75 -3.88 -4.28 12.39
CA ASP A 75 -5.14 -5.07 12.35
C ASP A 75 -4.91 -6.48 11.82
N ASN A 76 -4.10 -6.61 10.81
CA ASN A 76 -3.85 -7.93 10.22
C ASN A 76 -2.73 -8.60 11.00
N ASN A 77 -1.97 -7.77 11.70
CA ASN A 77 -0.80 -8.17 12.47
C ASN A 77 0.15 -9.04 11.67
N LEU A 78 0.97 -8.41 10.87
CA LEU A 78 1.90 -9.13 10.05
C LEU A 78 3.29 -8.62 10.26
N GLU A 79 4.22 -9.51 10.24
CA GLU A 79 5.59 -9.17 10.43
C GLU A 79 6.29 -9.47 9.13
N ASP A 80 7.52 -9.04 9.01
CA ASP A 80 8.32 -9.43 7.87
C ASP A 80 8.46 -10.93 7.82
N GLY A 81 8.25 -11.47 6.65
CA GLY A 81 8.19 -12.90 6.46
C GLY A 81 6.88 -13.21 5.79
N LYS A 82 5.93 -12.35 6.04
CA LYS A 82 4.64 -12.34 5.39
C LYS A 82 4.75 -11.26 4.34
N TYR A 83 4.10 -11.41 3.21
CA TYR A 83 4.27 -10.44 2.15
C TYR A 83 2.96 -10.02 1.56
N LEU A 84 2.97 -8.88 0.93
CA LEU A 84 1.77 -8.32 0.38
C LEU A 84 1.87 -7.97 -1.10
N GLN A 85 0.72 -7.94 -1.72
CA GLN A 85 0.56 -7.62 -3.12
C GLN A 85 -0.51 -6.54 -3.24
N PHE A 86 -0.19 -5.46 -3.91
CA PHE A 86 -1.12 -4.37 -4.09
C PHE A 86 -1.65 -4.35 -5.50
N ILE A 87 -2.94 -4.26 -5.62
CA ILE A 87 -3.58 -4.13 -6.91
C ILE A 87 -4.09 -2.72 -7.03
N TYR A 88 -3.61 -2.01 -8.01
CA TYR A 88 -3.91 -0.62 -8.21
C TYR A 88 -4.87 -0.39 -9.36
N ASP A 89 -5.94 0.28 -9.04
CA ASP A 89 -6.91 0.73 -10.03
C ASP A 89 -6.61 2.19 -10.26
N ARG A 90 -6.80 2.69 -11.49
CA ARG A 90 -6.48 4.08 -11.81
C ARG A 90 -7.38 5.05 -11.05
N ASP A 91 -7.00 5.34 -9.81
CA ASP A 91 -7.69 6.25 -8.92
C ASP A 91 -6.94 6.10 -7.58
N ARG A 92 -7.63 6.26 -6.48
CA ARG A 92 -7.01 6.14 -5.14
C ARG A 92 -7.32 4.76 -4.55
N THR A 93 -7.60 3.81 -5.40
CA THR A 93 -8.01 2.50 -4.94
C THR A 93 -6.88 1.45 -5.06
N PHE A 94 -6.51 0.89 -3.93
CA PHE A 94 -5.53 -0.18 -3.86
C PHE A 94 -6.15 -1.37 -3.13
N TYR A 95 -6.03 -2.54 -3.69
CA TYR A 95 -6.48 -3.77 -3.03
C TYR A 95 -5.27 -4.51 -2.51
N VAL A 96 -5.30 -4.94 -1.28
CA VAL A 96 -4.14 -5.59 -0.70
C VAL A 96 -4.40 -7.08 -0.48
N ILE A 97 -3.54 -7.90 -1.05
CA ILE A 97 -3.58 -9.33 -0.85
C ILE A 97 -2.32 -9.72 -0.07
N ILE A 98 -2.46 -10.64 0.87
CA ILE A 98 -1.36 -11.07 1.70
C ILE A 98 -1.03 -12.53 1.43
N TYR A 99 0.21 -12.81 1.23
CA TYR A 99 0.70 -14.15 1.08
C TYR A 99 1.80 -14.38 2.09
N GLY A 100 2.21 -15.60 2.27
CA GLY A 100 3.15 -15.88 3.32
C GLY A 100 2.42 -16.04 4.63
N HIS A 101 1.39 -16.87 4.58
CA HIS A 101 0.48 -17.14 5.69
C HIS A 101 -0.52 -16.02 5.89
N ASN A 102 -1.57 -16.05 5.11
CA ASN A 102 -2.63 -15.08 5.21
C ASN A 102 -3.59 -15.54 6.29
N MET A 103 -3.35 -15.07 7.48
CA MET A 103 -4.14 -15.46 8.62
C MET A 103 -5.23 -14.44 8.87
N CYS A 104 -6.36 -14.90 9.33
CA CYS A 104 -7.48 -14.04 9.62
C CYS A 104 -7.29 -13.31 10.96
N MET A 3 -6.30 -1.46 -29.40
CA MET A 3 -6.78 -0.92 -28.13
C MET A 3 -5.85 -1.35 -27.02
N ALA A 4 -5.64 -0.47 -26.06
CA ALA A 4 -4.77 -0.74 -24.95
C ALA A 4 -5.41 -0.27 -23.67
N ASP A 5 -5.65 -1.18 -22.78
CA ASP A 5 -6.25 -0.84 -21.51
C ASP A 5 -5.28 -1.09 -20.41
N THR A 6 -5.01 -0.06 -19.66
CA THR A 6 -4.11 -0.15 -18.56
C THR A 6 -4.84 -0.75 -17.38
N GLY A 7 -5.93 -0.10 -17.01
CA GLY A 7 -6.73 -0.53 -15.89
C GLY A 7 -5.97 -0.43 -14.59
N GLU A 8 -6.38 -1.19 -13.61
CA GLU A 8 -5.71 -1.18 -12.34
C GLU A 8 -4.54 -2.15 -12.39
N VAL A 9 -3.37 -1.64 -12.14
CA VAL A 9 -2.19 -2.44 -12.22
C VAL A 9 -1.81 -2.95 -10.86
N GLN A 10 -1.39 -4.17 -10.82
CA GLN A 10 -1.01 -4.77 -9.60
C GLN A 10 0.50 -4.88 -9.53
N PHE A 11 1.04 -4.71 -8.35
CA PHE A 11 2.46 -4.77 -8.14
C PHE A 11 2.70 -5.26 -6.73
N MET A 12 3.79 -5.97 -6.54
CA MET A 12 4.12 -6.46 -5.22
C MET A 12 5.21 -5.61 -4.64
N LYS A 13 5.05 -5.21 -3.41
CA LYS A 13 6.02 -4.36 -2.81
C LYS A 13 6.52 -5.05 -1.55
N PRO A 14 7.84 -5.18 -1.39
CA PRO A 14 8.43 -5.88 -0.24
C PRO A 14 8.07 -5.23 1.10
N PHE A 15 7.67 -6.04 2.03
CA PHE A 15 7.35 -5.57 3.34
C PHE A 15 8.59 -5.70 4.19
N ILE A 16 9.02 -4.63 4.79
CA ILE A 16 10.16 -4.67 5.64
C ILE A 16 9.70 -4.07 6.95
N SER A 17 9.72 -4.86 8.00
CA SER A 17 9.13 -4.46 9.28
C SER A 17 9.93 -3.31 9.93
N GLU A 18 11.09 -3.04 9.37
CA GLU A 18 11.90 -1.92 9.79
C GLU A 18 11.14 -0.60 9.58
N LYS A 19 10.47 -0.46 8.44
CA LYS A 19 9.65 0.73 8.21
C LYS A 19 8.20 0.38 8.26
N SER A 20 7.85 -0.75 7.68
CA SER A 20 6.48 -1.13 7.51
C SER A 20 5.81 -1.58 8.80
N SER A 21 6.50 -1.41 9.91
CA SER A 21 5.90 -1.59 11.18
C SER A 21 4.99 -0.37 11.45
N LYS A 22 5.23 0.75 10.73
CA LYS A 22 4.40 1.92 10.93
C LYS A 22 4.10 2.66 9.61
N SER A 23 5.04 2.65 8.68
CA SER A 23 4.86 3.36 7.41
C SER A 23 5.40 2.54 6.22
N LEU A 24 5.02 2.85 5.01
CA LEU A 24 5.53 2.11 3.87
C LEU A 24 6.58 2.85 3.12
N GLU A 25 7.72 2.27 3.10
CA GLU A 25 8.79 2.69 2.23
C GLU A 25 8.42 2.15 0.84
N ILE A 26 8.15 3.03 -0.10
CA ILE A 26 7.74 2.62 -1.43
C ILE A 26 8.79 2.98 -2.47
N PRO A 27 9.18 2.01 -3.34
CA PRO A 27 10.18 2.18 -4.42
C PRO A 27 10.03 3.47 -5.22
N LEU A 28 11.16 4.07 -5.52
CA LEU A 28 11.26 5.33 -6.23
C LEU A 28 10.66 5.22 -7.64
N GLY A 29 11.03 4.15 -8.33
CA GLY A 29 10.54 3.93 -9.69
C GLY A 29 9.06 3.74 -9.75
N PHE A 30 8.50 3.13 -8.72
CA PHE A 30 7.07 2.86 -8.68
C PHE A 30 6.32 4.14 -8.35
N ASN A 31 6.92 4.97 -7.51
CA ASN A 31 6.31 6.24 -7.16
C ASN A 31 6.24 7.17 -8.36
N GLU A 32 7.33 7.24 -9.12
CA GLU A 32 7.42 8.11 -10.29
C GLU A 32 6.46 7.63 -11.39
N TYR A 33 5.96 6.42 -11.22
CA TYR A 33 5.00 5.84 -12.10
C TYR A 33 3.61 6.48 -11.88
N PHE A 34 3.41 7.12 -10.72
CA PHE A 34 2.13 7.77 -10.45
C PHE A 34 2.27 9.17 -9.78
N PRO A 35 2.28 10.24 -10.58
CA PRO A 35 2.25 11.56 -10.04
C PRO A 35 0.82 11.97 -9.74
N ALA A 36 0.67 12.52 -8.59
CA ALA A 36 -0.61 12.94 -8.09
C ALA A 36 -0.39 14.05 -7.12
N PRO A 37 -1.36 14.95 -6.93
CA PRO A 37 -1.30 15.91 -5.85
C PRO A 37 -1.28 15.14 -4.53
N PHE A 38 -0.65 15.70 -3.52
CA PHE A 38 -0.47 15.00 -2.30
C PHE A 38 -1.81 14.79 -1.56
N PRO A 39 -2.18 13.53 -1.34
CA PRO A 39 -3.40 13.19 -0.65
C PRO A 39 -3.18 13.14 0.86
N ILE A 40 -4.24 13.24 1.59
CA ILE A 40 -4.14 13.17 3.02
C ILE A 40 -4.19 11.70 3.42
N THR A 41 -5.26 11.04 3.08
CA THR A 41 -5.43 9.64 3.36
C THR A 41 -5.86 8.87 2.13
N VAL A 42 -5.58 7.60 2.13
CA VAL A 42 -5.98 6.69 1.09
C VAL A 42 -6.61 5.49 1.77
N ASP A 43 -7.35 4.70 1.05
CA ASP A 43 -8.01 3.57 1.67
C ASP A 43 -7.57 2.29 1.01
N LEU A 44 -7.28 1.30 1.81
CA LEU A 44 -6.76 0.04 1.33
C LEU A 44 -7.83 -0.99 1.47
N LEU A 45 -8.13 -1.66 0.39
CA LEU A 45 -9.12 -2.68 0.41
C LEU A 45 -8.47 -4.03 0.43
N ASP A 46 -8.99 -4.89 1.22
CA ASP A 46 -8.52 -6.25 1.35
C ASP A 46 -9.54 -7.23 0.84
N TYR A 47 -9.03 -8.26 0.20
CA TYR A 47 -9.82 -9.30 -0.46
C TYR A 47 -10.62 -10.15 0.55
N SER A 48 -10.18 -10.17 1.79
CA SER A 48 -10.85 -10.94 2.82
C SER A 48 -12.15 -10.23 3.22
N GLY A 49 -12.12 -8.90 3.15
CA GLY A 49 -13.29 -8.10 3.46
C GLY A 49 -12.95 -6.92 4.34
N ARG A 50 -11.70 -6.84 4.73
CA ARG A 50 -11.21 -5.79 5.60
C ARG A 50 -10.81 -4.56 4.78
N SER A 51 -10.77 -3.43 5.42
CA SER A 51 -10.36 -2.21 4.77
C SER A 51 -9.69 -1.29 5.78
N TRP A 52 -8.64 -0.64 5.38
CA TRP A 52 -7.92 0.25 6.27
C TRP A 52 -7.70 1.59 5.65
N THR A 53 -8.09 2.62 6.34
CA THR A 53 -7.82 3.95 5.92
C THR A 53 -6.45 4.35 6.44
N VAL A 54 -5.54 4.56 5.54
CA VAL A 54 -4.16 4.82 5.84
C VAL A 54 -3.73 6.16 5.27
N ARG A 55 -2.70 6.71 5.82
CA ARG A 55 -2.21 8.00 5.40
C ARG A 55 -1.01 7.81 4.51
N MET A 56 -0.97 8.50 3.39
CA MET A 56 0.14 8.39 2.44
C MET A 56 0.60 9.78 2.09
N LYS A 57 1.88 9.98 1.81
CA LYS A 57 2.35 11.30 1.49
C LYS A 57 3.59 11.23 0.59
N LYS A 58 3.72 12.20 -0.31
CA LYS A 58 4.91 12.33 -1.14
C LYS A 58 5.87 13.24 -0.43
N ARG A 59 7.06 12.79 -0.29
CA ARG A 59 8.12 13.53 0.38
C ARG A 59 9.39 13.39 -0.42
N GLY A 60 9.78 14.44 -1.06
CA GLY A 60 10.95 14.42 -1.87
C GLY A 60 10.64 13.89 -3.22
N GLU A 61 11.25 12.79 -3.57
CA GLU A 61 11.00 12.16 -4.83
C GLU A 61 10.27 10.84 -4.62
N LYS A 62 10.11 10.46 -3.37
CA LYS A 62 9.46 9.21 -3.06
C LYS A 62 8.18 9.45 -2.27
N VAL A 63 7.43 8.40 -2.11
CA VAL A 63 6.30 8.39 -1.24
C VAL A 63 6.55 7.53 -0.06
N PHE A 64 6.10 7.98 1.03
CA PHE A 64 6.08 7.21 2.20
C PHE A 64 4.64 7.02 2.48
N LEU A 65 4.23 5.83 2.73
CA LEU A 65 2.88 5.71 3.15
C LEU A 65 2.95 5.88 4.63
N THR A 66 2.59 7.06 5.07
CA THR A 66 2.80 7.49 6.41
C THR A 66 1.90 6.82 7.48
N VAL A 67 1.84 7.46 8.64
CA VAL A 67 1.27 6.87 9.82
C VAL A 67 -0.21 6.68 9.62
N GLY A 68 -0.60 5.46 9.77
CA GLY A 68 -1.95 5.04 9.54
C GLY A 68 -1.91 3.62 9.09
N TRP A 69 -0.80 3.31 8.41
CA TRP A 69 -0.47 1.95 7.99
C TRP A 69 -0.38 1.03 9.19
N GLU A 70 -0.14 1.64 10.32
CA GLU A 70 0.03 0.95 11.57
C GLU A 70 -1.23 0.11 11.87
N ASN A 71 -2.38 0.59 11.43
CA ASN A 71 -3.66 -0.10 11.64
C ASN A 71 -3.68 -1.42 10.92
N PHE A 72 -3.07 -1.46 9.77
CA PHE A 72 -3.01 -2.65 8.95
C PHE A 72 -2.05 -3.62 9.57
N VAL A 73 -0.87 -3.12 9.89
CA VAL A 73 0.19 -3.93 10.40
C VAL A 73 -0.22 -4.57 11.72
N LYS A 74 -0.77 -3.76 12.61
CA LYS A 74 -1.22 -4.28 13.88
C LYS A 74 -2.51 -5.11 13.80
N ASP A 75 -3.40 -4.80 12.84
CA ASP A 75 -4.69 -5.56 12.76
C ASP A 75 -4.49 -6.95 12.24
N ASN A 76 -3.63 -7.07 11.24
CA ASN A 76 -3.36 -8.37 10.66
C ASN A 76 -2.23 -9.03 11.46
N ASN A 77 -1.48 -8.18 12.16
CA ASN A 77 -0.30 -8.54 12.93
C ASN A 77 0.70 -9.30 12.07
N LEU A 78 1.57 -8.56 11.43
CA LEU A 78 2.52 -9.16 10.53
C LEU A 78 3.89 -8.47 10.55
N GLU A 79 4.84 -9.16 9.97
CA GLU A 79 6.22 -8.73 9.91
C GLU A 79 6.79 -9.11 8.57
N ASP A 80 8.00 -8.64 8.31
CA ASP A 80 8.68 -8.97 7.05
C ASP A 80 8.84 -10.47 6.93
N GLY A 81 8.28 -11.00 5.90
CA GLY A 81 8.27 -12.42 5.67
C GLY A 81 7.11 -12.75 4.79
N LYS A 82 6.01 -12.11 5.05
CA LYS A 82 4.87 -12.20 4.18
C LYS A 82 4.94 -11.03 3.23
N TYR A 83 4.32 -11.15 2.08
CA TYR A 83 4.42 -10.11 1.10
C TYR A 83 3.07 -9.75 0.59
N LEU A 84 2.94 -8.56 0.10
CA LEU A 84 1.68 -8.06 -0.33
C LEU A 84 1.74 -7.34 -1.68
N GLN A 85 0.62 -7.34 -2.34
CA GLN A 85 0.45 -6.65 -3.60
C GLN A 85 -0.51 -5.50 -3.43
N PHE A 86 -0.25 -4.46 -4.15
CA PHE A 86 -1.13 -3.34 -4.22
C PHE A 86 -1.61 -3.20 -5.62
N ILE A 87 -2.89 -3.29 -5.81
CA ILE A 87 -3.46 -3.09 -7.09
C ILE A 87 -3.94 -1.65 -7.13
N TYR A 88 -3.32 -0.87 -7.96
CA TYR A 88 -3.56 0.54 -8.01
C TYR A 88 -3.88 1.04 -9.40
N ASP A 89 -4.83 1.94 -9.47
CA ASP A 89 -5.10 2.68 -10.67
C ASP A 89 -5.12 4.13 -10.25
N ARG A 90 -5.11 5.03 -11.18
CA ARG A 90 -5.00 6.45 -10.90
C ARG A 90 -6.24 6.92 -10.15
N ASP A 91 -6.09 6.98 -8.82
CA ASP A 91 -7.12 7.33 -7.88
C ASP A 91 -6.44 7.22 -6.51
N ARG A 92 -7.18 7.08 -5.46
CA ARG A 92 -6.64 6.93 -4.10
C ARG A 92 -7.06 5.58 -3.54
N THR A 93 -7.43 4.70 -4.43
CA THR A 93 -7.94 3.41 -4.06
C THR A 93 -6.89 2.32 -4.37
N PHE A 94 -6.44 1.64 -3.32
CA PHE A 94 -5.47 0.58 -3.45
C PHE A 94 -6.07 -0.72 -2.97
N TYR A 95 -5.91 -1.77 -3.72
CA TYR A 95 -6.36 -3.08 -3.29
C TYR A 95 -5.14 -3.83 -2.79
N VAL A 96 -5.12 -4.15 -1.53
CA VAL A 96 -4.00 -4.86 -0.96
C VAL A 96 -4.31 -6.35 -0.84
N ILE A 97 -3.40 -7.18 -1.27
CA ILE A 97 -3.56 -8.60 -1.16
C ILE A 97 -2.29 -9.22 -0.58
N ILE A 98 -2.46 -10.00 0.44
CA ILE A 98 -1.36 -10.64 1.15
C ILE A 98 -1.17 -12.08 0.64
N TYR A 99 0.08 -12.50 0.54
CA TYR A 99 0.37 -13.86 0.15
C TYR A 99 0.29 -14.73 1.37
N GLY A 100 -0.68 -15.60 1.32
CA GLY A 100 -1.02 -16.44 2.41
C GLY A 100 -2.51 -16.44 2.49
N HIS A 101 -3.06 -16.02 3.61
CA HIS A 101 -4.49 -15.86 3.77
C HIS A 101 -4.82 -15.12 5.06
N ASN A 102 -5.66 -14.13 4.97
CA ASN A 102 -6.07 -13.38 6.15
C ASN A 102 -7.39 -13.95 6.64
N MET A 103 -7.58 -13.95 7.95
CA MET A 103 -8.81 -14.48 8.53
C MET A 103 -9.07 -13.83 9.89
N CYS A 104 -9.89 -12.80 9.88
CA CYS A 104 -10.31 -12.08 11.07
C CYS A 104 -11.25 -10.98 10.61
N MET A 3 -12.16 -0.62 -22.62
CA MET A 3 -11.74 0.30 -23.69
C MET A 3 -10.96 1.48 -23.13
N ALA A 4 -11.41 1.99 -21.98
CA ALA A 4 -10.75 3.08 -21.30
C ALA A 4 -9.34 2.69 -20.92
N ASP A 5 -8.37 3.52 -21.27
CA ASP A 5 -7.00 3.22 -20.94
C ASP A 5 -6.70 3.58 -19.50
N THR A 6 -7.18 2.74 -18.65
CA THR A 6 -6.98 2.87 -17.24
C THR A 6 -6.35 1.57 -16.77
N GLY A 7 -7.08 0.49 -17.00
CA GLY A 7 -6.61 -0.83 -16.68
C GLY A 7 -6.57 -1.08 -15.20
N GLU A 8 -5.72 -1.97 -14.81
CA GLU A 8 -5.50 -2.31 -13.43
C GLU A 8 -4.08 -2.79 -13.28
N VAL A 9 -3.30 -2.06 -12.55
CA VAL A 9 -1.92 -2.38 -12.35
C VAL A 9 -1.65 -2.75 -10.91
N GLN A 10 -0.83 -3.72 -10.75
CA GLN A 10 -0.52 -4.27 -9.47
C GLN A 10 0.95 -4.10 -9.17
N PHE A 11 1.25 -3.88 -7.92
CA PHE A 11 2.61 -3.74 -7.49
C PHE A 11 2.76 -4.40 -6.14
N MET A 12 3.91 -4.96 -5.89
CA MET A 12 4.17 -5.66 -4.66
C MET A 12 5.51 -5.26 -4.14
N LYS A 13 5.65 -5.16 -2.83
CA LYS A 13 6.92 -4.76 -2.28
C LYS A 13 7.09 -5.29 -0.85
N PRO A 14 8.33 -5.37 -0.37
CA PRO A 14 8.66 -5.78 1.00
C PRO A 14 7.85 -5.06 2.11
N PHE A 15 7.64 -5.78 3.17
CA PHE A 15 7.02 -5.31 4.36
C PHE A 15 7.92 -5.71 5.51
N ILE A 16 8.33 -4.76 6.32
CA ILE A 16 9.11 -5.09 7.49
C ILE A 16 8.32 -4.66 8.69
N SER A 17 7.95 -5.60 9.54
CA SER A 17 7.04 -5.34 10.66
C SER A 17 7.58 -4.27 11.63
N GLU A 18 8.88 -4.05 11.60
CA GLU A 18 9.50 -3.07 12.46
C GLU A 18 9.19 -1.65 11.98
N LYS A 19 9.27 -1.43 10.67
CA LYS A 19 9.03 -0.10 10.13
C LYS A 19 7.58 0.03 9.71
N SER A 20 7.05 -1.04 9.18
CA SER A 20 5.72 -1.06 8.65
C SER A 20 4.69 -1.34 9.74
N SER A 21 5.12 -1.19 10.98
CA SER A 21 4.20 -1.21 12.08
C SER A 21 3.46 0.13 12.08
N LYS A 22 4.07 1.14 11.44
CA LYS A 22 3.51 2.47 11.37
C LYS A 22 3.61 3.07 9.98
N SER A 23 4.61 2.66 9.20
CA SER A 23 4.85 3.30 7.92
C SER A 23 5.41 2.35 6.84
N LEU A 24 5.15 2.66 5.59
CA LEU A 24 5.69 1.87 4.47
C LEU A 24 6.71 2.64 3.70
N GLU A 25 7.74 1.95 3.28
CA GLU A 25 8.75 2.52 2.45
C GLU A 25 8.49 2.09 1.01
N ILE A 26 8.38 3.04 0.12
CA ILE A 26 8.13 2.74 -1.26
C ILE A 26 9.40 2.92 -2.10
N PRO A 27 9.72 1.92 -2.97
CA PRO A 27 10.88 1.99 -3.86
C PRO A 27 10.82 3.21 -4.79
N LEU A 28 12.00 3.76 -5.11
CA LEU A 28 12.11 4.96 -5.97
C LEU A 28 11.46 4.72 -7.32
N GLY A 29 11.64 3.52 -7.84
CA GLY A 29 11.10 3.15 -9.14
C GLY A 29 9.59 3.27 -9.23
N PHE A 30 8.91 3.10 -8.10
CA PHE A 30 7.47 3.17 -8.09
C PHE A 30 7.02 4.61 -7.93
N ASN A 31 7.86 5.44 -7.34
CA ASN A 31 7.55 6.86 -7.17
C ASN A 31 7.56 7.56 -8.51
N GLU A 32 8.59 7.27 -9.28
CA GLU A 32 8.77 7.86 -10.60
C GLU A 32 7.86 7.21 -11.64
N TYR A 33 7.23 6.09 -11.27
CA TYR A 33 6.36 5.36 -12.18
C TYR A 33 5.10 6.16 -12.50
N PHE A 34 4.69 7.02 -11.58
CA PHE A 34 3.50 7.83 -11.80
C PHE A 34 3.49 9.09 -10.90
N PRO A 35 3.79 10.27 -11.45
CA PRO A 35 3.66 11.50 -10.73
C PRO A 35 2.24 12.00 -10.77
N ALA A 36 1.79 12.41 -9.65
CA ALA A 36 0.47 12.89 -9.44
C ALA A 36 0.54 13.84 -8.28
N PRO A 37 -0.42 14.76 -8.11
CA PRO A 37 -0.48 15.58 -6.92
C PRO A 37 -0.60 14.65 -5.73
N PHE A 38 0.24 14.87 -4.74
CA PHE A 38 0.33 13.99 -3.65
C PHE A 38 -0.87 14.07 -2.73
N PRO A 39 -1.45 12.91 -2.44
CA PRO A 39 -2.63 12.81 -1.59
C PRO A 39 -2.30 13.00 -0.13
N ILE A 40 -3.29 13.32 0.65
CA ILE A 40 -3.13 13.41 2.07
C ILE A 40 -3.35 12.01 2.62
N THR A 41 -4.44 11.41 2.18
CA THR A 41 -4.81 10.08 2.55
C THR A 41 -5.29 9.30 1.32
N VAL A 42 -5.10 8.01 1.36
CA VAL A 42 -5.59 7.10 0.33
C VAL A 42 -6.24 5.93 1.03
N ASP A 43 -7.03 5.18 0.33
CA ASP A 43 -7.74 4.08 0.96
C ASP A 43 -7.34 2.76 0.37
N LEU A 44 -7.18 1.81 1.23
CA LEU A 44 -6.82 0.48 0.85
C LEU A 44 -8.01 -0.40 1.08
N LEU A 45 -8.45 -1.07 0.07
CA LEU A 45 -9.60 -1.92 0.17
C LEU A 45 -9.23 -3.38 0.09
N ASP A 46 -10.00 -4.17 0.77
CA ASP A 46 -9.86 -5.62 0.77
C ASP A 46 -11.06 -6.22 0.09
N TYR A 47 -10.96 -7.49 -0.27
CA TYR A 47 -12.03 -8.24 -0.92
C TYR A 47 -13.33 -8.12 -0.14
N SER A 48 -13.22 -8.14 1.18
CA SER A 48 -14.37 -8.09 2.07
C SER A 48 -15.10 -6.73 1.99
N GLY A 49 -14.50 -5.76 1.33
CA GLY A 49 -15.09 -4.45 1.22
C GLY A 49 -14.63 -3.54 2.32
N ARG A 50 -13.66 -4.02 3.08
CA ARG A 50 -13.10 -3.23 4.14
C ARG A 50 -12.10 -2.27 3.58
N SER A 51 -12.13 -1.08 4.07
CA SER A 51 -11.23 -0.09 3.61
C SER A 51 -10.46 0.50 4.77
N TRP A 52 -9.19 0.65 4.58
CA TRP A 52 -8.33 1.29 5.57
C TRP A 52 -7.79 2.57 5.01
N THR A 53 -7.90 3.62 5.75
CA THR A 53 -7.40 4.89 5.32
C THR A 53 -5.95 5.05 5.79
N VAL A 54 -5.06 5.20 4.84
CA VAL A 54 -3.66 5.33 5.10
C VAL A 54 -3.17 6.68 4.58
N ARG A 55 -2.09 7.16 5.12
CA ARG A 55 -1.51 8.40 4.73
C ARG A 55 -0.34 8.13 3.84
N MET A 56 -0.41 8.65 2.63
CA MET A 56 0.56 8.39 1.58
C MET A 56 0.96 9.68 0.92
N LYS A 57 2.23 9.99 0.95
CA LYS A 57 2.72 11.20 0.33
C LYS A 57 3.93 10.85 -0.51
N LYS A 58 4.09 11.48 -1.65
CA LYS A 58 5.28 11.29 -2.41
C LYS A 58 6.23 12.37 -1.98
N ARG A 59 7.38 11.97 -1.59
CA ARG A 59 8.35 12.85 -1.00
C ARG A 59 9.69 12.71 -1.67
N GLY A 60 9.98 13.60 -2.58
CA GLY A 60 11.25 13.59 -3.24
C GLY A 60 11.32 12.54 -4.32
N GLU A 61 12.05 11.49 -4.06
CA GLU A 61 12.25 10.42 -5.01
C GLU A 61 11.55 9.17 -4.54
N LYS A 62 10.94 9.23 -3.38
CA LYS A 62 10.30 8.08 -2.81
C LYS A 62 8.92 8.42 -2.31
N VAL A 63 8.11 7.42 -2.15
CA VAL A 63 6.83 7.58 -1.55
C VAL A 63 6.94 6.99 -0.18
N PHE A 64 6.32 7.60 0.76
CA PHE A 64 6.36 7.08 2.07
C PHE A 64 4.97 7.14 2.63
N LEU A 65 4.54 6.05 3.20
CA LEU A 65 3.25 6.02 3.83
C LEU A 65 3.45 6.27 5.28
N THR A 66 2.95 7.37 5.71
CA THR A 66 3.15 7.85 7.03
C THR A 66 2.17 7.21 8.04
N VAL A 67 2.14 7.73 9.25
CA VAL A 67 1.37 7.13 10.32
C VAL A 67 -0.11 7.23 10.02
N GLY A 68 -0.72 6.09 9.99
CA GLY A 68 -2.08 5.92 9.59
C GLY A 68 -2.20 4.56 8.99
N TRP A 69 -1.07 4.11 8.47
CA TRP A 69 -0.89 2.76 7.96
C TRP A 69 -1.11 1.75 9.08
N GLU A 70 -0.96 2.22 10.30
CA GLU A 70 -1.04 1.36 11.43
C GLU A 70 -2.42 0.71 11.61
N ASN A 71 -3.47 1.37 11.11
CA ASN A 71 -4.86 0.84 11.14
C ASN A 71 -4.91 -0.51 10.47
N PHE A 72 -4.16 -0.62 9.43
CA PHE A 72 -4.12 -1.78 8.59
C PHE A 72 -3.38 -2.90 9.30
N VAL A 73 -2.21 -2.56 9.83
CA VAL A 73 -1.35 -3.56 10.46
C VAL A 73 -2.00 -4.06 11.74
N LYS A 74 -2.59 -3.16 12.50
CA LYS A 74 -3.28 -3.56 13.72
C LYS A 74 -4.55 -4.33 13.42
N ASP A 75 -5.28 -3.91 12.38
CA ASP A 75 -6.57 -4.57 12.11
C ASP A 75 -6.39 -5.96 11.50
N ASN A 76 -5.42 -6.11 10.62
CA ASN A 76 -5.19 -7.41 10.01
C ASN A 76 -4.29 -8.27 10.88
N ASN A 77 -3.55 -7.61 11.76
CA ASN A 77 -2.54 -8.25 12.65
C ASN A 77 -1.58 -9.14 11.85
N LEU A 78 -0.57 -8.54 11.29
CA LEU A 78 0.36 -9.26 10.46
C LEU A 78 1.79 -8.86 10.69
N GLU A 79 2.70 -9.55 10.04
CA GLU A 79 4.12 -9.38 10.25
C GLU A 79 4.88 -9.53 8.95
N ASP A 80 6.16 -9.23 9.01
CA ASP A 80 7.08 -9.41 7.90
C ASP A 80 7.22 -10.89 7.61
N GLY A 81 7.31 -11.21 6.36
CA GLY A 81 7.32 -12.59 5.95
C GLY A 81 6.08 -12.85 5.16
N LYS A 82 5.12 -12.00 5.38
CA LYS A 82 3.89 -11.98 4.67
C LYS A 82 3.88 -10.65 3.97
N TYR A 83 3.52 -10.63 2.72
CA TYR A 83 3.69 -9.44 1.94
C TYR A 83 2.45 -9.08 1.22
N LEU A 84 2.35 -7.84 0.85
CA LEU A 84 1.14 -7.35 0.29
C LEU A 84 1.37 -6.57 -0.98
N GLN A 85 0.44 -6.71 -1.86
CA GLN A 85 0.46 -6.06 -3.14
C GLN A 85 -0.73 -5.16 -3.28
N PHE A 86 -0.54 -4.07 -3.97
CA PHE A 86 -1.58 -3.10 -4.19
C PHE A 86 -1.99 -3.15 -5.64
N ILE A 87 -3.24 -3.36 -5.90
CA ILE A 87 -3.75 -3.30 -7.24
C ILE A 87 -4.54 -2.03 -7.38
N TYR A 88 -4.09 -1.18 -8.25
CA TYR A 88 -4.79 0.06 -8.46
C TYR A 88 -5.07 0.27 -9.93
N ASP A 89 -6.10 0.99 -10.22
CA ASP A 89 -6.42 1.31 -11.59
C ASP A 89 -5.57 2.48 -12.07
N ARG A 90 -5.92 3.69 -11.70
CA ARG A 90 -5.11 4.85 -11.97
C ARG A 90 -5.60 5.97 -11.03
N ASP A 91 -6.18 5.53 -9.93
CA ASP A 91 -6.81 6.39 -8.97
C ASP A 91 -6.10 6.17 -7.62
N ARG A 92 -6.66 6.68 -6.57
CA ARG A 92 -6.11 6.56 -5.22
C ARG A 92 -6.76 5.40 -4.49
N THR A 93 -7.42 4.56 -5.24
CA THR A 93 -8.09 3.44 -4.67
C THR A 93 -7.24 2.19 -4.92
N PHE A 94 -6.76 1.59 -3.85
CA PHE A 94 -5.88 0.45 -3.95
C PHE A 94 -6.54 -0.76 -3.33
N TYR A 95 -6.52 -1.85 -4.03
CA TYR A 95 -7.01 -3.10 -3.49
C TYR A 95 -5.83 -3.93 -3.07
N VAL A 96 -5.86 -4.41 -1.87
CA VAL A 96 -4.75 -5.14 -1.31
C VAL A 96 -4.92 -6.65 -1.39
N ILE A 97 -3.82 -7.30 -1.68
CA ILE A 97 -3.74 -8.75 -1.63
C ILE A 97 -2.56 -9.09 -0.76
N ILE A 98 -2.82 -9.75 0.32
CA ILE A 98 -1.79 -10.11 1.27
C ILE A 98 -1.46 -11.58 1.08
N TYR A 99 -0.27 -11.86 0.64
CA TYR A 99 0.12 -13.22 0.49
C TYR A 99 0.97 -13.61 1.67
N GLY A 100 0.57 -14.64 2.33
CA GLY A 100 1.27 -15.07 3.47
C GLY A 100 1.17 -16.54 3.63
N HIS A 101 2.28 -17.18 3.65
CA HIS A 101 2.31 -18.60 3.82
C HIS A 101 2.42 -18.87 5.29
N ASN A 102 1.27 -18.94 5.92
CA ASN A 102 1.17 -19.04 7.36
C ASN A 102 1.54 -20.41 7.85
N MET A 103 2.77 -20.56 8.25
CA MET A 103 3.19 -21.82 8.80
C MET A 103 3.11 -21.76 10.30
N CYS A 104 1.90 -21.85 10.78
CA CYS A 104 1.59 -21.79 12.17
C CYS A 104 0.36 -22.65 12.40
N MET A 3 -11.75 8.62 -22.06
CA MET A 3 -11.99 7.38 -22.80
C MET A 3 -10.71 6.58 -22.93
N ALA A 4 -10.54 5.64 -22.03
CA ALA A 4 -9.40 4.77 -22.00
C ALA A 4 -9.69 3.63 -21.04
N ASP A 5 -9.18 2.45 -21.33
CA ASP A 5 -9.40 1.30 -20.49
C ASP A 5 -8.70 1.51 -19.18
N THR A 6 -9.37 1.17 -18.10
CA THR A 6 -8.86 1.34 -16.78
C THR A 6 -7.57 0.52 -16.58
N GLY A 7 -7.70 -0.77 -16.70
CA GLY A 7 -6.58 -1.62 -16.45
C GLY A 7 -6.57 -2.09 -15.03
N GLU A 8 -5.50 -2.77 -14.65
CA GLU A 8 -5.33 -3.31 -13.31
C GLU A 8 -3.98 -4.00 -13.26
N VAL A 9 -3.05 -3.49 -12.48
CA VAL A 9 -1.71 -4.06 -12.43
C VAL A 9 -1.31 -4.46 -11.01
N GLN A 10 -0.56 -5.52 -10.92
CA GLN A 10 -0.08 -6.02 -9.66
C GLN A 10 1.36 -5.57 -9.45
N PHE A 11 1.70 -5.34 -8.22
CA PHE A 11 3.05 -5.02 -7.85
C PHE A 11 3.35 -5.69 -6.51
N MET A 12 4.58 -6.05 -6.27
CA MET A 12 4.98 -6.69 -5.04
C MET A 12 6.21 -6.01 -4.49
N LYS A 13 6.30 -5.92 -3.18
CA LYS A 13 7.43 -5.26 -2.55
C LYS A 13 7.75 -5.96 -1.23
N PRO A 14 9.06 -6.07 -0.86
CA PRO A 14 9.47 -6.59 0.44
C PRO A 14 8.79 -5.85 1.60
N PHE A 15 8.52 -6.56 2.66
CA PHE A 15 7.87 -6.00 3.81
C PHE A 15 8.77 -6.19 5.04
N ILE A 16 9.14 -5.10 5.70
CA ILE A 16 9.98 -5.15 6.89
C ILE A 16 9.29 -4.35 7.98
N SER A 17 8.89 -5.03 9.05
CA SER A 17 8.06 -4.46 10.12
C SER A 17 8.74 -3.28 10.82
N GLU A 18 10.04 -3.17 10.65
CA GLU A 18 10.80 -2.09 11.25
C GLU A 18 10.36 -0.76 10.66
N LYS A 19 10.16 -0.72 9.35
CA LYS A 19 9.81 0.54 8.76
C LYS A 19 8.32 0.60 8.48
N SER A 20 7.72 -0.56 8.21
CA SER A 20 6.31 -0.63 7.92
C SER A 20 5.47 -0.59 9.19
N SER A 21 6.12 -0.35 10.30
CA SER A 21 5.43 -0.13 11.54
C SER A 21 4.75 1.24 11.53
N LYS A 22 5.35 2.16 10.79
CA LYS A 22 4.88 3.52 10.73
C LYS A 22 4.37 3.89 9.33
N SER A 23 5.06 3.43 8.30
CA SER A 23 4.72 3.82 6.95
C SER A 23 5.23 2.81 5.93
N LEU A 24 4.60 2.77 4.78
CA LEU A 24 5.05 1.91 3.71
C LEU A 24 5.90 2.68 2.74
N GLU A 25 6.95 2.04 2.31
CA GLU A 25 7.84 2.61 1.34
C GLU A 25 7.25 2.46 -0.03
N ILE A 26 6.99 3.55 -0.66
CA ILE A 26 6.54 3.50 -2.01
C ILE A 26 7.76 3.73 -2.89
N PRO A 27 8.09 2.74 -3.74
CA PRO A 27 9.33 2.72 -4.54
C PRO A 27 9.61 4.00 -5.30
N LEU A 28 10.87 4.39 -5.29
CA LEU A 28 11.34 5.56 -5.99
C LEU A 28 11.12 5.36 -7.47
N GLY A 29 11.32 4.13 -7.94
CA GLY A 29 11.10 3.80 -9.34
C GLY A 29 9.64 3.87 -9.73
N PHE A 30 8.77 3.62 -8.77
CA PHE A 30 7.33 3.69 -8.97
C PHE A 30 6.94 5.16 -9.07
N ASN A 31 7.54 5.96 -8.20
CA ASN A 31 7.39 7.41 -8.22
C ASN A 31 7.95 8.00 -9.51
N GLU A 32 9.08 7.46 -9.94
CA GLU A 32 9.74 7.86 -11.18
C GLU A 32 8.86 7.56 -12.38
N TYR A 33 7.99 6.60 -12.22
CA TYR A 33 7.10 6.19 -13.26
C TYR A 33 5.89 7.16 -13.35
N PHE A 34 5.55 7.79 -12.21
CA PHE A 34 4.46 8.79 -12.17
C PHE A 34 4.37 9.48 -10.78
N PRO A 35 4.90 10.70 -10.63
CA PRO A 35 4.70 11.46 -9.45
C PRO A 35 3.46 12.32 -9.55
N ALA A 36 2.86 12.53 -8.43
CA ALA A 36 1.65 13.31 -8.33
C ALA A 36 1.63 13.97 -6.98
N PRO A 37 0.86 15.07 -6.80
CA PRO A 37 0.66 15.66 -5.48
C PRO A 37 0.03 14.60 -4.59
N PHE A 38 0.50 14.49 -3.39
CA PHE A 38 0.08 13.43 -2.55
C PHE A 38 -1.36 13.55 -2.08
N PRO A 39 -2.16 12.50 -2.28
CA PRO A 39 -3.53 12.46 -1.80
C PRO A 39 -3.56 12.43 -0.27
N ILE A 40 -4.46 13.20 0.31
CA ILE A 40 -4.55 13.28 1.76
C ILE A 40 -4.88 11.91 2.34
N THR A 41 -5.88 11.26 1.78
CA THR A 41 -6.22 9.94 2.20
C THR A 41 -6.28 9.01 1.00
N VAL A 42 -6.00 7.76 1.23
CA VAL A 42 -6.00 6.72 0.23
C VAL A 42 -6.77 5.53 0.76
N ASP A 43 -7.31 4.73 -0.11
CA ASP A 43 -8.08 3.58 0.31
C ASP A 43 -7.32 2.31 0.04
N LEU A 44 -7.15 1.52 1.07
CA LEU A 44 -6.56 0.23 0.92
C LEU A 44 -7.66 -0.77 1.14
N LEU A 45 -7.91 -1.56 0.17
CA LEU A 45 -8.94 -2.55 0.26
C LEU A 45 -8.33 -3.91 0.41
N ASP A 46 -9.05 -4.75 1.09
CA ASP A 46 -8.66 -6.13 1.27
C ASP A 46 -9.66 -6.92 0.48
N TYR A 47 -9.34 -8.13 0.12
CA TYR A 47 -10.24 -8.96 -0.67
C TYR A 47 -11.41 -9.48 0.17
N SER A 48 -11.29 -9.34 1.46
CA SER A 48 -12.35 -9.64 2.39
C SER A 48 -13.11 -8.31 2.65
N GLY A 49 -13.87 -8.25 3.73
CA GLY A 49 -14.66 -7.07 4.02
C GLY A 49 -13.85 -5.91 4.62
N ARG A 50 -12.55 -6.04 4.68
CA ARG A 50 -11.70 -5.00 5.23
C ARG A 50 -11.39 -3.87 4.26
N SER A 51 -11.29 -2.70 4.84
CA SER A 51 -10.97 -1.48 4.15
C SER A 51 -10.24 -0.56 5.13
N TRP A 52 -9.19 0.09 4.68
CA TRP A 52 -8.44 0.97 5.56
C TRP A 52 -8.27 2.36 4.98
N THR A 53 -8.39 3.36 5.83
CA THR A 53 -8.17 4.75 5.47
C THR A 53 -6.73 5.13 5.86
N VAL A 54 -5.91 5.41 4.86
CA VAL A 54 -4.51 5.68 5.09
C VAL A 54 -4.13 7.02 4.48
N ARG A 55 -3.08 7.64 4.98
CA ARG A 55 -2.59 8.91 4.46
C ARG A 55 -1.37 8.62 3.59
N MET A 56 -1.26 9.28 2.48
CA MET A 56 -0.14 9.07 1.56
C MET A 56 0.63 10.36 1.39
N LYS A 57 1.93 10.30 1.36
CA LYS A 57 2.69 11.51 1.21
C LYS A 57 3.94 11.31 0.36
N LYS A 58 4.15 12.19 -0.59
CA LYS A 58 5.33 12.19 -1.41
C LYS A 58 6.34 13.06 -0.78
N ARG A 59 7.48 12.52 -0.63
CA ARG A 59 8.53 13.16 0.09
C ARG A 59 9.82 12.92 -0.65
N GLY A 60 10.21 13.90 -1.43
CA GLY A 60 11.40 13.79 -2.19
C GLY A 60 11.20 13.00 -3.46
N GLU A 61 12.12 12.11 -3.73
CA GLU A 61 12.12 11.33 -4.95
C GLU A 61 11.36 10.03 -4.76
N LYS A 62 10.85 9.84 -3.57
CA LYS A 62 10.12 8.67 -3.23
C LYS A 62 8.85 9.06 -2.52
N VAL A 63 7.99 8.11 -2.32
CA VAL A 63 6.74 8.37 -1.65
C VAL A 63 6.62 7.44 -0.45
N PHE A 64 5.97 7.89 0.58
CA PHE A 64 5.72 7.07 1.73
C PHE A 64 4.26 7.04 2.00
N LEU A 65 3.77 5.89 2.32
CA LEU A 65 2.41 5.78 2.71
C LEU A 65 2.42 5.92 4.22
N THR A 66 2.04 7.08 4.67
CA THR A 66 2.17 7.50 6.05
C THR A 66 1.08 6.91 6.99
N VAL A 67 0.87 7.60 8.13
CA VAL A 67 -0.01 7.17 9.20
C VAL A 67 -1.44 6.90 8.70
N GLY A 68 -2.06 5.90 9.29
CA GLY A 68 -3.33 5.43 8.83
C GLY A 68 -3.17 4.01 8.43
N TRP A 69 -2.01 3.74 7.86
CA TRP A 69 -1.55 2.40 7.55
C TRP A 69 -1.48 1.57 8.84
N GLU A 70 -1.32 2.28 9.93
CA GLU A 70 -1.20 1.75 11.27
C GLU A 70 -2.40 0.81 11.57
N ASN A 71 -3.56 1.12 10.96
CA ASN A 71 -4.78 0.35 11.13
C ASN A 71 -4.68 -1.04 10.53
N PHE A 72 -3.89 -1.17 9.49
CA PHE A 72 -3.73 -2.43 8.80
C PHE A 72 -2.89 -3.34 9.64
N VAL A 73 -1.73 -2.84 10.04
CA VAL A 73 -0.82 -3.64 10.83
C VAL A 73 -1.42 -4.01 12.17
N LYS A 74 -2.14 -3.09 12.81
CA LYS A 74 -2.81 -3.47 14.05
C LYS A 74 -4.01 -4.42 13.80
N ASP A 75 -4.77 -4.19 12.74
CA ASP A 75 -6.00 -5.01 12.50
C ASP A 75 -5.70 -6.39 11.93
N ASN A 76 -4.79 -6.46 11.01
CA ASN A 76 -4.46 -7.72 10.37
C ASN A 76 -3.45 -8.44 11.27
N ASN A 77 -2.78 -7.63 12.09
CA ASN A 77 -1.76 -8.04 13.07
C ASN A 77 -0.72 -8.97 12.45
N LEU A 78 0.31 -8.38 11.91
CA LEU A 78 1.36 -9.12 11.26
C LEU A 78 2.69 -8.37 11.30
N GLU A 79 3.73 -9.07 10.94
CA GLU A 79 5.07 -8.55 10.92
C GLU A 79 5.81 -9.14 9.73
N ASP A 80 7.02 -8.68 9.50
CA ASP A 80 7.84 -9.13 8.37
C ASP A 80 7.94 -10.63 8.33
N GLY A 81 7.69 -11.15 7.16
CA GLY A 81 7.65 -12.57 6.93
C GLY A 81 6.56 -12.82 5.93
N LYS A 82 5.48 -12.09 6.12
CA LYS A 82 4.40 -12.07 5.18
C LYS A 82 4.63 -10.89 4.26
N TYR A 83 4.25 -11.03 3.01
CA TYR A 83 4.52 -9.98 2.05
C TYR A 83 3.25 -9.45 1.47
N LEU A 84 3.31 -8.25 0.93
CA LEU A 84 2.14 -7.58 0.44
C LEU A 84 2.18 -7.48 -1.06
N GLN A 85 1.06 -7.74 -1.67
CA GLN A 85 0.91 -7.55 -3.08
C GLN A 85 -0.04 -6.39 -3.27
N PHE A 86 0.34 -5.47 -4.08
CA PHE A 86 -0.45 -4.29 -4.31
C PHE A 86 -1.04 -4.34 -5.69
N ILE A 87 -2.34 -4.38 -5.76
CA ILE A 87 -3.01 -4.32 -7.03
C ILE A 87 -3.46 -2.88 -7.20
N TYR A 88 -2.90 -2.21 -8.16
CA TYR A 88 -3.13 -0.81 -8.32
C TYR A 88 -3.54 -0.43 -9.74
N ASP A 89 -4.25 0.66 -9.82
CA ASP A 89 -4.56 1.35 -11.04
C ASP A 89 -4.53 2.81 -10.72
N ARG A 90 -4.18 3.61 -11.70
CA ARG A 90 -4.03 5.07 -11.56
C ARG A 90 -5.28 5.71 -11.00
N ASP A 91 -5.28 5.86 -9.71
CA ASP A 91 -6.37 6.36 -8.94
C ASP A 91 -5.83 6.47 -7.52
N ARG A 92 -6.67 6.50 -6.56
CA ARG A 92 -6.30 6.68 -5.19
C ARG A 92 -6.70 5.40 -4.43
N THR A 93 -6.77 4.31 -5.16
CA THR A 93 -7.26 3.07 -4.62
C THR A 93 -6.25 1.93 -4.83
N PHE A 94 -5.89 1.26 -3.74
CA PHE A 94 -5.00 0.11 -3.77
C PHE A 94 -5.72 -1.10 -3.22
N TYR A 95 -5.63 -2.20 -3.91
CA TYR A 95 -6.18 -3.45 -3.42
C TYR A 95 -5.03 -4.30 -2.97
N VAL A 96 -4.98 -4.58 -1.69
CA VAL A 96 -3.86 -5.30 -1.14
C VAL A 96 -4.23 -6.74 -0.83
N ILE A 97 -3.25 -7.59 -0.94
CA ILE A 97 -3.39 -8.97 -0.58
C ILE A 97 -2.08 -9.42 0.08
N ILE A 98 -2.20 -10.14 1.16
CA ILE A 98 -1.09 -10.61 1.87
C ILE A 98 -0.74 -12.00 1.42
N TYR A 99 0.52 -12.28 1.32
CA TYR A 99 0.96 -13.61 1.00
C TYR A 99 0.95 -14.42 2.26
N GLY A 100 0.08 -15.36 2.30
CA GLY A 100 -0.08 -16.19 3.43
C GLY A 100 -1.46 -16.75 3.44
N HIS A 101 -2.25 -16.33 4.43
CA HIS A 101 -3.64 -16.78 4.58
C HIS A 101 -3.68 -18.31 4.69
N ASN A 102 -3.45 -18.80 5.86
CA ASN A 102 -3.35 -20.23 6.14
C ASN A 102 -3.34 -20.40 7.63
N MET A 103 -2.50 -19.60 8.26
CA MET A 103 -2.47 -19.50 9.70
C MET A 103 -2.81 -18.06 10.05
N CYS A 104 -4.04 -17.71 9.77
CA CYS A 104 -4.54 -16.39 10.01
C CYS A 104 -6.02 -16.51 10.34
N MET A 3 1.05 10.99 -18.19
CA MET A 3 0.12 9.85 -18.28
C MET A 3 0.48 8.81 -17.24
N ALA A 4 -0.50 8.31 -16.52
CA ALA A 4 -0.28 7.29 -15.51
C ALA A 4 -1.37 6.23 -15.57
N ASP A 5 -1.40 5.47 -16.64
CA ASP A 5 -2.41 4.44 -16.84
C ASP A 5 -1.85 3.22 -17.51
N THR A 6 -2.54 2.12 -17.31
CA THR A 6 -2.18 0.84 -17.90
C THR A 6 -3.44 -0.04 -17.94
N GLY A 7 -4.16 -0.02 -16.84
CA GLY A 7 -5.36 -0.79 -16.70
C GLY A 7 -5.42 -1.36 -15.32
N GLU A 8 -5.88 -2.59 -15.20
CA GLU A 8 -5.88 -3.26 -13.92
C GLU A 8 -4.47 -3.72 -13.66
N VAL A 9 -3.82 -3.02 -12.77
CA VAL A 9 -2.47 -3.31 -12.41
C VAL A 9 -2.31 -3.40 -10.93
N GLN A 10 -1.54 -4.35 -10.52
CA GLN A 10 -1.23 -4.54 -9.16
C GLN A 10 0.25 -4.84 -9.06
N PHE A 11 0.86 -4.38 -8.02
CA PHE A 11 2.30 -4.51 -7.88
C PHE A 11 2.67 -4.95 -6.48
N MET A 12 3.76 -5.69 -6.36
CA MET A 12 4.22 -6.22 -5.08
C MET A 12 5.38 -5.39 -4.60
N LYS A 13 5.61 -5.41 -3.32
CA LYS A 13 6.66 -4.61 -2.74
C LYS A 13 7.14 -5.25 -1.44
N PRO A 14 8.45 -5.16 -1.13
CA PRO A 14 9.01 -5.72 0.11
C PRO A 14 8.70 -4.86 1.32
N PHE A 15 8.29 -5.50 2.39
CA PHE A 15 7.97 -4.84 3.63
C PHE A 15 9.00 -5.07 4.69
N ILE A 16 9.28 -4.04 5.43
CA ILE A 16 10.17 -4.12 6.55
C ILE A 16 9.33 -3.70 7.73
N SER A 17 9.07 -4.61 8.65
CA SER A 17 8.15 -4.37 9.76
C SER A 17 8.59 -3.15 10.60
N GLU A 18 9.89 -2.93 10.66
CA GLU A 18 10.47 -1.83 11.41
C GLU A 18 9.96 -0.48 10.87
N LYS A 19 9.93 -0.33 9.54
CA LYS A 19 9.49 0.91 8.96
C LYS A 19 7.99 0.88 8.75
N SER A 20 7.51 -0.27 8.31
CA SER A 20 6.11 -0.46 8.00
C SER A 20 5.24 -0.58 9.25
N SER A 21 5.85 -0.42 10.41
CA SER A 21 5.10 -0.34 11.64
C SER A 21 4.40 1.04 11.70
N LYS A 22 4.89 1.98 10.87
CA LYS A 22 4.36 3.32 10.83
C LYS A 22 4.16 3.82 9.40
N SER A 23 5.05 3.45 8.50
CA SER A 23 4.98 3.95 7.13
C SER A 23 5.41 2.89 6.11
N LEU A 24 4.76 2.88 4.99
CA LEU A 24 5.03 1.95 3.93
C LEU A 24 5.90 2.64 2.89
N GLU A 25 7.09 2.10 2.62
CA GLU A 25 7.96 2.66 1.60
C GLU A 25 7.62 2.09 0.23
N ILE A 26 7.39 2.96 -0.71
CA ILE A 26 7.10 2.54 -2.06
C ILE A 26 8.38 2.60 -2.89
N PRO A 27 8.69 1.55 -3.68
CA PRO A 27 9.90 1.51 -4.51
C PRO A 27 9.83 2.57 -5.62
N LEU A 28 10.98 3.09 -5.99
CA LEU A 28 11.04 4.14 -7.01
C LEU A 28 10.60 3.66 -8.38
N GLY A 29 10.67 2.34 -8.61
CA GLY A 29 10.20 1.77 -9.87
C GLY A 29 8.72 2.00 -10.10
N PHE A 30 8.00 2.25 -9.02
CA PHE A 30 6.59 2.59 -9.06
C PHE A 30 6.45 4.04 -9.52
N ASN A 31 7.17 4.93 -8.85
CA ASN A 31 7.10 6.35 -9.13
C ASN A 31 7.69 6.69 -10.49
N GLU A 32 8.72 5.98 -10.87
CA GLU A 32 9.38 6.17 -12.15
C GLU A 32 8.44 5.69 -13.26
N TYR A 33 7.56 4.78 -12.91
CA TYR A 33 6.63 4.23 -13.86
C TYR A 33 5.40 5.12 -13.96
N PHE A 34 5.06 5.83 -12.86
CA PHE A 34 3.94 6.77 -12.86
C PHE A 34 3.86 7.60 -11.56
N PRO A 35 4.06 8.92 -11.64
CA PRO A 35 3.78 9.79 -10.54
C PRO A 35 2.30 10.17 -10.57
N ALA A 36 1.76 10.43 -9.42
CA ALA A 36 0.38 10.77 -9.30
C ALA A 36 0.25 11.88 -8.29
N PRO A 37 -0.78 12.74 -8.40
CA PRO A 37 -1.03 13.76 -7.39
C PRO A 37 -1.29 13.08 -6.07
N PHE A 38 -0.62 13.51 -5.05
CA PHE A 38 -0.66 12.86 -3.79
C PHE A 38 -1.99 12.99 -3.07
N PRO A 39 -2.68 11.87 -2.91
CA PRO A 39 -3.94 11.81 -2.20
C PRO A 39 -3.71 11.83 -0.71
N ILE A 40 -4.49 12.59 0.00
CA ILE A 40 -4.32 12.65 1.43
C ILE A 40 -4.75 11.36 2.08
N THR A 41 -5.89 10.84 1.70
CA THR A 41 -6.26 9.57 2.22
C THR A 41 -6.52 8.58 1.09
N VAL A 42 -6.26 7.36 1.37
CA VAL A 42 -6.46 6.25 0.48
C VAL A 42 -7.12 5.17 1.28
N ASP A 43 -8.01 4.44 0.70
CA ASP A 43 -8.69 3.43 1.44
C ASP A 43 -8.35 2.07 0.88
N LEU A 44 -8.00 1.17 1.76
CA LEU A 44 -7.60 -0.16 1.40
C LEU A 44 -8.68 -1.11 1.84
N LEU A 45 -9.12 -1.95 0.95
CA LEU A 45 -10.18 -2.88 1.27
C LEU A 45 -9.67 -4.27 1.56
N ASP A 46 -10.42 -4.97 2.37
CA ASP A 46 -10.16 -6.34 2.79
C ASP A 46 -11.21 -7.27 2.20
N TYR A 47 -10.93 -8.56 2.27
CA TYR A 47 -11.75 -9.60 1.69
C TYR A 47 -13.00 -9.84 2.54
N SER A 48 -12.79 -10.01 3.84
CA SER A 48 -13.84 -10.41 4.75
C SER A 48 -14.74 -9.24 5.17
N GLY A 49 -14.14 -8.15 5.62
CA GLY A 49 -14.96 -7.06 6.07
C GLY A 49 -14.21 -5.80 6.43
N ARG A 50 -12.90 -5.89 6.51
CA ARG A 50 -12.10 -4.74 6.87
C ARG A 50 -11.97 -3.71 5.75
N SER A 51 -11.67 -2.53 6.17
CA SER A 51 -11.38 -1.42 5.34
C SER A 51 -10.42 -0.54 6.14
N TRP A 52 -9.39 -0.05 5.52
CA TRP A 52 -8.41 0.75 6.23
C TRP A 52 -8.13 2.05 5.50
N THR A 53 -8.10 3.13 6.24
CA THR A 53 -7.78 4.40 5.68
C THR A 53 -6.31 4.72 5.95
N VAL A 54 -5.56 4.89 4.89
CA VAL A 54 -4.15 5.17 4.97
C VAL A 54 -3.86 6.53 4.34
N ARG A 55 -2.78 7.15 4.75
CA ARG A 55 -2.39 8.42 4.20
C ARG A 55 -1.24 8.22 3.23
N MET A 56 -1.30 8.85 2.10
CA MET A 56 -0.26 8.75 1.11
C MET A 56 0.36 10.12 0.91
N LYS A 57 1.64 10.17 0.64
CA LYS A 57 2.27 11.45 0.48
C LYS A 57 3.42 11.37 -0.53
N LYS A 58 3.43 12.31 -1.47
CA LYS A 58 4.53 12.44 -2.41
C LYS A 58 5.21 13.72 -2.17
N ARG A 59 6.36 13.58 -1.69
CA ARG A 59 7.20 14.67 -1.34
C ARG A 59 8.57 14.24 -1.75
N GLY A 60 9.02 14.78 -2.83
CA GLY A 60 10.24 14.36 -3.42
C GLY A 60 9.95 13.40 -4.54
N GLU A 61 10.89 12.59 -4.90
CA GLU A 61 10.71 11.66 -5.98
C GLU A 61 10.27 10.30 -5.40
N LYS A 62 10.08 10.26 -4.11
CA LYS A 62 9.69 9.05 -3.45
C LYS A 62 8.29 9.25 -2.91
N VAL A 63 7.60 8.16 -2.70
CA VAL A 63 6.26 8.20 -2.15
C VAL A 63 6.15 7.23 -0.99
N PHE A 64 5.46 7.65 0.04
CA PHE A 64 5.32 6.83 1.23
C PHE A 64 3.90 6.87 1.71
N LEU A 65 3.46 5.80 2.30
CA LEU A 65 2.18 5.77 2.96
C LEU A 65 2.44 5.91 4.44
N THR A 66 2.07 7.03 4.96
CA THR A 66 2.37 7.38 6.32
C THR A 66 1.26 6.91 7.30
N VAL A 67 0.99 7.72 8.33
CA VAL A 67 0.06 7.39 9.39
C VAL A 67 -1.29 7.06 8.80
N GLY A 68 -1.81 5.95 9.18
CA GLY A 68 -2.96 5.41 8.57
C GLY A 68 -2.67 4.01 8.19
N TRP A 69 -1.44 3.81 7.74
CA TRP A 69 -0.94 2.50 7.43
C TRP A 69 -0.85 1.68 8.70
N GLU A 70 -0.69 2.39 9.81
CA GLU A 70 -0.55 1.76 11.10
C GLU A 70 -1.78 0.91 11.39
N ASN A 71 -2.94 1.41 10.96
CA ASN A 71 -4.23 0.76 11.15
C ASN A 71 -4.22 -0.62 10.53
N PHE A 72 -3.60 -0.72 9.39
CA PHE A 72 -3.52 -1.92 8.62
C PHE A 72 -2.55 -2.86 9.28
N VAL A 73 -1.36 -2.33 9.59
CA VAL A 73 -0.29 -3.14 10.13
C VAL A 73 -0.68 -3.73 11.46
N LYS A 74 -1.23 -2.90 12.33
CA LYS A 74 -1.65 -3.36 13.63
C LYS A 74 -2.90 -4.22 13.57
N ASP A 75 -3.82 -3.93 12.63
CA ASP A 75 -5.06 -4.72 12.58
C ASP A 75 -4.87 -6.08 11.93
N ASN A 76 -4.11 -6.14 10.86
CA ASN A 76 -3.91 -7.41 10.18
C ASN A 76 -2.72 -8.14 10.80
N ASN A 77 -1.89 -7.36 11.49
CA ASN A 77 -0.65 -7.82 12.15
C ASN A 77 0.31 -8.48 11.18
N LEU A 78 1.27 -7.72 10.68
CA LEU A 78 2.22 -8.28 9.74
C LEU A 78 3.63 -7.79 9.99
N GLU A 79 4.55 -8.59 9.54
CA GLU A 79 5.95 -8.32 9.64
C GLU A 79 6.64 -8.70 8.35
N ASP A 80 7.90 -8.35 8.25
CA ASP A 80 8.71 -8.64 7.08
C ASP A 80 8.80 -10.14 6.84
N GLY A 81 8.75 -10.54 5.60
CA GLY A 81 8.76 -11.95 5.26
C GLY A 81 7.50 -12.32 4.53
N LYS A 82 6.62 -11.36 4.45
CA LYS A 82 5.35 -11.49 3.79
C LYS A 82 5.29 -10.45 2.70
N TYR A 83 4.54 -10.69 1.66
CA TYR A 83 4.51 -9.81 0.53
C TYR A 83 3.11 -9.54 0.15
N LEU A 84 2.85 -8.34 -0.19
CA LEU A 84 1.55 -7.95 -0.55
C LEU A 84 1.56 -7.07 -1.78
N GLN A 85 0.54 -7.24 -2.58
CA GLN A 85 0.35 -6.50 -3.77
C GLN A 85 -0.81 -5.60 -3.59
N PHE A 86 -0.73 -4.47 -4.16
CA PHE A 86 -1.80 -3.53 -4.12
C PHE A 86 -2.35 -3.40 -5.50
N ILE A 87 -3.63 -3.48 -5.60
CA ILE A 87 -4.30 -3.39 -6.87
C ILE A 87 -4.73 -1.97 -7.03
N TYR A 88 -4.28 -1.36 -8.07
CA TYR A 88 -4.55 0.02 -8.27
C TYR A 88 -5.59 0.14 -9.37
N ASP A 89 -6.70 0.79 -9.07
CA ASP A 89 -7.77 0.95 -10.04
C ASP A 89 -7.77 2.37 -10.59
N ARG A 90 -6.66 3.07 -10.33
CA ARG A 90 -6.52 4.50 -10.65
C ARG A 90 -7.56 5.28 -9.88
N ASP A 91 -7.33 5.39 -8.59
CA ASP A 91 -8.22 6.02 -7.68
C ASP A 91 -7.50 6.01 -6.35
N ARG A 92 -8.17 6.38 -5.32
CA ARG A 92 -7.60 6.42 -4.00
C ARG A 92 -8.17 5.26 -3.21
N THR A 93 -8.54 4.24 -3.93
CA THR A 93 -9.11 3.05 -3.38
C THR A 93 -8.31 1.88 -3.91
N PHE A 94 -7.66 1.13 -3.04
CA PHE A 94 -6.85 0.02 -3.47
C PHE A 94 -7.26 -1.25 -2.79
N TYR A 95 -6.98 -2.34 -3.43
CA TYR A 95 -7.27 -3.64 -2.88
C TYR A 95 -5.97 -4.35 -2.62
N VAL A 96 -5.83 -4.97 -1.48
CA VAL A 96 -4.58 -5.59 -1.11
C VAL A 96 -4.62 -7.11 -1.24
N ILE A 97 -3.62 -7.67 -1.90
CA ILE A 97 -3.45 -9.09 -2.03
C ILE A 97 -2.20 -9.46 -1.25
N ILE A 98 -2.34 -10.23 -0.21
CA ILE A 98 -1.23 -10.52 0.68
C ILE A 98 -0.89 -12.00 0.73
N TYR A 99 0.39 -12.28 0.71
CA TYR A 99 0.92 -13.60 0.89
C TYR A 99 1.36 -13.68 2.34
N GLY A 100 1.04 -14.74 2.99
CA GLY A 100 1.37 -14.86 4.38
C GLY A 100 0.15 -14.72 5.23
N HIS A 101 -0.98 -14.48 4.58
CA HIS A 101 -2.24 -14.41 5.28
C HIS A 101 -2.76 -15.83 5.38
N ASN A 102 -2.63 -16.39 6.53
CA ASN A 102 -2.89 -17.78 6.74
C ASN A 102 -4.31 -18.06 7.09
N MET A 103 -4.84 -19.09 6.47
CA MET A 103 -6.18 -19.57 6.76
C MET A 103 -6.15 -20.34 8.07
N CYS A 104 -5.02 -20.94 8.35
CA CYS A 104 -4.77 -21.68 9.54
C CYS A 104 -3.27 -21.61 9.81
#